data_7WIJ
#
_entry.id   7WIJ
#
_cell.length_a   1.00
_cell.length_b   1.00
_cell.length_c   1.00
_cell.angle_alpha   90.00
_cell.angle_beta   90.00
_cell.angle_gamma   90.00
#
_symmetry.space_group_name_H-M   'P 1'
#
_entity_poly.entity_id   1
_entity_poly.type   'polypeptide(L)'
_entity_poly.pdbx_seq_one_letter_code
;MGSSHHHHHHSSGLVPRGSHMCNTKCYNTLAKMTVITEPAMEYMYSVPLDESEYDKCGFCQDPRYRPRRHKDQHLARAGS
AKAKELCEALIGVYPRPTCESAVGHSIALVMPECMPGRVEAMGEFMESIFYMDNIAESGSQQDTGNLGTEWANDMETGPT
TSVNSNTGAKQVMAKLALQLLSIDPVCAGNVMKAWKEWAAGFAKPRRFDSIEQYIDYRLVDSGAIVAVHLMNFGMGLDIS
VEELREVSDIVNHAGKALSYQNDFFSFNYEHDMFVKLPDSIGIANAVFVLAETEGLSLAEAKERVKELAKEHEDAVLRLK
DEVESKVSYKLRICLEGLVDMVVGNLVWSASCDRYSSYRREKHQMELPIRIQGPPTPPQEPVYEKATLPNGKQLDAPTES
SGKDLSDGVATLSGDEPVLGDEIVSAPIKYLESLPSKGFREAIIDGMNGWLNLPARSVSIIKDVVKHIHTASLLCDDIED
SSPLRRGQPSAHIIFGVSQTVNSTSYLWTLAIDRLSELSSPKSLRIFIDEVRKMQIGQSFDLHWTAALQCPSEEEYLSMI
DMKTGGLFHLLIRLMIAESPRKVDMDFSGLVSMTGRYFQIRDDLSNLTSEEYENQKGYCEDLDEGKYSLPLIHALKHTKN
KVQLESLLIQRKTQGGMTLEMKRLAIQIMKEAGSLEHTRKVVLELQDAVHRELAKLEEAFGQENYVIQLALERLRIKA
;
_entity_poly.pdbx_strand_id   A,B,C,D,E,F
#
# COMPACT_ATOMS: atom_id res chain seq x y z
N VAL A 418 -15.91 38.60 2.22
CA VAL A 418 -14.56 38.94 2.65
C VAL A 418 -13.85 37.70 3.19
N LEU A 419 -12.72 37.36 2.60
CA LEU A 419 -11.94 36.20 3.00
C LEU A 419 -10.63 36.67 3.64
N GLY A 420 -10.33 36.14 4.82
CA GLY A 420 -9.16 36.55 5.57
C GLY A 420 -8.03 35.54 5.51
N ASP A 421 -6.92 35.92 6.13
CA ASP A 421 -5.71 35.09 6.16
C ASP A 421 -5.64 34.27 7.45
N GLU A 422 -6.67 33.46 7.68
CA GLU A 422 -6.67 32.56 8.83
C GLU A 422 -6.32 31.12 8.47
N ILE A 423 -6.50 30.73 7.21
CA ILE A 423 -6.15 29.38 6.78
C ILE A 423 -4.71 29.34 6.27
N VAL A 424 -4.29 30.35 5.50
CA VAL A 424 -2.96 30.36 4.92
C VAL A 424 -1.89 30.58 6.00
N SER A 425 -2.23 31.29 7.08
CA SER A 425 -1.26 31.62 8.11
C SER A 425 -1.23 30.62 9.25
N ALA A 426 -2.07 29.58 9.23
CA ALA A 426 -2.08 28.62 10.32
C ALA A 426 -0.77 27.85 10.46
N PRO A 427 -0.20 27.24 9.40
CA PRO A 427 1.11 26.59 9.59
C PRO A 427 2.21 27.56 10.00
N ILE A 428 2.15 28.79 9.49
CA ILE A 428 3.14 29.80 9.88
C ILE A 428 3.03 30.10 11.37
N LYS A 429 1.82 30.31 11.87
CA LYS A 429 1.62 30.55 13.29
C LYS A 429 1.84 29.30 14.13
N TYR A 430 1.92 28.12 13.51
CA TYR A 430 2.20 26.90 14.25
C TYR A 430 3.69 26.66 14.41
N LEU A 431 4.47 26.80 13.34
CA LEU A 431 5.91 26.56 13.44
C LEU A 431 6.68 27.76 13.98
N GLU A 432 6.06 28.93 14.11
CA GLU A 432 6.70 30.08 14.72
C GLU A 432 6.47 30.16 16.22
N SER A 433 5.78 29.18 16.80
CA SER A 433 5.56 29.14 18.24
C SER A 433 6.36 28.04 18.93
N LEU A 434 6.91 27.09 18.20
CA LEU A 434 7.72 26.05 18.81
C LEU A 434 9.04 26.64 19.30
N PRO A 435 9.48 26.28 20.50
CA PRO A 435 10.71 26.86 21.04
C PRO A 435 11.94 26.42 20.25
N SER A 436 12.94 27.32 20.21
CA SER A 436 14.19 27.04 19.52
C SER A 436 15.30 27.84 20.18
N LYS A 437 16.53 27.39 19.97
CA LYS A 437 17.71 28.06 20.51
C LYS A 437 18.05 29.23 19.59
N GLY A 438 17.90 30.46 20.08
CA GLY A 438 18.09 31.63 19.26
C GLY A 438 19.53 31.99 18.99
N PHE A 439 20.26 31.10 18.31
CA PHE A 439 21.64 31.39 17.95
C PHE A 439 21.71 32.56 16.97
N ARG A 440 20.85 32.57 15.95
CA ARG A 440 20.79 33.70 15.03
C ARG A 440 20.30 34.95 15.74
N GLU A 441 19.32 34.79 16.65
CA GLU A 441 18.87 35.92 17.47
C GLU A 441 20.01 36.44 18.33
N ALA A 442 20.82 35.53 18.90
CA ALA A 442 21.96 35.95 19.69
C ALA A 442 22.97 36.71 18.85
N ILE A 443 23.22 36.26 17.63
CA ILE A 443 24.16 36.96 16.74
C ILE A 443 23.64 38.34 16.41
N ILE A 444 22.33 38.46 16.14
CA ILE A 444 21.74 39.76 15.86
C ILE A 444 21.90 40.68 17.07
N ASP A 445 21.60 40.18 18.26
CA ASP A 445 21.69 40.98 19.47
C ASP A 445 23.13 41.28 19.85
N GLY A 446 24.09 40.53 19.33
CA GLY A 446 25.48 40.75 19.67
C GLY A 446 26.25 41.57 18.66
N MET A 447 25.75 41.69 17.44
CA MET A 447 26.43 42.49 16.43
C MET A 447 25.99 43.95 16.42
N ASN A 448 24.76 44.25 16.81
CA ASN A 448 24.34 45.64 16.90
C ASN A 448 25.04 46.39 18.03
N GLY A 449 25.71 45.67 18.94
CA GLY A 449 26.56 46.34 19.91
C GLY A 449 27.77 46.99 19.26
N TRP A 450 28.35 46.32 18.27
CA TRP A 450 29.50 46.88 17.57
C TRP A 450 29.11 48.11 16.76
N LEU A 451 28.06 48.02 15.96
CA LEU A 451 27.53 49.15 15.21
C LEU A 451 26.08 49.38 15.64
N ASN A 452 25.81 50.58 16.13
CA ASN A 452 24.53 50.86 16.76
C ASN A 452 23.44 51.05 15.71
N LEU A 453 22.27 50.49 15.98
CA LEU A 453 21.11 50.59 15.11
C LEU A 453 19.87 50.83 15.96
N PRO A 454 18.86 51.49 15.39
CA PRO A 454 17.59 51.64 16.13
C PRO A 454 16.91 50.31 16.37
N ALA A 455 16.07 50.28 17.40
CA ALA A 455 15.40 49.04 17.76
C ALA A 455 14.45 48.56 16.67
N ARG A 456 13.83 49.49 15.94
CA ARG A 456 12.91 49.11 14.87
C ARG A 456 13.63 48.35 13.76
N SER A 457 14.82 48.81 13.37
CA SER A 457 15.59 48.12 12.34
C SER A 457 15.99 46.73 12.80
N VAL A 458 16.39 46.59 14.06
CA VAL A 458 16.78 45.28 14.59
C VAL A 458 15.58 44.34 14.60
N SER A 459 14.41 44.85 15.00
CA SER A 459 13.21 44.02 14.99
C SER A 459 12.84 43.59 13.57
N ILE A 460 12.95 44.51 12.61
CA ILE A 460 12.64 44.16 11.22
C ILE A 460 13.59 43.08 10.71
N ILE A 461 14.88 43.22 11.00
CA ILE A 461 15.86 42.24 10.55
C ILE A 461 15.59 40.89 11.20
N LYS A 462 15.26 40.88 12.49
CA LYS A 462 14.92 39.63 13.17
C LYS A 462 13.71 38.97 12.53
N ASP A 463 12.68 39.75 12.21
CA ASP A 463 11.49 39.19 11.58
C ASP A 463 11.81 38.61 10.21
N VAL A 464 12.62 39.32 9.42
CA VAL A 464 12.98 38.84 8.09
C VAL A 464 13.75 37.53 8.19
N VAL A 465 14.73 37.47 9.10
CA VAL A 465 15.52 36.26 9.26
C VAL A 465 14.65 35.10 9.72
N LYS A 466 13.74 35.36 10.67
CA LYS A 466 12.85 34.31 11.14
C LYS A 466 11.95 33.79 10.03
N HIS A 467 11.42 34.70 9.20
CA HIS A 467 10.58 34.27 8.10
C HIS A 467 11.36 33.43 7.09
N ILE A 468 12.59 33.84 6.78
CA ILE A 468 13.40 33.08 5.82
C ILE A 468 13.69 31.69 6.38
N HIS A 469 14.07 31.61 7.65
CA HIS A 469 14.38 30.31 8.25
C HIS A 469 13.15 29.42 8.29
N THR A 470 12.00 29.98 8.67
CA THR A 470 10.76 29.19 8.71
C THR A 470 10.40 28.67 7.33
N ALA A 471 10.51 29.53 6.30
CA ALA A 471 10.25 29.07 4.94
C ALA A 471 11.22 27.96 4.54
N SER A 472 12.46 28.04 5.01
CA SER A 472 13.41 26.96 4.75
C SER A 472 12.96 25.66 5.43
N LEU A 473 12.43 25.76 6.64
CA LEU A 473 11.93 24.57 7.33
C LEU A 473 10.76 23.93 6.58
N LEU A 474 9.75 24.72 6.23
CA LEU A 474 8.59 24.22 5.50
C LEU A 474 9.00 23.62 4.15
N PRO A 489 5.09 17.23 16.13
CA PRO A 489 4.81 16.70 14.79
C PRO A 489 5.09 17.73 13.69
N SER A 490 5.37 17.25 12.49
CA SER A 490 5.66 18.13 11.37
C SER A 490 4.41 18.92 10.96
N ALA A 491 4.63 20.15 10.49
CA ALA A 491 3.52 21.00 10.10
C ALA A 491 2.77 20.44 8.90
N HIS A 492 3.50 19.81 7.97
CA HIS A 492 2.83 19.22 6.81
C HIS A 492 2.06 17.96 7.17
N ILE A 493 2.35 17.35 8.33
CA ILE A 493 1.52 16.25 8.80
C ILE A 493 0.16 16.77 9.27
N ILE A 494 0.16 17.87 10.02
CA ILE A 494 -1.09 18.42 10.56
C ILE A 494 -1.90 19.12 9.48
N PHE A 495 -1.25 19.83 8.57
CA PHE A 495 -1.94 20.70 7.62
C PHE A 495 -1.92 20.21 6.19
N GLY A 496 -1.24 19.10 5.90
CA GLY A 496 -1.16 18.61 4.55
C GLY A 496 0.01 19.22 3.78
N VAL A 497 0.10 18.83 2.51
CA VAL A 497 1.23 19.24 1.67
C VAL A 497 0.92 20.54 0.92
N SER A 498 -0.23 20.61 0.26
CA SER A 498 -0.55 21.79 -0.55
C SER A 498 -0.66 23.04 0.32
N GLN A 499 -1.31 22.92 1.48
CA GLN A 499 -1.42 24.06 2.38
C GLN A 499 -0.05 24.51 2.86
N THR A 500 0.87 23.55 3.08
CA THR A 500 2.21 23.91 3.51
C THR A 500 2.96 24.69 2.43
N VAL A 501 2.81 24.29 1.16
CA VAL A 501 3.45 25.02 0.07
C VAL A 501 2.86 26.42 -0.06
N ASN A 502 1.53 26.53 0.04
CA ASN A 502 0.91 27.84 -0.05
C ASN A 502 1.36 28.75 1.10
N SER A 503 1.49 28.18 2.29
CA SER A 503 1.98 28.95 3.43
C SER A 503 3.45 29.33 3.26
N THR A 504 4.24 28.49 2.59
CA THR A 504 5.62 28.86 2.28
C THR A 504 5.68 30.07 1.36
N SER A 505 4.84 30.07 0.32
CA SER A 505 4.77 31.24 -0.56
C SER A 505 4.31 32.47 0.20
N TYR A 506 3.34 32.31 1.11
CA TYR A 506 2.89 33.42 1.94
C TYR A 506 4.02 33.93 2.84
N LEU A 507 4.86 33.02 3.33
CA LEU A 507 6.01 33.42 4.13
C LEU A 507 7.00 34.24 3.32
N TRP A 508 7.25 33.83 2.07
CA TRP A 508 8.10 34.63 1.20
C TRP A 508 7.53 36.03 1.01
N THR A 509 6.22 36.12 0.77
CA THR A 509 5.60 37.43 0.59
C THR A 509 5.70 38.27 1.86
N LEU A 510 5.49 37.65 3.02
CA LEU A 510 5.60 38.38 4.29
C LEU A 510 7.02 38.88 4.51
N ALA A 511 8.01 38.06 4.21
CA ALA A 511 9.39 38.46 4.39
C ALA A 511 9.75 39.64 3.49
N ILE A 512 9.33 39.59 2.22
CA ILE A 512 9.64 40.69 1.32
C ILE A 512 8.88 41.96 1.73
N ASP A 513 7.66 41.81 2.22
CA ASP A 513 6.90 42.98 2.68
C ASP A 513 7.57 43.62 3.89
N ARG A 514 8.02 42.80 4.84
CA ARG A 514 8.72 43.33 6.00
C ARG A 514 10.03 44.00 5.60
N LEU A 515 10.75 43.40 4.65
CA LEU A 515 11.99 44.00 4.16
C LEU A 515 11.73 45.33 3.46
N SER A 516 10.56 45.50 2.86
CA SER A 516 10.26 46.73 2.12
C SER A 516 10.26 47.97 3.00
N GLU A 517 10.18 47.81 4.32
CA GLU A 517 10.12 48.95 5.23
C GLU A 517 11.50 49.47 5.64
N LEU A 518 12.57 48.81 5.21
CA LEU A 518 13.91 49.24 5.59
C LEU A 518 14.29 50.53 4.86
N SER A 519 15.14 51.33 5.51
CA SER A 519 15.56 52.62 4.94
C SER A 519 16.56 52.46 3.82
N SER A 520 17.41 51.44 3.88
CA SER A 520 18.46 51.29 2.87
C SER A 520 17.84 50.98 1.51
N PRO A 521 18.42 51.49 0.41
CA PRO A 521 17.87 51.24 -0.92
C PRO A 521 18.41 50.01 -1.62
N LYS A 522 19.47 49.38 -1.10
CA LYS A 522 20.04 48.19 -1.71
C LYS A 522 19.70 46.92 -0.93
N SER A 523 18.65 46.95 -0.11
CA SER A 523 18.27 45.76 0.65
C SER A 523 17.70 44.68 -0.26
N LEU A 524 16.98 45.08 -1.31
CA LEU A 524 16.34 44.10 -2.19
C LEU A 524 17.36 43.23 -2.90
N ARG A 525 18.44 43.84 -3.41
CA ARG A 525 19.47 43.07 -4.11
C ARG A 525 20.15 42.07 -3.19
N ILE A 526 20.51 42.50 -1.98
CA ILE A 526 21.12 41.61 -1.00
C ILE A 526 20.18 40.45 -0.70
N PHE A 527 18.91 40.77 -0.43
CA PHE A 527 17.94 39.75 -0.10
C PHE A 527 17.82 38.72 -1.21
N ILE A 528 17.66 39.19 -2.45
CA ILE A 528 17.38 38.26 -3.54
C ILE A 528 18.61 37.41 -3.87
N ASP A 529 19.81 37.99 -3.84
CA ASP A 529 20.97 37.18 -4.20
C ASP A 529 21.32 36.18 -3.09
N GLU A 530 21.17 36.57 -1.82
CA GLU A 530 21.41 35.61 -0.75
C GLU A 530 20.37 34.48 -0.76
N VAL A 531 19.10 34.81 -1.01
CA VAL A 531 18.08 33.78 -1.09
C VAL A 531 18.34 32.86 -2.28
N ARG A 532 18.83 33.42 -3.38
CA ARG A 532 19.20 32.61 -4.55
C ARG A 532 20.29 31.62 -4.19
N LYS A 533 21.32 32.08 -3.47
CA LYS A 533 22.39 31.17 -3.04
C LYS A 533 21.85 30.07 -2.13
N MET A 534 20.98 30.43 -1.19
CA MET A 534 20.40 29.44 -0.29
C MET A 534 19.62 28.38 -1.06
N GLN A 535 18.83 28.81 -2.04
CA GLN A 535 18.02 27.88 -2.82
C GLN A 535 18.90 26.96 -3.67
N ILE A 536 19.97 27.49 -4.26
CA ILE A 536 20.88 26.65 -5.02
C ILE A 536 21.52 25.59 -4.13
N GLY A 537 21.98 25.99 -2.96
CA GLY A 537 22.58 25.03 -2.04
C GLY A 537 21.59 23.95 -1.61
N GLN A 538 20.34 24.35 -1.31
CA GLN A 538 19.33 23.38 -0.92
C GLN A 538 19.03 22.42 -2.07
N SER A 539 18.99 22.93 -3.31
CA SER A 539 18.74 22.06 -4.45
C SER A 539 19.83 21.02 -4.60
N PHE A 540 21.08 21.43 -4.47
CA PHE A 540 22.17 20.45 -4.58
C PHE A 540 22.12 19.43 -3.44
N ASP A 541 21.80 19.89 -2.23
CA ASP A 541 21.68 18.97 -1.10
C ASP A 541 20.59 17.94 -1.35
N LEU A 542 19.45 18.37 -1.88
CA LEU A 542 18.37 17.41 -2.19
C LEU A 542 18.78 16.45 -3.29
N HIS A 543 19.44 16.96 -4.34
CA HIS A 543 19.77 16.12 -5.48
C HIS A 543 20.80 15.04 -5.11
N TRP A 544 21.78 15.39 -4.29
CA TRP A 544 22.78 14.38 -3.91
C TRP A 544 22.13 13.22 -3.18
N THR A 545 21.20 13.50 -2.27
CA THR A 545 20.51 12.44 -1.56
C THR A 545 19.59 11.64 -2.48
N ALA A 546 18.89 12.34 -3.39
CA ALA A 546 17.94 11.63 -4.26
C ALA A 546 18.66 10.72 -5.24
N ALA A 547 19.77 11.17 -5.82
CA ALA A 547 20.45 10.42 -6.87
C ALA A 547 21.43 9.38 -6.31
N LEU A 548 21.58 9.30 -5.00
CA LEU A 548 22.47 8.32 -4.36
C LEU A 548 23.92 8.46 -4.84
N GLN A 549 24.37 9.70 -5.03
CA GLN A 549 25.74 9.99 -5.40
C GLN A 549 26.42 10.74 -4.27
N CYS A 550 27.52 10.19 -3.78
CA CYS A 550 28.23 10.78 -2.65
C CYS A 550 29.11 11.93 -3.12
N PRO A 551 28.96 13.12 -2.58
CA PRO A 551 29.86 14.22 -2.93
C PRO A 551 31.21 14.08 -2.24
N SER A 552 32.19 14.81 -2.78
CA SER A 552 33.48 14.90 -2.13
C SER A 552 33.39 15.81 -0.91
N GLU A 553 34.44 15.78 -0.08
CA GLU A 553 34.45 16.62 1.12
C GLU A 553 34.45 18.10 0.76
N GLU A 554 35.25 18.48 -0.25
CA GLU A 554 35.30 19.89 -0.65
C GLU A 554 33.97 20.35 -1.23
N GLU A 555 33.33 19.52 -2.05
CA GLU A 555 32.06 19.89 -2.65
C GLU A 555 30.96 19.98 -1.58
N TYR A 556 30.98 19.06 -0.62
CA TYR A 556 30.02 19.12 0.48
C TYR A 556 30.24 20.36 1.33
N LEU A 557 31.51 20.73 1.57
CA LEU A 557 31.81 21.93 2.33
C LEU A 557 31.33 23.18 1.59
N SER A 558 31.52 23.23 0.28
CA SER A 558 31.01 24.36 -0.50
C SER A 558 29.48 24.43 -0.44
N MET A 559 28.82 23.28 -0.56
CA MET A 559 27.36 23.26 -0.50
C MET A 559 26.84 23.74 0.84
N ILE A 560 27.45 23.27 1.93
CA ILE A 560 26.98 23.71 3.24
C ILE A 560 27.33 25.18 3.45
N ASP A 561 28.46 25.64 2.93
CA ASP A 561 28.77 27.07 2.97
C ASP A 561 27.62 27.87 2.38
N MET A 562 27.28 27.60 1.11
CA MET A 562 26.16 28.31 0.51
C MET A 562 24.89 28.19 1.36
N LYS A 563 24.44 26.95 1.57
CA LYS A 563 23.12 26.71 2.14
C LYS A 563 22.97 27.32 3.54
N THR A 564 23.98 27.18 4.39
CA THR A 564 23.89 27.64 5.77
C THR A 564 24.31 29.11 5.92
N GLY A 565 25.45 29.49 5.36
CA GLY A 565 25.92 30.84 5.52
C GLY A 565 25.21 31.88 4.67
N GLY A 566 24.32 31.46 3.75
CA GLY A 566 23.52 32.44 3.04
C GLY A 566 22.70 33.29 3.99
N LEU A 567 22.01 32.64 4.94
CA LEU A 567 21.24 33.38 5.94
C LEU A 567 22.16 34.22 6.83
N PHE A 568 23.30 33.66 7.22
CA PHE A 568 24.20 34.36 8.15
C PHE A 568 24.71 35.66 7.53
N HIS A 569 25.23 35.59 6.31
CA HIS A 569 25.76 36.82 5.75
C HIS A 569 24.71 37.68 5.05
N LEU A 570 23.50 37.15 4.80
CA LEU A 570 22.37 38.04 4.55
C LEU A 570 22.10 38.91 5.77
N LEU A 571 22.08 38.29 6.95
CA LEU A 571 21.93 39.01 8.20
C LEU A 571 23.03 40.05 8.36
N ILE A 572 24.28 39.66 8.10
CA ILE A 572 25.41 40.58 8.26
C ILE A 572 25.28 41.75 7.31
N ARG A 573 25.01 41.48 6.03
CA ARG A 573 24.91 42.55 5.04
C ARG A 573 23.74 43.48 5.34
N LEU A 574 22.60 42.93 5.76
CA LEU A 574 21.46 43.77 6.09
C LEU A 574 21.77 44.68 7.28
N MET A 575 22.49 44.16 8.28
CA MET A 575 22.81 45.01 9.43
C MET A 575 23.86 46.07 9.07
N ILE A 576 24.82 45.73 8.21
CA ILE A 576 25.83 46.72 7.82
C ILE A 576 25.22 47.81 6.96
N ALA A 577 24.35 47.44 6.01
CA ALA A 577 23.77 48.43 5.11
C ALA A 577 22.91 49.44 5.86
N GLU A 578 22.11 48.97 6.81
CA GLU A 578 21.24 49.84 7.58
C GLU A 578 22.02 50.59 8.66
N MET A 585 35.65 46.32 7.65
CA MET A 585 35.99 44.96 8.08
C MET A 585 35.45 43.93 7.10
N ASP A 586 35.97 42.70 7.20
CA ASP A 586 35.55 41.60 6.35
C ASP A 586 34.93 40.52 7.23
N PHE A 587 33.75 40.04 6.83
CA PHE A 587 33.00 39.07 7.61
C PHE A 587 32.87 37.70 6.93
N SER A 588 33.44 37.53 5.73
CA SER A 588 33.25 36.29 5.00
C SER A 588 33.85 35.09 5.73
N GLY A 589 35.07 35.25 6.26
CA GLY A 589 35.71 34.15 6.94
C GLY A 589 34.97 33.72 8.19
N LEU A 590 34.54 34.69 9.00
CA LEU A 590 33.80 34.36 10.21
C LEU A 590 32.49 33.66 9.89
N VAL A 591 31.78 34.13 8.86
CA VAL A 591 30.52 33.50 8.48
C VAL A 591 30.75 32.08 8.01
N SER A 592 31.77 31.86 7.16
CA SER A 592 32.05 30.53 6.67
C SER A 592 32.40 29.57 7.81
N MET A 593 33.28 30.00 8.71
CA MET A 593 33.69 29.15 9.82
C MET A 593 32.51 28.86 10.75
N THR A 594 31.68 29.86 11.03
CA THR A 594 30.53 29.65 11.90
C THR A 594 29.54 28.68 11.27
N GLY A 595 29.26 28.83 9.98
CA GLY A 595 28.34 27.91 9.33
C GLY A 595 28.84 26.48 9.34
N ARG A 596 30.11 26.28 8.99
CA ARG A 596 30.68 24.94 9.00
C ARG A 596 30.67 24.35 10.40
N TYR A 597 31.08 25.13 11.39
CA TYR A 597 31.09 24.64 12.77
C TYR A 597 29.70 24.21 13.21
N PHE A 598 28.70 25.06 12.93
CA PHE A 598 27.33 24.74 13.29
C PHE A 598 26.87 23.45 12.63
N GLN A 599 27.13 23.31 11.33
CA GLN A 599 26.61 22.15 10.60
C GLN A 599 27.25 20.85 11.07
N ILE A 600 28.58 20.79 11.13
CA ILE A 600 29.20 19.52 11.52
C ILE A 600 29.00 19.25 13.01
N ARG A 601 28.88 20.27 13.85
CA ARG A 601 28.52 20.03 15.25
C ARG A 601 27.13 19.42 15.36
N ASP A 602 26.18 19.90 14.56
CA ASP A 602 24.86 19.29 14.53
C ASP A 602 24.94 17.83 14.04
N ASP A 603 25.82 17.57 13.08
CA ASP A 603 26.00 16.20 12.59
C ASP A 603 26.46 15.28 13.72
N LEU A 604 27.46 15.71 14.49
CA LEU A 604 27.89 14.92 15.64
C LEU A 604 26.77 14.77 16.66
N SER A 605 26.03 15.84 16.93
CA SER A 605 24.94 15.74 17.90
C SER A 605 23.90 14.72 17.47
N ASN A 606 23.63 14.64 16.16
CA ASN A 606 22.67 13.67 15.67
C ASN A 606 23.22 12.24 15.72
N LEU A 607 24.48 12.05 15.32
CA LEU A 607 25.00 10.69 15.18
C LEU A 607 25.52 10.12 16.50
N THR A 608 26.49 10.80 17.11
CA THR A 608 27.18 10.25 18.28
C THR A 608 26.21 10.03 19.44
N SER A 609 25.33 10.99 19.70
CA SER A 609 24.38 10.87 20.80
C SER A 609 23.36 9.78 20.51
N LEU A 622 20.33 9.93 9.32
CA LEU A 622 20.56 8.54 8.94
C LEU A 622 19.29 7.93 8.36
N ASP A 623 18.15 8.26 8.96
CA ASP A 623 16.86 7.78 8.47
C ASP A 623 16.33 8.63 7.32
N GLU A 624 16.96 9.77 7.02
CA GLU A 624 16.58 10.59 5.88
C GLU A 624 17.51 10.44 4.69
N GLY A 625 18.67 9.82 4.88
CA GLY A 625 19.59 9.58 3.79
C GLY A 625 20.51 10.73 3.45
N LYS A 626 20.51 11.80 4.24
CA LYS A 626 21.37 12.94 3.97
C LYS A 626 22.84 12.55 4.15
N TYR A 627 23.68 13.03 3.24
CA TYR A 627 25.10 12.73 3.28
C TYR A 627 25.79 13.70 4.24
N SER A 628 26.15 13.22 5.41
CA SER A 628 26.88 14.01 6.39
C SER A 628 28.38 13.86 6.13
N LEU A 629 29.20 14.38 7.03
CA LEU A 629 30.64 14.26 6.90
C LEU A 629 31.13 12.88 7.34
N PRO A 630 30.66 12.33 8.48
CA PRO A 630 31.08 10.96 8.82
C PRO A 630 30.70 9.94 7.77
N LEU A 631 29.52 10.07 7.15
CA LEU A 631 29.12 9.13 6.10
C LEU A 631 30.05 9.24 4.88
N ILE A 632 30.39 10.47 4.49
CA ILE A 632 31.28 10.67 3.36
C ILE A 632 32.65 10.07 3.65
N HIS A 633 33.17 10.29 4.86
CA HIS A 633 34.47 9.72 5.21
C HIS A 633 34.42 8.19 5.25
N ALA A 634 33.34 7.62 5.79
CA ALA A 634 33.24 6.17 5.87
C ALA A 634 33.14 5.54 4.49
N LEU A 635 32.40 6.16 3.58
CA LEU A 635 32.22 5.59 2.25
C LEU A 635 33.51 5.51 1.45
N LYS A 636 34.56 6.22 1.85
CA LYS A 636 35.84 6.19 1.15
C LYS A 636 36.96 5.54 1.95
N HIS A 637 36.71 5.16 3.20
CA HIS A 637 37.74 4.60 4.06
C HIS A 637 37.21 3.41 4.84
N THR A 638 36.48 2.52 4.17
CA THR A 638 35.93 1.34 4.81
C THR A 638 36.15 0.12 3.93
N LYS A 639 36.15 -1.05 4.56
CA LYS A 639 36.26 -2.31 3.83
C LYS A 639 34.91 -2.87 3.42
N ASN A 640 33.86 -2.58 4.19
CA ASN A 640 32.50 -3.03 3.87
C ASN A 640 31.75 -1.96 3.07
N LYS A 641 32.36 -1.56 1.96
CA LYS A 641 31.76 -0.53 1.11
C LYS A 641 30.47 -1.02 0.48
N VAL A 642 30.46 -2.28 0.02
CA VAL A 642 29.27 -2.83 -0.62
C VAL A 642 28.12 -2.90 0.38
N GLN A 643 28.41 -3.29 1.62
CA GLN A 643 27.36 -3.38 2.63
C GLN A 643 26.76 -2.01 2.94
N LEU A 644 27.60 -0.99 3.07
CA LEU A 644 27.09 0.36 3.35
C LEU A 644 26.28 0.89 2.18
N GLU A 645 26.77 0.69 0.95
CA GLU A 645 26.01 1.11 -0.22
C GLU A 645 24.67 0.41 -0.29
N SER A 646 24.64 -0.89 -0.02
CA SER A 646 23.39 -1.63 -0.03
C SER A 646 22.45 -1.15 1.07
N LEU A 647 22.99 -0.81 2.24
CA LEU A 647 22.16 -0.25 3.30
C LEU A 647 21.51 1.05 2.87
N LEU A 648 22.28 1.93 2.21
CA LEU A 648 21.70 3.18 1.73
C LEU A 648 20.65 2.94 0.65
N ILE A 649 20.91 2.00 -0.27
CA ILE A 649 19.96 1.70 -1.32
C ILE A 649 18.65 1.17 -0.74
N GLN A 650 18.75 0.26 0.23
CA GLN A 650 17.54 -0.30 0.84
C GLN A 650 16.82 0.73 1.69
N ARG A 651 17.55 1.66 2.33
CA ARG A 651 16.89 2.76 3.03
C ARG A 651 16.08 3.61 2.05
N LYS A 652 16.65 3.91 0.89
CA LYS A 652 15.91 4.65 -0.12
C LYS A 652 14.70 3.88 -0.61
N THR A 653 14.85 2.57 -0.83
CA THR A 653 13.76 1.77 -1.37
C THR A 653 12.60 1.66 -0.39
N GLN A 654 12.90 1.33 0.87
CA GLN A 654 11.86 1.12 1.87
C GLN A 654 11.31 2.41 2.44
N GLY A 655 11.92 3.56 2.14
CA GLY A 655 11.47 4.83 2.66
C GLY A 655 12.03 5.21 4.01
N GLY A 656 12.80 4.32 4.64
CA GLY A 656 13.37 4.63 5.94
C GLY A 656 14.27 3.48 6.37
N MET A 657 14.90 3.68 7.53
CA MET A 657 15.80 2.70 8.10
C MET A 657 15.27 2.21 9.44
N THR A 658 15.58 0.97 9.77
CA THR A 658 15.18 0.36 11.03
C THR A 658 16.29 0.51 12.07
N LEU A 659 15.98 0.12 13.31
CA LEU A 659 16.94 0.28 14.39
C LEU A 659 18.17 -0.59 14.19
N GLU A 660 17.98 -1.82 13.72
CA GLU A 660 19.12 -2.71 13.48
C GLU A 660 19.99 -2.19 12.35
N MET A 661 19.36 -1.68 11.28
CA MET A 661 20.14 -1.09 10.19
C MET A 661 20.92 0.14 10.66
N LYS A 662 20.30 0.96 11.52
CA LYS A 662 20.99 2.12 12.06
C LYS A 662 22.18 1.70 12.90
N ARG A 663 22.00 0.67 13.74
CA ARG A 663 23.12 0.17 14.54
C ARG A 663 24.24 -0.37 13.66
N LEU A 664 23.89 -1.10 12.61
CA LEU A 664 24.90 -1.64 11.71
C LEU A 664 25.66 -0.52 11.00
N ALA A 665 24.95 0.51 10.54
CA ALA A 665 25.62 1.63 9.88
C ALA A 665 26.52 2.39 10.85
N ILE A 666 26.07 2.60 12.08
CA ILE A 666 26.88 3.29 13.07
C ILE A 666 28.13 2.49 13.39
N GLN A 667 27.99 1.16 13.50
CA GLN A 667 29.16 0.32 13.78
C GLN A 667 30.13 0.31 12.61
N ILE A 668 29.62 0.32 11.38
CA ILE A 668 30.50 0.41 10.21
C ILE A 668 31.25 1.73 10.22
N MET A 669 30.56 2.82 10.55
CA MET A 669 31.23 4.11 10.67
C MET A 669 32.30 4.09 11.75
N LYS A 670 32.00 3.47 12.90
CA LYS A 670 32.94 3.43 14.01
C LYS A 670 34.20 2.66 13.64
N GLU A 671 34.04 1.50 12.98
CA GLU A 671 35.20 0.71 12.59
C GLU A 671 36.08 1.44 11.57
N ALA A 672 35.54 2.42 10.84
CA ALA A 672 36.32 3.17 9.88
C ALA A 672 37.02 4.38 10.49
N GLY A 673 36.74 4.70 11.75
CA GLY A 673 37.35 5.84 12.38
C GLY A 673 36.78 7.18 11.95
N SER A 674 35.62 7.18 11.32
CA SER A 674 35.03 8.44 10.86
C SER A 674 34.61 9.33 12.01
N LEU A 675 34.06 8.72 13.08
CA LEU A 675 33.53 9.50 14.19
C LEU A 675 34.62 10.22 14.98
N GLU A 676 35.88 9.83 14.81
CA GLU A 676 36.99 10.55 15.42
C GLU A 676 37.56 11.62 14.48
N HIS A 677 37.58 11.32 13.18
CA HIS A 677 38.02 12.30 12.20
C HIS A 677 37.09 13.52 12.21
N THR A 678 35.78 13.29 12.26
CA THR A 678 34.86 14.42 12.30
C THR A 678 34.95 15.19 13.62
N ARG A 679 35.25 14.51 14.73
CA ARG A 679 35.47 15.23 15.99
C ARG A 679 36.70 16.10 15.92
N LYS A 680 37.78 15.60 15.31
CA LYS A 680 38.97 16.43 15.10
C LYS A 680 38.65 17.63 14.21
N VAL A 681 37.84 17.40 13.16
CA VAL A 681 37.43 18.49 12.28
C VAL A 681 36.64 19.54 13.06
N VAL A 682 35.74 19.10 13.94
CA VAL A 682 34.95 20.04 14.75
C VAL A 682 35.85 20.84 15.68
N LEU A 683 36.84 20.19 16.29
CA LEU A 683 37.76 20.91 17.16
C LEU A 683 38.53 21.97 16.39
N GLU A 684 39.03 21.60 15.20
CA GLU A 684 39.74 22.57 14.37
C GLU A 684 38.84 23.74 13.98
N LEU A 685 37.58 23.45 13.62
CA LEU A 685 36.65 24.51 13.24
C LEU A 685 36.35 25.43 14.42
N GLN A 686 36.20 24.86 15.62
CA GLN A 686 35.95 25.66 16.81
C GLN A 686 37.12 26.60 17.08
N ASP A 687 38.35 26.07 16.99
CA ASP A 687 39.51 26.92 17.17
C ASP A 687 39.56 28.02 16.11
N ALA A 688 39.22 27.68 14.87
CA ALA A 688 39.23 28.67 13.79
C ALA A 688 38.20 29.77 14.05
N VAL A 689 37.00 29.40 14.52
CA VAL A 689 35.98 30.39 14.81
C VAL A 689 36.43 31.31 15.94
N HIS A 690 37.01 30.73 16.99
CA HIS A 690 37.44 31.54 18.12
C HIS A 690 38.57 32.49 17.73
N ARG A 691 39.47 32.03 16.85
CA ARG A 691 40.54 32.93 16.40
C ARG A 691 40.06 33.94 15.38
N GLU A 692 39.00 33.63 14.63
CA GLU A 692 38.44 34.60 13.69
C GLU A 692 37.69 35.70 14.40
N LEU A 693 37.00 35.37 15.50
CA LEU A 693 36.30 36.40 16.26
C LEU A 693 37.26 37.43 16.85
N ALA A 694 38.45 36.99 17.29
CA ALA A 694 39.41 37.90 17.89
C ALA A 694 39.88 38.96 16.90
N LYS A 695 40.11 38.56 15.64
CA LYS A 695 40.56 39.52 14.63
C LYS A 695 39.52 40.61 14.40
N LEU A 696 38.24 40.29 14.50
CA LEU A 696 37.20 41.31 14.40
C LEU A 696 37.13 42.14 15.67
N GLU A 697 37.35 41.52 16.83
CA GLU A 697 37.27 42.27 18.08
C GLU A 697 38.39 43.30 18.21
N GLU A 698 39.54 43.06 17.57
CA GLU A 698 40.65 43.99 17.67
C GLU A 698 40.54 45.17 16.70
N ALA A 699 39.65 45.09 15.71
CA ALA A 699 39.49 46.18 14.76
C ALA A 699 38.43 47.18 15.18
N PHE A 700 37.38 46.74 15.86
CA PHE A 700 36.35 47.63 16.35
C PHE A 700 36.69 48.25 17.70
N GLY A 701 37.78 47.82 18.33
CA GLY A 701 38.15 48.35 19.63
C GLY A 701 37.16 48.03 20.72
N GLN A 702 36.49 46.88 20.65
CA GLN A 702 35.53 46.49 21.67
C GLN A 702 35.41 44.98 21.68
N GLU A 703 34.91 44.46 22.80
CA GLU A 703 34.74 43.02 22.99
C GLU A 703 33.25 42.71 23.12
N ASN A 704 32.79 41.69 22.40
CA ASN A 704 31.40 41.26 22.46
C ASN A 704 31.28 40.19 23.53
N TYR A 705 30.57 40.50 24.61
CA TYR A 705 30.41 39.59 25.73
C TYR A 705 29.16 38.73 25.61
N VAL A 706 28.41 38.83 24.52
CA VAL A 706 27.26 37.99 24.28
C VAL A 706 27.46 37.01 23.13
N ILE A 707 28.17 37.42 22.07
CA ILE A 707 28.55 36.46 21.03
C ILE A 707 29.47 35.40 21.60
N GLN A 708 30.42 35.82 22.45
CA GLN A 708 31.28 34.85 23.12
C GLN A 708 30.46 33.91 24.01
N LEU A 709 29.47 34.46 24.72
CA LEU A 709 28.60 33.62 25.53
C LEU A 709 27.82 32.63 24.67
N ALA A 710 27.33 33.08 23.52
CA ALA A 710 26.60 32.20 22.62
C ALA A 710 27.49 31.07 22.11
N LEU A 711 28.74 31.40 21.77
CA LEU A 711 29.68 30.37 21.33
C LEU A 711 30.00 29.40 22.47
N GLU A 712 30.14 29.91 23.69
CA GLU A 712 30.40 29.04 24.84
C GLU A 712 29.22 28.13 25.14
N ARG A 713 28.00 28.59 24.82
CA ARG A 713 26.83 27.73 24.99
C ARG A 713 26.84 26.55 24.02
N LEU A 714 27.63 26.62 22.95
CA LEU A 714 27.77 25.54 21.98
C LEU A 714 29.18 24.94 22.01
N ARG A 715 29.83 24.93 23.16
CA ARG A 715 31.19 24.42 23.26
C ARG A 715 31.21 22.91 23.03
N ILE A 716 32.07 22.47 22.12
CA ILE A 716 32.19 21.08 21.67
C ILE A 716 30.86 20.32 21.66
N VAL B 418 38.46 -5.67 -15.58
CA VAL B 418 38.42 -6.82 -14.70
C VAL B 418 37.40 -6.62 -13.59
N LEU B 419 36.42 -7.53 -13.51
CA LEU B 419 35.37 -7.47 -12.49
C LEU B 419 35.56 -8.60 -11.51
N GLY B 420 35.57 -8.26 -10.22
CA GLY B 420 35.83 -9.23 -9.17
C GLY B 420 34.55 -9.69 -8.46
N ASP B 421 34.75 -10.62 -7.53
CA ASP B 421 33.65 -11.19 -6.75
C ASP B 421 33.51 -10.49 -5.40
N GLU B 422 33.30 -9.17 -5.46
CA GLU B 422 33.09 -8.40 -4.24
C GLU B 422 31.61 -8.09 -3.98
N ILE B 423 30.78 -8.07 -5.01
CA ILE B 423 29.36 -7.83 -4.86
C ILE B 423 28.59 -9.12 -4.62
N VAL B 424 28.93 -10.17 -5.38
CA VAL B 424 28.19 -11.43 -5.28
C VAL B 424 28.48 -12.12 -3.96
N SER B 425 29.66 -11.91 -3.39
CA SER B 425 30.07 -12.60 -2.16
C SER B 425 29.72 -11.83 -0.89
N ALA B 426 29.14 -10.64 -1.01
CA ALA B 426 28.84 -9.85 0.20
C ALA B 426 27.80 -10.51 1.09
N PRO B 427 26.64 -10.97 0.60
CA PRO B 427 25.72 -11.70 1.50
C PRO B 427 26.33 -12.97 2.08
N ILE B 428 27.17 -13.65 1.30
CA ILE B 428 27.84 -14.86 1.78
C ILE B 428 28.77 -14.51 2.93
N LYS B 429 29.59 -13.47 2.76
CA LYS B 429 30.47 -13.05 3.83
C LYS B 429 29.73 -12.41 4.99
N TYR B 430 28.45 -12.06 4.81
CA TYR B 430 27.66 -11.50 5.89
C TYR B 430 27.02 -12.57 6.75
N LEU B 431 26.35 -13.56 6.14
CA LEU B 431 25.69 -14.59 6.92
C LEU B 431 26.62 -15.70 7.39
N GLU B 432 27.86 -15.74 6.91
CA GLU B 432 28.83 -16.70 7.39
C GLU B 432 29.66 -16.17 8.56
N SER B 433 29.36 -14.96 9.02
CA SER B 433 30.05 -14.37 10.17
C SER B 433 29.16 -14.29 11.41
N LEU B 434 27.85 -14.46 11.27
CA LEU B 434 26.98 -14.44 12.44
C LEU B 434 27.20 -15.68 13.29
N PRO B 435 27.27 -15.54 14.61
CA PRO B 435 27.53 -16.70 15.47
C PRO B 435 26.39 -17.71 15.44
N SER B 436 26.76 -18.98 15.60
CA SER B 436 25.79 -20.06 15.63
C SER B 436 26.34 -21.20 16.48
N LYS B 437 25.43 -22.05 16.96
CA LYS B 437 25.80 -23.21 17.75
C LYS B 437 26.23 -24.33 16.81
N GLY B 438 27.52 -24.66 16.83
CA GLY B 438 28.07 -25.63 15.89
C GLY B 438 27.72 -27.07 16.20
N PHE B 439 26.43 -27.40 16.15
CA PHE B 439 26.02 -28.79 16.36
C PHE B 439 26.54 -29.69 15.24
N ARG B 440 26.39 -29.26 13.99
CA ARG B 440 26.94 -30.00 12.87
C ARG B 440 28.47 -30.01 12.93
N GLU B 441 29.07 -28.89 13.33
CA GLU B 441 30.51 -28.84 13.54
C GLU B 441 30.92 -29.82 14.64
N ALA B 442 30.13 -29.90 15.72
CA ALA B 442 30.43 -30.85 16.78
C ALA B 442 30.34 -32.28 16.29
N ILE B 443 29.33 -32.59 15.47
CA ILE B 443 29.20 -33.94 14.94
C ILE B 443 30.38 -34.29 14.04
N ILE B 444 30.81 -33.33 13.21
CA ILE B 444 31.98 -33.55 12.36
C ILE B 444 33.22 -33.81 13.22
N ASP B 445 33.42 -33.00 14.25
CA ASP B 445 34.59 -33.16 15.11
C ASP B 445 34.49 -34.40 15.98
N GLY B 446 33.30 -34.97 16.13
CA GLY B 446 33.13 -36.15 16.95
C GLY B 446 33.15 -37.47 16.21
N MET B 447 32.85 -37.43 14.90
CA MET B 447 32.83 -38.68 14.14
C MET B 447 34.18 -39.03 13.53
N ASN B 448 35.05 -38.04 13.31
CA ASN B 448 36.39 -38.36 12.81
C ASN B 448 37.23 -39.06 13.86
N GLY B 449 36.81 -39.03 15.13
CA GLY B 449 37.47 -39.85 16.13
C GLY B 449 37.24 -41.33 15.92
N TRP B 450 36.02 -41.71 15.52
CA TRP B 450 35.73 -43.11 15.27
C TRP B 450 36.51 -43.65 14.07
N LEU B 451 36.45 -42.93 12.94
CA LEU B 451 37.23 -43.27 11.76
C LEU B 451 38.14 -42.09 11.44
N ASN B 452 39.45 -42.36 11.41
CA ASN B 452 40.43 -41.29 11.29
C ASN B 452 40.50 -40.76 9.87
N LEU B 453 40.55 -39.43 9.75
CA LEU B 453 40.66 -38.75 8.48
C LEU B 453 41.68 -37.64 8.59
N PRO B 454 42.35 -37.28 7.48
CA PRO B 454 43.28 -36.14 7.51
C PRO B 454 42.54 -34.84 7.79
N ALA B 455 43.31 -33.87 8.30
CA ALA B 455 42.71 -32.59 8.67
C ALA B 455 42.17 -31.86 7.45
N ARG B 456 42.83 -31.99 6.30
CA ARG B 456 42.37 -31.31 5.09
C ARG B 456 41.00 -31.82 4.65
N SER B 457 40.79 -33.14 4.71
CA SER B 457 39.49 -33.69 4.35
C SER B 457 38.39 -33.20 5.28
N VAL B 458 38.69 -33.15 6.59
CA VAL B 458 37.72 -32.68 7.56
C VAL B 458 37.38 -31.21 7.30
N SER B 459 38.40 -30.40 7.00
CA SER B 459 38.14 -28.99 6.69
C SER B 459 37.29 -28.84 5.44
N ILE B 460 37.57 -29.65 4.40
CA ILE B 460 36.79 -29.59 3.18
C ILE B 460 35.33 -29.96 3.45
N ILE B 461 35.12 -31.02 4.24
CA ILE B 461 33.76 -31.45 4.56
C ILE B 461 33.03 -30.37 5.35
N LYS B 462 33.72 -29.75 6.31
CA LYS B 462 33.12 -28.66 7.07
C LYS B 462 32.72 -27.50 6.18
N ASP B 463 33.60 -27.13 5.24
CA ASP B 463 33.28 -26.03 4.32
C ASP B 463 32.08 -26.38 3.44
N VAL B 464 32.03 -27.61 2.93
CA VAL B 464 30.91 -28.01 2.08
C VAL B 464 29.60 -27.96 2.87
N VAL B 465 29.60 -28.50 4.08
CA VAL B 465 28.40 -28.51 4.90
C VAL B 465 27.96 -27.09 5.23
N LYS B 466 28.92 -26.22 5.56
CA LYS B 466 28.58 -24.84 5.88
C LYS B 466 27.98 -24.13 4.66
N HIS B 467 28.55 -24.35 3.48
CA HIS B 467 28.01 -23.74 2.27
C HIS B 467 26.59 -24.22 1.98
N ILE B 468 26.35 -25.53 2.14
CA ILE B 468 25.02 -26.07 1.89
C ILE B 468 24.01 -25.47 2.87
N HIS B 469 24.37 -25.42 4.15
CA HIS B 469 23.45 -24.86 5.14
C HIS B 469 23.18 -23.38 4.88
N THR B 470 24.22 -22.62 4.54
CA THR B 470 24.03 -21.21 4.25
C THR B 470 23.12 -21.02 3.05
N ALA B 471 23.32 -21.80 1.99
CA ALA B 471 22.43 -21.72 0.84
C ALA B 471 21.00 -22.07 1.22
N SER B 472 20.84 -23.01 2.15
CA SER B 472 19.50 -23.32 2.65
C SER B 472 18.88 -22.13 3.38
N LEU B 473 19.69 -21.40 4.15
CA LEU B 473 19.17 -20.22 4.84
C LEU B 473 18.69 -19.16 3.87
N LEU B 474 19.52 -18.78 2.90
CA LEU B 474 19.13 -17.79 1.90
C LEU B 474 17.95 -18.28 1.07
N PRO B 489 19.47 -8.59 11.32
CA PRO B 489 18.53 -8.49 10.19
C PRO B 489 18.83 -9.50 9.09
N SER B 490 17.82 -9.84 8.30
CA SER B 490 18.00 -10.81 7.23
C SER B 490 18.90 -10.25 6.13
N ALA B 491 19.64 -11.14 5.47
CA ALA B 491 20.54 -10.72 4.40
C ALA B 491 19.79 -10.14 3.22
N HIS B 492 18.59 -10.65 2.94
CA HIS B 492 17.80 -10.10 1.84
C HIS B 492 17.21 -8.74 2.16
N ILE B 493 17.12 -8.39 3.45
CA ILE B 493 16.73 -7.03 3.81
C ILE B 493 17.84 -6.05 3.48
N ILE B 494 19.09 -6.40 3.80
CA ILE B 494 20.22 -5.50 3.59
C ILE B 494 20.61 -5.45 2.11
N PHE B 495 20.54 -6.58 1.41
CA PHE B 495 21.08 -6.67 0.07
C PHE B 495 20.03 -6.81 -1.03
N GLY B 496 18.77 -7.05 -0.69
CA GLY B 496 17.75 -7.24 -1.69
C GLY B 496 17.52 -8.71 -2.01
N VAL B 497 16.59 -8.95 -2.92
CA VAL B 497 16.17 -10.30 -3.27
C VAL B 497 17.02 -10.86 -4.41
N SER B 498 17.18 -10.10 -5.49
CA SER B 498 17.92 -10.59 -6.65
C SER B 498 19.38 -10.87 -6.30
N GLN B 499 20.01 -9.98 -5.53
CA GLN B 499 21.38 -10.21 -5.10
C GLN B 499 21.47 -11.44 -4.22
N THR B 500 20.45 -11.66 -3.37
CA THR B 500 20.45 -12.85 -2.51
C THR B 500 20.34 -14.13 -3.34
N VAL B 501 19.51 -14.14 -4.38
CA VAL B 501 19.40 -15.31 -5.24
C VAL B 501 20.72 -15.55 -5.98
N ASN B 502 21.33 -14.49 -6.49
CA ASN B 502 22.62 -14.63 -7.17
C ASN B 502 23.67 -15.19 -6.23
N SER B 503 23.68 -14.72 -4.98
CA SER B 503 24.63 -15.22 -4.00
C SER B 503 24.33 -16.68 -3.63
N THR B 504 23.06 -17.08 -3.63
CA THR B 504 22.73 -18.48 -3.40
C THR B 504 23.31 -19.37 -4.51
N SER B 505 23.15 -18.94 -5.76
CA SER B 505 23.74 -19.69 -6.87
C SER B 505 25.26 -19.74 -6.74
N TYR B 506 25.88 -18.62 -6.34
CA TYR B 506 27.31 -18.60 -6.11
C TYR B 506 27.72 -19.55 -4.99
N LEU B 507 26.89 -19.66 -3.96
CA LEU B 507 27.14 -20.62 -2.89
C LEU B 507 27.11 -22.06 -3.41
N TRP B 508 26.14 -22.38 -4.27
CA TRP B 508 26.11 -23.71 -4.86
C TRP B 508 27.38 -23.98 -5.65
N THR B 509 27.82 -23.00 -6.45
CA THR B 509 29.05 -23.17 -7.23
C THR B 509 30.27 -23.36 -6.32
N LEU B 510 30.35 -22.56 -5.24
CA LEU B 510 31.47 -22.68 -4.31
C LEU B 510 31.48 -24.04 -3.63
N ALA B 511 30.30 -24.53 -3.23
CA ALA B 511 30.23 -25.83 -2.57
C ALA B 511 30.67 -26.94 -3.50
N ILE B 512 30.22 -26.91 -4.76
CA ILE B 512 30.62 -27.97 -5.69
C ILE B 512 32.11 -27.86 -6.01
N ASP B 513 32.65 -26.64 -6.10
CA ASP B 513 34.07 -26.47 -6.35
C ASP B 513 34.90 -27.02 -5.19
N ARG B 514 34.49 -26.74 -3.95
CA ARG B 514 35.18 -27.28 -2.79
C ARG B 514 35.09 -28.80 -2.76
N LEU B 515 33.92 -29.35 -3.08
CA LEU B 515 33.75 -30.80 -3.12
C LEU B 515 34.63 -31.44 -4.19
N SER B 516 34.93 -30.72 -5.26
CA SER B 516 35.70 -31.29 -6.36
C SER B 516 37.12 -31.68 -5.95
N GLU B 517 37.61 -31.19 -4.80
CA GLU B 517 38.97 -31.49 -4.36
C GLU B 517 39.07 -32.77 -3.54
N LEU B 518 37.97 -33.46 -3.28
CA LEU B 518 38.02 -34.68 -2.49
C LEU B 518 38.62 -35.83 -3.30
N SER B 519 39.25 -36.76 -2.59
CA SER B 519 39.91 -37.88 -3.24
C SER B 519 38.93 -38.94 -3.72
N SER B 520 37.80 -39.10 -3.02
CA SER B 520 36.85 -40.13 -3.38
C SER B 520 36.22 -39.85 -4.74
N PRO B 521 35.94 -40.89 -5.54
CA PRO B 521 35.35 -40.67 -6.86
C PRO B 521 33.83 -40.67 -6.90
N LYS B 522 33.16 -41.06 -5.81
CA LYS B 522 31.70 -41.09 -5.76
C LYS B 522 31.13 -39.97 -4.90
N SER B 523 31.90 -38.90 -4.67
CA SER B 523 31.42 -37.79 -3.86
C SER B 523 30.32 -37.01 -4.58
N LEU B 524 30.43 -36.88 -5.90
CA LEU B 524 29.46 -36.09 -6.66
C LEU B 524 28.07 -36.69 -6.59
N ARG B 525 27.96 -38.01 -6.72
CA ARG B 525 26.65 -38.65 -6.67
C ARG B 525 25.99 -38.47 -5.31
N ILE B 526 26.77 -38.67 -4.23
CA ILE B 526 26.26 -38.47 -2.88
C ILE B 526 25.77 -37.04 -2.72
N PHE B 527 26.60 -36.08 -3.12
CA PHE B 527 26.25 -34.68 -2.99
C PHE B 527 24.94 -34.37 -3.71
N ILE B 528 24.83 -34.78 -4.97
CA ILE B 528 23.69 -34.38 -5.77
C ILE B 528 22.41 -35.04 -5.28
N ASP B 529 22.47 -36.32 -4.89
CA ASP B 529 21.24 -36.97 -4.46
C ASP B 529 20.78 -36.47 -3.09
N GLU B 530 21.72 -36.22 -2.18
CA GLU B 530 21.32 -35.67 -0.89
C GLU B 530 20.75 -34.25 -1.04
N VAL B 531 21.36 -33.43 -1.90
CA VAL B 531 20.84 -32.09 -2.12
C VAL B 531 19.47 -32.15 -2.78
N ARG B 532 19.27 -33.13 -3.67
CA ARG B 532 17.96 -33.33 -4.28
C ARG B 532 16.91 -33.64 -3.24
N LYS B 533 17.24 -34.53 -2.29
CA LYS B 533 16.29 -34.86 -1.21
C LYS B 533 15.98 -33.62 -0.38
N MET B 534 17.00 -32.84 -0.03
CA MET B 534 16.78 -31.64 0.77
C MET B 534 15.86 -30.66 0.06
N GLN B 535 16.08 -30.48 -1.25
CA GLN B 535 15.27 -29.54 -2.02
C GLN B 535 13.82 -30.01 -2.14
N ILE B 536 13.61 -31.31 -2.33
CA ILE B 536 12.24 -31.83 -2.38
C ILE B 536 11.52 -31.61 -1.05
N GLY B 537 12.21 -31.91 0.06
CA GLY B 537 11.60 -31.66 1.36
C GLY B 537 11.25 -30.21 1.59
N GLN B 538 12.16 -29.31 1.20
CA GLN B 538 11.89 -27.88 1.34
C GLN B 538 10.71 -27.45 0.48
N SER B 539 10.60 -27.99 -0.72
CA SER B 539 9.47 -27.65 -1.58
C SER B 539 8.15 -28.07 -0.96
N PHE B 540 8.10 -29.28 -0.39
CA PHE B 540 6.87 -29.72 0.27
C PHE B 540 6.55 -28.86 1.48
N ASP B 541 7.58 -28.50 2.26
CA ASP B 541 7.36 -27.64 3.42
C ASP B 541 6.79 -26.29 3.01
N LEU B 542 7.31 -25.70 1.93
CA LEU B 542 6.77 -24.43 1.45
C LEU B 542 5.34 -24.59 0.94
N HIS B 543 5.06 -25.65 0.19
CA HIS B 543 3.74 -25.81 -0.40
C HIS B 543 2.66 -26.02 0.65
N TRP B 544 2.97 -26.79 1.70
CA TRP B 544 1.95 -27.01 2.74
C TRP B 544 1.54 -25.70 3.39
N THR B 545 2.51 -24.84 3.69
CA THR B 545 2.19 -23.55 4.29
C THR B 545 1.46 -22.64 3.32
N ALA B 546 1.90 -22.60 2.07
CA ALA B 546 1.28 -21.70 1.09
C ALA B 546 -0.16 -22.09 0.80
N ALA B 547 -0.44 -23.38 0.67
CA ALA B 547 -1.75 -23.86 0.27
C ALA B 547 -2.74 -23.97 1.43
N LEU B 548 -2.30 -23.69 2.66
CA LEU B 548 -3.16 -23.75 3.85
C LEU B 548 -3.76 -25.13 4.04
N GLN B 549 -2.99 -26.17 3.76
CA GLN B 549 -3.42 -27.55 3.97
C GLN B 549 -2.53 -28.21 5.01
N CYS B 550 -3.15 -28.76 6.04
CA CYS B 550 -2.41 -29.34 7.16
C CYS B 550 -1.99 -30.77 6.83
N PRO B 551 -0.70 -31.09 6.89
CA PRO B 551 -0.28 -32.47 6.70
C PRO B 551 -0.56 -33.32 7.92
N SER B 552 -0.58 -34.63 7.72
CA SER B 552 -0.68 -35.55 8.83
C SER B 552 0.65 -35.63 9.57
N GLU B 553 0.64 -36.31 10.71
CA GLU B 553 1.87 -36.46 11.49
C GLU B 553 2.91 -37.28 10.73
N GLU B 554 2.47 -38.33 10.05
CA GLU B 554 3.41 -39.17 9.30
C GLU B 554 4.03 -38.41 8.14
N GLU B 555 3.23 -37.65 7.40
CA GLU B 555 3.76 -36.87 6.29
C GLU B 555 4.72 -35.80 6.78
N TYR B 556 4.37 -35.13 7.88
CA TYR B 556 5.27 -34.13 8.45
C TYR B 556 6.58 -34.75 8.90
N LEU B 557 6.51 -35.92 9.52
CA LEU B 557 7.74 -36.60 9.96
C LEU B 557 8.61 -36.99 8.77
N SER B 558 7.99 -37.50 7.70
CA SER B 558 8.76 -37.83 6.50
C SER B 558 9.40 -36.58 5.89
N MET B 559 8.64 -35.48 5.83
CA MET B 559 9.17 -34.24 5.26
C MET B 559 10.35 -33.72 6.07
N ILE B 560 10.22 -33.70 7.40
CA ILE B 560 11.33 -33.21 8.22
C ILE B 560 12.51 -34.16 8.14
N ASP B 561 12.25 -35.47 8.05
CA ASP B 561 13.34 -36.42 7.85
C ASP B 561 14.13 -36.07 6.61
N MET B 562 13.46 -35.94 5.47
CA MET B 562 14.15 -35.55 4.24
C MET B 562 14.91 -34.23 4.44
N LYS B 563 14.18 -33.17 4.77
CA LYS B 563 14.72 -31.82 4.74
C LYS B 563 15.88 -31.65 5.72
N THR B 564 15.78 -32.20 6.92
CA THR B 564 16.81 -32.02 7.93
C THR B 564 17.92 -33.06 7.83
N GLY B 565 17.57 -34.35 7.76
CA GLY B 565 18.59 -35.37 7.71
C GLY B 565 19.31 -35.52 6.40
N GLY B 566 18.87 -34.81 5.34
CA GLY B 566 19.65 -34.83 4.11
C GLY B 566 21.07 -34.33 4.34
N LEU B 567 21.20 -33.20 5.02
CA LEU B 567 22.53 -32.68 5.34
C LEU B 567 23.29 -33.61 6.27
N PHE B 568 22.59 -34.16 7.28
CA PHE B 568 23.27 -35.02 8.25
C PHE B 568 23.86 -36.25 7.60
N HIS B 569 23.08 -36.97 6.80
CA HIS B 569 23.65 -38.17 6.21
C HIS B 569 24.41 -37.91 4.92
N LEU B 570 24.31 -36.72 4.33
CA LEU B 570 25.32 -36.28 3.37
C LEU B 570 26.68 -36.18 4.05
N LEU B 571 26.71 -35.55 5.23
CA LEU B 571 27.92 -35.49 6.04
C LEU B 571 28.44 -36.88 6.34
N ILE B 572 27.54 -37.77 6.78
CA ILE B 572 27.95 -39.13 7.16
C ILE B 572 28.54 -39.87 5.97
N ARG B 573 27.84 -39.81 4.81
CA ARG B 573 28.31 -40.54 3.64
C ARG B 573 29.63 -39.98 3.12
N LEU B 574 29.79 -38.66 3.12
CA LEU B 574 31.05 -38.06 2.69
C LEU B 574 32.19 -38.48 3.61
N MET B 575 31.94 -38.53 4.92
CA MET B 575 32.99 -38.96 5.83
C MET B 575 33.35 -40.43 5.64
N ILE B 576 32.34 -41.29 5.45
CA ILE B 576 32.61 -42.72 5.27
C ILE B 576 33.38 -42.96 3.96
N ALA B 577 32.97 -42.29 2.89
CA ALA B 577 33.62 -42.52 1.60
C ALA B 577 35.08 -42.11 1.61
N GLU B 578 35.38 -40.98 2.25
CA GLU B 578 36.75 -40.48 2.31
C GLU B 578 37.56 -41.22 3.37
N MET B 585 28.76 -50.55 9.59
CA MET B 585 27.71 -50.07 10.47
C MET B 585 26.62 -49.35 9.69
N ASP B 586 25.48 -49.11 10.33
CA ASP B 586 24.35 -48.42 9.72
C ASP B 586 24.08 -47.14 10.49
N PHE B 587 23.93 -46.03 9.77
CA PHE B 587 23.75 -44.72 10.38
C PHE B 587 22.38 -44.11 10.09
N SER B 588 21.50 -44.82 9.38
CA SER B 588 20.21 -44.24 9.01
C SER B 588 19.34 -43.95 10.23
N GLY B 589 19.28 -44.90 11.17
CA GLY B 589 18.43 -44.72 12.34
C GLY B 589 18.87 -43.56 13.20
N LEU B 590 20.18 -43.48 13.46
CA LEU B 590 20.71 -42.39 14.28
C LEU B 590 20.46 -41.04 13.61
N VAL B 591 20.65 -40.97 12.30
CA VAL B 591 20.44 -39.72 11.57
C VAL B 591 18.98 -39.30 11.64
N SER B 592 18.06 -40.25 11.44
CA SER B 592 16.64 -39.92 11.49
C SER B 592 16.23 -39.44 12.87
N MET B 593 16.65 -40.17 13.91
CA MET B 593 16.30 -39.78 15.27
C MET B 593 16.88 -38.42 15.64
N THR B 594 18.13 -38.18 15.25
CA THR B 594 18.75 -36.89 15.55
C THR B 594 18.03 -35.74 14.84
N GLY B 595 17.69 -35.93 13.57
CA GLY B 595 16.97 -34.88 12.86
C GLY B 595 15.62 -34.57 13.46
N ARG B 596 14.86 -35.62 13.78
CA ARG B 596 13.55 -35.41 14.40
C ARG B 596 13.68 -34.73 15.76
N TYR B 597 14.63 -35.21 16.58
CA TYR B 597 14.82 -34.61 17.90
C TYR B 597 15.16 -33.13 17.78
N PHE B 598 16.09 -32.81 16.87
CA PHE B 598 16.48 -31.42 16.66
C PHE B 598 15.28 -30.57 16.25
N GLN B 599 14.49 -31.05 15.28
CA GLN B 599 13.40 -30.24 14.75
C GLN B 599 12.32 -29.99 15.79
N ILE B 600 11.83 -31.05 16.44
CA ILE B 600 10.73 -30.82 17.40
C ILE B 600 11.25 -30.13 18.67
N ARG B 601 12.51 -30.31 19.04
CA ARG B 601 13.06 -29.53 20.15
C ARG B 601 13.09 -28.05 19.80
N ASP B 602 13.47 -27.72 18.56
CA ASP B 602 13.40 -26.32 18.12
C ASP B 602 11.97 -25.82 18.14
N ASP B 603 11.01 -26.67 17.78
CA ASP B 603 9.59 -26.28 17.83
C ASP B 603 9.18 -25.90 19.25
N LEU B 604 9.55 -26.72 20.23
CA LEU B 604 9.26 -26.37 21.62
C LEU B 604 9.96 -25.09 22.03
N SER B 605 11.24 -24.94 21.65
CA SER B 605 11.96 -23.73 22.03
C SER B 605 11.30 -22.48 21.45
N ASN B 606 10.71 -22.60 20.26
CA ASN B 606 10.03 -21.46 19.66
C ASN B 606 8.69 -21.19 20.33
N LEU B 607 7.90 -22.23 20.62
CA LEU B 607 6.54 -21.99 21.09
C LEU B 607 6.48 -21.81 22.61
N THR B 608 6.98 -22.78 23.38
CA THR B 608 6.81 -22.76 24.82
C THR B 608 7.48 -21.56 25.46
N SER B 609 8.69 -21.22 25.02
CA SER B 609 9.41 -20.09 25.57
C SER B 609 8.73 -18.78 25.23
N LEU B 622 5.07 -19.30 14.22
CA LEU B 622 3.67 -18.90 14.36
C LEU B 622 3.36 -17.71 13.45
N ASP B 623 4.28 -16.75 13.40
CA ASP B 623 4.12 -15.60 12.53
C ASP B 623 4.49 -15.88 11.08
N GLU B 624 5.13 -17.02 10.81
CA GLU B 624 5.47 -17.43 9.46
C GLU B 624 4.47 -18.42 8.87
N GLY B 625 3.61 -19.02 9.70
CA GLY B 625 2.60 -19.94 9.23
C GLY B 625 3.05 -21.38 9.04
N LYS B 626 4.29 -21.70 9.43
CA LYS B 626 4.79 -23.06 9.26
C LYS B 626 4.02 -24.02 10.16
N TYR B 627 3.70 -25.19 9.62
CA TYR B 627 2.94 -26.21 10.36
C TYR B 627 3.91 -27.01 11.21
N SER B 628 3.94 -26.73 12.51
CA SER B 628 4.75 -27.47 13.45
C SER B 628 3.97 -28.69 13.94
N LEU B 629 4.53 -29.41 14.90
CA LEU B 629 3.86 -30.58 15.45
C LEU B 629 2.75 -30.18 16.43
N PRO B 630 2.97 -29.22 17.34
CA PRO B 630 1.85 -28.78 18.19
C PRO B 630 0.67 -28.25 17.41
N LEU B 631 0.92 -27.50 16.32
CA LEU B 631 -0.18 -26.99 15.51
C LEU B 631 -0.94 -28.12 14.84
N ILE B 632 -0.23 -29.11 14.31
CA ILE B 632 -0.88 -30.25 13.68
C ILE B 632 -1.73 -31.01 14.69
N HIS B 633 -1.21 -31.23 15.90
CA HIS B 633 -1.98 -31.94 16.92
C HIS B 633 -3.20 -31.13 17.35
N ALA B 634 -3.05 -29.81 17.50
CA ALA B 634 -4.16 -28.97 17.92
C ALA B 634 -5.26 -28.94 16.87
N LEU B 635 -4.89 -28.88 15.60
CA LEU B 635 -5.90 -28.78 14.55
C LEU B 635 -6.79 -30.01 14.44
N LYS B 636 -6.41 -31.13 15.08
CA LYS B 636 -7.21 -32.34 15.05
C LYS B 636 -7.80 -32.71 16.39
N HIS B 637 -7.46 -31.99 17.46
CA HIS B 637 -7.91 -32.32 18.81
C HIS B 637 -8.36 -31.07 19.56
N THR B 638 -9.12 -30.22 18.89
CA THR B 638 -9.61 -28.98 19.50
C THR B 638 -11.08 -28.79 19.19
N LYS B 639 -11.75 -28.02 20.05
CA LYS B 639 -13.15 -27.68 19.83
C LYS B 639 -13.32 -26.42 18.99
N ASN B 640 -12.40 -25.46 19.13
CA ASN B 640 -12.44 -24.23 18.33
C ASN B 640 -11.61 -24.38 17.06
N LYS B 641 -11.98 -25.40 16.27
CA LYS B 641 -11.28 -25.63 15.00
C LYS B 641 -11.52 -24.49 14.03
N VAL B 642 -12.75 -23.99 13.96
CA VAL B 642 -13.07 -22.90 13.04
C VAL B 642 -12.28 -21.65 13.42
N GLN B 643 -12.15 -21.37 14.72
CA GLN B 643 -11.42 -20.19 15.15
C GLN B 643 -9.94 -20.29 14.79
N LEU B 644 -9.34 -21.46 15.00
CA LEU B 644 -7.93 -21.64 14.66
C LEU B 644 -7.70 -21.55 13.16
N GLU B 645 -8.59 -22.16 12.37
CA GLU B 645 -8.47 -22.07 10.91
C GLU B 645 -8.61 -20.63 10.45
N SER B 646 -9.56 -19.88 11.03
CA SER B 646 -9.72 -18.48 10.67
C SER B 646 -8.51 -17.66 11.06
N LEU B 647 -7.91 -17.97 12.21
CA LEU B 647 -6.68 -17.27 12.61
C LEU B 647 -5.57 -17.52 11.60
N LEU B 648 -5.41 -18.76 11.15
CA LEU B 648 -4.37 -19.05 10.15
C LEU B 648 -4.67 -18.33 8.82
N ILE B 649 -5.94 -18.33 8.40
CA ILE B 649 -6.30 -17.67 7.14
C ILE B 649 -6.03 -16.17 7.22
N GLN B 650 -6.38 -15.55 8.34
CA GLN B 650 -6.15 -14.12 8.49
C GLN B 650 -4.67 -13.79 8.63
N ARG B 651 -3.90 -14.69 9.24
CA ARG B 651 -2.45 -14.51 9.26
C ARG B 651 -1.88 -14.53 7.86
N LYS B 652 -2.35 -15.46 7.02
CA LYS B 652 -1.91 -15.47 5.62
C LYS B 652 -2.32 -14.20 4.89
N THR B 653 -3.56 -13.75 5.11
CA THR B 653 -4.07 -12.58 4.39
C THR B 653 -3.32 -11.32 4.77
N GLN B 654 -3.16 -11.07 6.06
CA GLN B 654 -2.53 -9.84 6.53
C GLN B 654 -1.01 -9.85 6.40
N GLY B 655 -0.41 -11.00 6.10
CA GLY B 655 1.03 -11.10 6.00
C GLY B 655 1.73 -11.43 7.29
N GLY B 656 1.03 -11.45 8.40
CA GLY B 656 1.64 -11.76 9.69
C GLY B 656 0.58 -11.79 10.77
N MET B 657 1.01 -12.20 11.95
CA MET B 657 0.13 -12.29 13.11
C MET B 657 0.52 -11.24 14.14
N THR B 658 -0.48 -10.79 14.91
CA THR B 658 -0.26 -9.82 15.97
C THR B 658 -0.05 -10.53 17.30
N LEU B 659 0.29 -9.74 18.32
CA LEU B 659 0.58 -10.31 19.64
C LEU B 659 -0.67 -10.94 20.25
N GLU B 660 -1.82 -10.28 20.11
CA GLU B 660 -3.05 -10.84 20.64
C GLU B 660 -3.45 -12.12 19.92
N MET B 661 -3.27 -12.15 18.60
CA MET B 661 -3.55 -13.36 17.84
C MET B 661 -2.61 -14.49 18.26
N LYS B 662 -1.34 -14.17 18.50
CA LYS B 662 -0.40 -15.18 18.97
C LYS B 662 -0.81 -15.72 20.33
N ARG B 663 -1.22 -14.84 21.24
CA ARG B 663 -1.68 -15.29 22.55
C ARG B 663 -2.91 -16.18 22.42
N LEU B 664 -3.85 -15.81 21.56
CA LEU B 664 -5.05 -16.60 21.37
C LEU B 664 -4.72 -17.98 20.80
N ALA B 665 -3.81 -18.03 19.82
CA ALA B 665 -3.42 -19.31 19.24
C ALA B 665 -2.71 -20.19 20.27
N ILE B 666 -1.82 -19.60 21.07
CA ILE B 666 -1.12 -20.37 22.09
C ILE B 666 -2.11 -20.88 23.14
N GLN B 667 -3.09 -20.07 23.49
CA GLN B 667 -4.12 -20.50 24.44
C GLN B 667 -4.96 -21.65 23.89
N ILE B 668 -5.34 -21.58 22.61
CA ILE B 668 -6.08 -22.67 21.98
C ILE B 668 -5.25 -23.93 21.97
N MET B 669 -3.95 -23.81 21.68
CA MET B 669 -3.06 -24.96 21.71
C MET B 669 -2.98 -25.54 23.11
N LYS B 670 -2.89 -24.69 24.13
CA LYS B 670 -2.77 -25.17 25.51
C LYS B 670 -4.02 -25.92 25.95
N GLU B 671 -5.20 -25.39 25.62
CA GLU B 671 -6.42 -26.09 26.01
C GLU B 671 -6.59 -27.43 25.30
N ALA B 672 -5.90 -27.64 24.18
CA ALA B 672 -5.97 -28.91 23.48
C ALA B 672 -4.98 -29.94 23.99
N GLY B 673 -4.05 -29.55 24.86
CA GLY B 673 -3.06 -30.47 25.36
C GLY B 673 -1.94 -30.78 24.39
N SER B 674 -1.79 -29.98 23.34
CA SER B 674 -0.75 -30.25 22.35
C SER B 674 0.64 -30.04 22.93
N LEU B 675 0.81 -29.02 23.78
CA LEU B 675 2.13 -28.68 24.31
C LEU B 675 2.66 -29.74 25.27
N GLU B 676 1.81 -30.64 25.75
CA GLU B 676 2.27 -31.76 26.56
C GLU B 676 2.53 -33.00 25.70
N HIS B 677 1.72 -33.21 24.67
CA HIS B 677 1.95 -34.32 23.75
C HIS B 677 3.29 -34.14 23.03
N THR B 678 3.60 -32.93 22.59
CA THR B 678 4.87 -32.72 21.91
C THR B 678 6.05 -32.84 22.87
N ARG B 679 5.87 -32.47 24.14
CA ARG B 679 6.94 -32.68 25.12
C ARG B 679 7.18 -34.16 25.36
N LYS B 680 6.12 -34.95 25.44
CA LYS B 680 6.28 -36.40 25.56
C LYS B 680 6.98 -36.96 24.32
N VAL B 681 6.63 -36.45 23.14
CA VAL B 681 7.29 -36.88 21.91
C VAL B 681 8.78 -36.56 21.96
N VAL B 682 9.13 -35.37 22.43
CA VAL B 682 10.53 -34.98 22.53
C VAL B 682 11.28 -35.87 23.50
N LEU B 683 10.66 -36.19 24.64
CA LEU B 683 11.29 -37.11 25.60
C LEU B 683 11.55 -38.47 24.96
N GLU B 684 10.55 -39.00 24.26
CA GLU B 684 10.72 -40.29 23.60
C GLU B 684 11.84 -40.23 22.56
N LEU B 685 11.89 -39.15 21.77
CA LEU B 685 12.92 -39.01 20.75
C LEU B 685 14.30 -38.90 21.38
N GLN B 686 14.42 -38.18 22.49
CA GLN B 686 15.71 -38.06 23.17
C GLN B 686 16.18 -39.42 23.69
N ASP B 687 15.27 -40.18 24.28
CA ASP B 687 15.63 -41.53 24.72
C ASP B 687 16.05 -42.40 23.54
N ALA B 688 15.33 -42.28 22.42
CA ALA B 688 15.68 -43.05 21.23
C ALA B 688 17.06 -42.68 20.70
N VAL B 689 17.40 -41.40 20.68
CA VAL B 689 18.71 -40.96 20.22
C VAL B 689 19.79 -41.50 21.14
N HIS B 690 19.58 -41.40 22.45
CA HIS B 690 20.59 -41.87 23.40
C HIS B 690 20.79 -43.37 23.29
N ARG B 691 19.72 -44.13 23.05
CA ARG B 691 19.87 -45.57 22.89
C ARG B 691 20.45 -45.94 21.53
N GLU B 692 20.23 -45.11 20.51
CA GLU B 692 20.80 -45.38 19.20
C GLU B 692 22.31 -45.12 19.18
N LEU B 693 22.77 -44.10 19.92
CA LEU B 693 24.19 -43.83 19.98
C LEU B 693 24.96 -44.97 20.63
N ALA B 694 24.37 -45.61 21.64
CA ALA B 694 25.05 -46.70 22.34
C ALA B 694 25.30 -47.89 21.42
N LYS B 695 24.34 -48.21 20.55
CA LYS B 695 24.51 -49.33 19.63
C LYS B 695 25.68 -49.10 18.67
N LEU B 696 25.91 -47.85 18.28
CA LEU B 696 27.08 -47.54 17.46
C LEU B 696 28.35 -47.55 18.28
N GLU B 697 28.27 -47.11 19.54
CA GLU B 697 29.47 -47.10 20.38
C GLU B 697 29.97 -48.50 20.69
N GLU B 698 29.09 -49.49 20.72
CA GLU B 698 29.50 -50.85 21.04
C GLU B 698 30.07 -51.60 19.84
N ALA B 699 29.88 -51.09 18.63
CA ALA B 699 30.40 -51.74 17.43
C ALA B 699 31.79 -51.27 17.05
N PHE B 700 32.11 -50.00 17.30
CA PHE B 700 33.43 -49.48 17.02
C PHE B 700 34.43 -49.72 18.15
N GLY B 701 33.97 -50.25 19.28
CA GLY B 701 34.86 -50.48 20.41
C GLY B 701 35.45 -49.21 21.00
N GLN B 702 34.69 -48.12 20.97
CA GLN B 702 35.17 -46.85 21.53
C GLN B 702 33.96 -46.00 21.90
N GLU B 703 34.19 -45.04 22.79
CA GLU B 703 33.16 -44.13 23.26
C GLU B 703 33.49 -42.72 22.82
N ASN B 704 32.50 -42.02 22.26
CA ASN B 704 32.66 -40.65 21.82
C ASN B 704 32.30 -39.72 22.99
N TYR B 705 33.29 -39.01 23.51
CA TYR B 705 33.09 -38.11 24.64
C TYR B 705 32.76 -36.69 24.22
N VAL B 706 32.63 -36.42 22.93
CA VAL B 706 32.26 -35.10 22.44
C VAL B 706 30.86 -35.09 21.81
N ILE B 707 30.47 -36.16 21.11
CA ILE B 707 29.10 -36.25 20.63
C ILE B 707 28.14 -36.31 21.81
N GLN B 708 28.48 -37.08 22.84
CA GLN B 708 27.67 -37.11 24.05
C GLN B 708 27.63 -35.75 24.73
N LEU B 709 28.75 -35.03 24.74
CA LEU B 709 28.76 -33.68 25.29
C LEU B 709 27.84 -32.76 24.49
N ALA B 710 27.86 -32.87 23.16
CA ALA B 710 26.99 -32.05 22.33
C ALA B 710 25.52 -32.37 22.59
N LEU B 711 25.20 -33.65 22.75
CA LEU B 711 23.82 -34.02 23.08
C LEU B 711 23.42 -33.49 24.46
N GLU B 712 24.33 -33.55 25.43
CA GLU B 712 24.03 -33.03 26.76
C GLU B 712 23.86 -31.52 26.74
N ARG B 713 24.53 -30.83 25.82
CA ARG B 713 24.32 -29.39 25.66
C ARG B 713 22.94 -29.09 25.10
N LEU B 714 22.24 -30.08 24.54
CA LEU B 714 20.89 -29.93 24.03
C LEU B 714 19.89 -30.75 24.84
N ARG B 715 20.17 -30.97 26.13
CA ARG B 715 19.30 -31.79 26.96
C ARG B 715 17.96 -31.09 27.17
N ILE B 716 16.88 -31.82 26.90
CA ILE B 716 15.50 -31.33 26.96
C ILE B 716 15.35 -29.86 26.55
N VAL C 418 -25.19 -33.00 5.09
CA VAL C 418 -25.78 -32.16 6.12
C VAL C 418 -24.77 -31.10 6.57
N LEU C 419 -25.15 -29.83 6.43
CA LEU C 419 -24.31 -28.70 6.83
C LEU C 419 -24.89 -28.05 8.07
N GLY C 420 -24.05 -27.85 9.08
CA GLY C 420 -24.46 -27.31 10.35
C GLY C 420 -24.06 -25.85 10.54
N ASP C 421 -24.49 -25.31 11.68
CA ASP C 421 -24.23 -23.91 12.02
C ASP C 421 -23.01 -23.80 12.93
N GLU C 422 -21.87 -24.30 12.43
CA GLU C 422 -20.61 -24.18 13.17
C GLU C 422 -19.72 -23.07 12.66
N ILE C 423 -19.87 -22.67 11.39
CA ILE C 423 -19.08 -21.58 10.85
C ILE C 423 -19.78 -20.24 11.06
N VAL C 424 -21.10 -20.20 10.86
CA VAL C 424 -21.84 -18.94 10.96
C VAL C 424 -21.92 -18.48 12.42
N SER C 425 -21.92 -19.41 13.36
CA SER C 425 -22.08 -19.07 14.77
C SER C 425 -20.76 -18.84 15.50
N ALA C 426 -19.63 -19.04 14.84
CA ALA C 426 -18.33 -18.84 15.51
C ALA C 426 -18.10 -17.40 15.92
N PRO C 427 -18.27 -16.39 15.07
CA PRO C 427 -18.13 -15.01 15.56
C PRO C 427 -19.13 -14.66 16.63
N ILE C 428 -20.33 -15.25 16.59
CA ILE C 428 -21.31 -15.03 17.64
C ILE C 428 -20.84 -15.62 18.95
N LYS C 429 -20.37 -16.87 18.93
CA LYS C 429 -19.89 -17.51 20.15
C LYS C 429 -18.57 -16.91 20.64
N TYR C 430 -17.88 -16.12 19.82
CA TYR C 430 -16.65 -15.48 20.25
C TYR C 430 -16.89 -14.24 21.11
N LEU C 431 -17.81 -13.37 20.69
CA LEU C 431 -18.08 -12.13 21.43
C LEU C 431 -19.13 -12.30 22.53
N GLU C 432 -19.82 -13.44 22.58
CA GLU C 432 -20.76 -13.71 23.65
C GLU C 432 -20.08 -14.32 24.87
N SER C 433 -18.77 -14.53 24.81
CA SER C 433 -18.00 -15.02 25.95
C SER C 433 -17.09 -13.99 26.57
N LEU C 434 -16.84 -12.87 25.89
CA LEU C 434 -16.01 -11.82 26.46
C LEU C 434 -16.74 -11.14 27.62
N PRO C 435 -16.06 -10.87 28.72
CA PRO C 435 -16.73 -10.27 29.88
C PRO C 435 -17.17 -8.85 29.62
N SER C 436 -18.27 -8.46 30.27
CA SER C 436 -18.81 -7.12 30.15
C SER C 436 -19.57 -6.78 31.42
N LYS C 437 -19.74 -5.48 31.66
CA LYS C 437 -20.48 -5.00 32.81
C LYS C 437 -21.98 -5.05 32.48
N GLY C 438 -22.70 -5.93 33.17
CA GLY C 438 -24.10 -6.16 32.86
C GLY C 438 -25.03 -5.07 33.36
N PHE C 439 -24.85 -3.85 32.87
CA PHE C 439 -25.75 -2.76 33.25
C PHE C 439 -27.17 -3.02 32.75
N ARG C 440 -27.31 -3.44 31.50
CA ARG C 440 -28.62 -3.82 30.98
C ARG C 440 -29.15 -5.05 31.70
N GLU C 441 -28.28 -6.01 32.00
CA GLU C 441 -28.68 -7.16 32.81
C GLU C 441 -29.14 -6.72 34.19
N ALA C 442 -28.43 -5.75 34.78
CA ALA C 442 -28.82 -5.24 36.09
C ALA C 442 -30.19 -4.56 36.02
N ILE C 443 -30.45 -3.80 34.95
CA ILE C 443 -31.75 -3.15 34.81
C ILE C 443 -32.86 -4.19 34.66
N ILE C 444 -32.60 -5.24 33.88
CA ILE C 444 -33.59 -6.32 33.74
C ILE C 444 -33.87 -6.97 35.09
N ASP C 445 -32.80 -7.28 35.82
CA ASP C 445 -32.97 -7.95 37.12
C ASP C 445 -33.54 -7.03 38.18
N GLY C 446 -33.50 -5.72 37.96
CA GLY C 446 -34.00 -4.78 38.94
C GLY C 446 -35.39 -4.25 38.69
N MET C 447 -35.85 -4.34 37.44
CA MET C 447 -37.19 -3.85 37.13
C MET C 447 -38.26 -4.93 37.23
N ASN C 448 -37.89 -6.21 37.05
CA ASN C 448 -38.86 -7.28 37.26
C ASN C 448 -39.24 -7.42 38.73
N GLY C 449 -38.48 -6.81 39.64
CA GLY C 449 -38.93 -6.73 41.02
C GLY C 449 -40.17 -5.87 41.17
N TRP C 450 -40.25 -4.78 40.40
CA TRP C 450 -41.42 -3.92 40.45
C TRP C 450 -42.65 -4.63 39.91
N LEU C 451 -42.55 -5.23 38.73
CA LEU C 451 -43.63 -6.01 38.14
C LEU C 451 -43.14 -7.45 37.94
N ASN C 452 -43.84 -8.39 38.56
CA ASN C 452 -43.37 -9.77 38.62
C ASN C 452 -43.59 -10.49 37.30
N LEU C 453 -42.60 -11.29 36.89
CA LEU C 453 -42.65 -12.08 35.68
C LEU C 453 -42.06 -13.45 35.94
N PRO C 454 -42.47 -14.46 35.18
CA PRO C 454 -41.82 -15.77 35.29
C PRO C 454 -40.37 -15.71 34.84
N ALA C 455 -39.60 -16.69 35.31
CA ALA C 455 -38.17 -16.72 34.99
C ALA C 455 -37.93 -16.92 33.50
N ARG C 456 -38.80 -17.70 32.84
CA ARG C 456 -38.61 -17.95 31.41
C ARG C 456 -38.72 -16.68 30.59
N SER C 457 -39.70 -15.83 30.91
CA SER C 457 -39.85 -14.57 30.19
C SER C 457 -38.64 -13.67 30.39
N VAL C 458 -38.12 -13.62 31.61
CA VAL C 458 -36.93 -12.80 31.89
C VAL C 458 -35.74 -13.32 31.11
N SER C 459 -35.56 -14.65 31.06
CA SER C 459 -34.46 -15.23 30.29
C SER C 459 -34.61 -14.93 28.81
N ILE C 460 -35.82 -15.01 28.28
CA ILE C 460 -36.05 -14.71 26.87
C ILE C 460 -35.71 -13.25 26.57
N ILE C 461 -36.14 -12.33 27.44
CA ILE C 461 -35.85 -10.92 27.24
C ILE C 461 -34.36 -10.66 27.31
N LYS C 462 -33.68 -11.30 28.25
CA LYS C 462 -32.23 -11.16 28.35
C LYS C 462 -31.54 -11.64 27.08
N ASP C 463 -31.96 -12.79 26.56
CA ASP C 463 -31.36 -13.31 25.33
C ASP C 463 -31.60 -12.38 24.15
N VAL C 464 -32.82 -11.85 24.03
CA VAL C 464 -33.13 -10.94 22.92
C VAL C 464 -32.28 -9.68 23.01
N VAL C 465 -32.18 -9.10 24.21
CA VAL C 465 -31.39 -7.88 24.38
C VAL C 465 -29.92 -8.15 24.09
N LYS C 466 -29.40 -9.28 24.54
CA LYS C 466 -28.00 -9.62 24.28
C LYS C 466 -27.75 -9.78 22.79
N HIS C 467 -28.66 -10.45 22.08
CA HIS C 467 -28.50 -10.63 20.64
C HIS C 467 -28.53 -9.29 19.92
N ILE C 468 -29.45 -8.41 20.30
CA ILE C 468 -29.52 -7.09 19.65
C ILE C 468 -28.25 -6.31 19.89
N HIS C 469 -27.76 -6.30 21.13
CA HIS C 469 -26.53 -5.57 21.44
C HIS C 469 -25.34 -6.14 20.68
N THR C 470 -25.23 -7.47 20.63
CA THR C 470 -24.13 -8.09 19.89
C THR C 470 -24.19 -7.73 18.42
N ALA C 471 -25.38 -7.77 17.82
CA ALA C 471 -25.51 -7.37 16.42
C ALA C 471 -25.13 -5.91 16.23
N SER C 472 -25.42 -5.07 17.22
CA SER C 472 -24.98 -3.68 17.14
C SER C 472 -23.46 -3.57 17.17
N LEU C 473 -22.80 -4.40 17.99
CA LEU C 473 -21.33 -4.39 18.05
C LEU C 473 -20.73 -4.78 16.71
N LEU C 474 -21.16 -5.91 16.15
CA LEU C 474 -20.63 -6.39 14.87
C LEU C 474 -20.89 -5.39 13.76
N PRO C 489 -8.99 -8.85 20.63
CA PRO C 489 -9.05 -8.38 19.24
C PRO C 489 -10.47 -8.39 18.69
N SER C 490 -10.72 -7.58 17.65
CA SER C 490 -12.04 -7.49 17.05
C SER C 490 -12.38 -8.79 16.34
N ALA C 491 -13.67 -9.14 16.34
CA ALA C 491 -14.10 -10.38 15.72
C ALA C 491 -13.92 -10.36 14.21
N HIS C 492 -14.07 -9.20 13.57
CA HIS C 492 -13.85 -9.12 12.14
C HIS C 492 -12.38 -9.23 11.77
N ILE C 493 -11.47 -9.02 12.73
CA ILE C 493 -10.06 -9.29 12.49
C ILE C 493 -9.81 -10.79 12.43
N ILE C 494 -10.40 -11.54 13.35
CA ILE C 494 -10.16 -12.98 13.42
C ILE C 494 -10.92 -13.72 12.33
N PHE C 495 -12.13 -13.29 12.01
CA PHE C 495 -13.01 -14.04 11.13
C PHE C 495 -13.23 -13.40 9.77
N GLY C 496 -12.74 -12.18 9.55
CA GLY C 496 -12.97 -11.50 8.29
C GLY C 496 -14.22 -10.65 8.30
N VAL C 497 -14.47 -10.02 7.16
CA VAL C 497 -15.58 -9.07 7.03
C VAL C 497 -16.87 -9.77 6.62
N SER C 498 -16.82 -10.59 5.56
CA SER C 498 -18.03 -11.23 5.05
C SER C 498 -18.64 -12.16 6.07
N GLN C 499 -17.81 -12.95 6.76
CA GLN C 499 -18.32 -13.85 7.78
C GLN C 499 -18.97 -13.07 8.92
N THR C 500 -18.40 -11.91 9.25
CA THR C 500 -18.98 -11.08 10.31
C THR C 500 -20.37 -10.57 9.92
N VAL C 501 -20.54 -10.14 8.66
CA VAL C 501 -21.85 -9.68 8.21
C VAL C 501 -22.85 -10.83 8.21
N ASN C 502 -22.44 -12.01 7.74
CA ASN C 502 -23.33 -13.16 7.73
C ASN C 502 -23.74 -13.53 9.15
N SER C 503 -22.79 -13.46 10.10
CA SER C 503 -23.10 -13.73 11.49
C SER C 503 -24.01 -12.67 12.09
N THR C 504 -23.90 -11.42 11.64
CA THR C 504 -24.84 -10.39 12.07
C THR C 504 -26.26 -10.72 11.63
N SER C 505 -26.41 -11.13 10.37
CA SER C 505 -27.73 -11.55 9.90
C SER C 505 -28.23 -12.75 10.70
N TYR C 506 -27.34 -13.68 11.03
CA TYR C 506 -27.72 -14.82 11.84
C TYR C 506 -28.17 -14.39 13.23
N LEU C 507 -27.52 -13.37 13.80
CA LEU C 507 -27.97 -12.80 15.07
C LEU C 507 -29.36 -12.22 14.97
N TRP C 508 -29.65 -11.49 13.88
CA TRP C 508 -31.00 -10.96 13.70
C TRP C 508 -32.02 -12.09 13.68
N THR C 509 -31.72 -13.16 12.92
CA THR C 509 -32.63 -14.29 12.85
C THR C 509 -32.81 -14.96 14.21
N LEU C 510 -31.72 -15.14 14.96
CA LEU C 510 -31.80 -15.75 16.28
C LEU C 510 -32.64 -14.91 17.22
N ALA C 511 -32.44 -13.59 17.19
CA ALA C 511 -33.20 -12.71 18.07
C ALA C 511 -34.68 -12.75 17.76
N ILE C 512 -35.05 -12.74 16.47
CA ILE C 512 -36.47 -12.79 16.13
C ILE C 512 -37.06 -14.15 16.47
N ASP C 513 -36.28 -15.22 16.31
CA ASP C 513 -36.76 -16.54 16.68
C ASP C 513 -37.01 -16.64 18.17
N ARG C 514 -36.08 -16.13 18.99
CA ARG C 514 -36.27 -16.14 20.44
C ARG C 514 -37.46 -15.29 20.84
N LEU C 515 -37.63 -14.13 20.19
CA LEU C 515 -38.78 -13.27 20.48
C LEU C 515 -40.09 -13.96 20.12
N SER C 516 -40.07 -14.85 19.12
CA SER C 516 -41.30 -15.50 18.69
C SER C 516 -41.92 -16.37 19.77
N GLU C 517 -41.18 -16.71 20.82
CA GLU C 517 -41.70 -17.57 21.88
C GLU C 517 -42.43 -16.81 22.98
N LEU C 518 -42.49 -15.48 22.90
CA LEU C 518 -43.16 -14.70 23.93
C LEU C 518 -44.68 -14.84 23.82
N SER C 519 -45.35 -14.70 24.96
CA SER C 519 -46.81 -14.85 25.01
C SER C 519 -47.54 -13.64 24.44
N SER C 520 -46.97 -12.45 24.58
CA SER C 520 -47.64 -11.23 24.14
C SER C 520 -47.77 -11.23 22.62
N PRO C 521 -48.87 -10.70 22.08
CA PRO C 521 -49.07 -10.67 20.63
C PRO C 521 -48.55 -9.42 19.94
N LYS C 522 -48.15 -8.39 20.69
CA LYS C 522 -47.64 -7.15 20.11
C LYS C 522 -46.13 -7.00 20.29
N SER C 523 -45.42 -8.10 20.54
CA SER C 523 -43.97 -8.03 20.71
C SER C 523 -43.27 -7.71 19.39
N LEU C 524 -43.80 -8.20 18.28
CA LEU C 524 -43.15 -8.01 16.99
C LEU C 524 -43.11 -6.53 16.61
N ARG C 525 -44.21 -5.81 16.81
CA ARG C 525 -44.26 -4.39 16.46
C ARG C 525 -43.26 -3.59 17.28
N ILE C 526 -43.23 -3.84 18.60
CA ILE C 526 -42.27 -3.16 19.47
C ILE C 526 -40.85 -3.44 19.01
N PHE C 527 -40.55 -4.72 18.76
CA PHE C 527 -39.21 -5.10 18.33
C PHE C 527 -38.82 -4.35 17.06
N ILE C 528 -39.68 -4.38 16.05
CA ILE C 528 -39.29 -3.84 14.74
C ILE C 528 -39.16 -2.32 14.80
N ASP C 529 -40.07 -1.64 15.52
CA ASP C 529 -39.97 -0.18 15.52
C ASP C 529 -38.79 0.30 16.36
N GLU C 530 -38.50 -0.36 17.48
CA GLU C 530 -37.32 0.02 18.26
C GLU C 530 -36.03 -0.26 17.49
N VAL C 531 -35.97 -1.40 16.81
CA VAL C 531 -34.78 -1.69 16.01
C VAL C 531 -34.64 -0.69 14.86
N ARG C 532 -35.77 -0.25 14.29
CA ARG C 532 -35.73 0.78 13.26
C ARG C 532 -35.13 2.07 13.80
N LYS C 533 -35.57 2.48 15.00
CA LYS C 533 -35.02 3.69 15.61
C LYS C 533 -33.51 3.55 15.84
N MET C 534 -33.08 2.41 16.36
CA MET C 534 -31.66 2.20 16.61
C MET C 534 -30.86 2.27 15.32
N GLN C 535 -31.37 1.67 14.25
CA GLN C 535 -30.65 1.67 12.98
C GLN C 535 -30.58 3.06 12.38
N ILE C 536 -31.65 3.85 12.49
CA ILE C 536 -31.62 5.22 11.98
C ILE C 536 -30.59 6.04 12.75
N GLY C 537 -30.57 5.90 14.07
CA GLY C 537 -29.58 6.63 14.87
C GLY C 537 -28.15 6.23 14.51
N GLN C 538 -27.91 4.93 14.31
CA GLN C 538 -26.58 4.49 13.93
C GLN C 538 -26.19 5.01 12.56
N SER C 539 -27.14 5.07 11.62
CA SER C 539 -26.85 5.61 10.30
C SER C 539 -26.44 7.07 10.37
N PHE C 540 -27.15 7.87 11.16
CA PHE C 540 -26.79 9.28 11.30
C PHE C 540 -25.43 9.43 11.97
N ASP C 541 -25.16 8.60 12.99
CA ASP C 541 -23.87 8.66 13.66
C ASP C 541 -22.73 8.34 12.70
N LEU C 542 -22.91 7.34 11.83
CA LEU C 542 -21.89 7.01 10.85
C LEU C 542 -21.72 8.13 9.83
N HIS C 543 -22.83 8.70 9.35
CA HIS C 543 -22.75 9.70 8.30
C HIS C 543 -22.08 10.98 8.79
N TRP C 544 -22.35 11.40 10.02
CA TRP C 544 -21.72 12.61 10.53
C TRP C 544 -20.21 12.48 10.56
N THR C 545 -19.72 11.32 11.00
CA THR C 545 -18.27 11.10 11.02
C THR C 545 -17.70 10.99 9.61
N ALA C 546 -18.39 10.30 8.71
CA ALA C 546 -17.86 10.11 7.36
C ALA C 546 -17.80 11.43 6.60
N ALA C 547 -18.84 12.26 6.71
CA ALA C 547 -18.92 13.49 5.92
C ALA C 547 -18.16 14.66 6.54
N LEU C 548 -17.57 14.48 7.72
CA LEU C 548 -16.80 15.51 8.40
C LEU C 548 -17.63 16.76 8.66
N GLN C 549 -18.90 16.57 9.02
CA GLN C 549 -19.77 17.68 9.40
C GLN C 549 -20.14 17.53 10.87
N CYS C 550 -19.86 18.57 11.64
CA CYS C 550 -20.10 18.53 13.07
C CYS C 550 -21.57 18.83 13.37
N PRO C 551 -22.26 17.94 14.07
CA PRO C 551 -23.64 18.22 14.47
C PRO C 551 -23.70 19.22 15.61
N SER C 552 -24.88 19.82 15.77
CA SER C 552 -25.13 20.67 16.92
C SER C 552 -25.33 19.81 18.16
N GLU C 553 -25.37 20.46 19.32
CA GLU C 553 -25.58 19.73 20.57
C GLU C 553 -26.96 19.08 20.60
N GLU C 554 -27.98 19.80 20.12
CA GLU C 554 -29.34 19.23 20.11
C GLU C 554 -29.43 18.04 19.18
N GLU C 555 -28.84 18.13 17.99
CA GLU C 555 -28.86 17.02 17.05
C GLU C 555 -28.12 15.81 17.60
N TYR C 556 -26.96 16.04 18.24
CA TYR C 556 -26.21 14.95 18.83
C TYR C 556 -27.00 14.30 19.97
N LEU C 557 -27.67 15.11 20.79
CA LEU C 557 -28.47 14.56 21.87
C LEU C 557 -29.63 13.73 21.34
N SER C 558 -30.29 14.20 20.28
CA SER C 558 -31.36 13.42 19.67
C SER C 558 -30.84 12.11 19.10
N MET C 559 -29.68 12.17 18.43
CA MET C 559 -29.11 10.96 17.84
C MET C 559 -28.75 9.95 18.92
N ILE C 560 -28.14 10.39 20.01
CA ILE C 560 -27.78 9.44 21.06
C ILE C 560 -29.02 8.93 21.76
N ASP C 561 -30.05 9.77 21.94
CA ASP C 561 -31.32 9.28 22.45
C ASP C 561 -31.82 8.11 21.63
N MET C 562 -32.00 8.32 20.32
CA MET C 562 -32.43 7.23 19.44
C MET C 562 -31.52 6.01 19.61
N LYS C 563 -30.24 6.17 19.29
CA LYS C 563 -29.33 5.04 19.14
C LYS C 563 -29.17 4.25 20.44
N THR C 564 -29.05 4.93 21.58
CA THR C 564 -28.82 4.24 22.84
C THR C 564 -30.11 3.82 23.53
N GLY C 565 -31.07 4.74 23.66
CA GLY C 565 -32.30 4.40 24.35
C GLY C 565 -33.26 3.54 23.56
N GLY C 566 -33.00 3.27 22.28
CA GLY C 566 -33.83 2.31 21.57
C GLY C 566 -33.81 0.95 22.24
N LEU C 567 -32.63 0.46 22.58
CA LEU C 567 -32.53 -0.81 23.29
C LEU C 567 -33.16 -0.73 24.68
N PHE C 568 -32.94 0.38 25.38
CA PHE C 568 -33.44 0.51 26.75
C PHE C 568 -34.96 0.46 26.78
N HIS C 569 -35.63 1.25 25.94
CA HIS C 569 -37.08 1.23 26.02
C HIS C 569 -37.71 0.12 25.16
N LEU C 570 -36.94 -0.54 24.28
CA LEU C 570 -37.37 -1.85 23.80
C LEU C 570 -37.47 -2.82 24.96
N LEU C 571 -36.44 -2.85 25.80
CA LEU C 571 -36.46 -3.67 27.00
C LEU C 571 -37.66 -3.34 27.87
N ILE C 572 -37.89 -2.04 28.10
CA ILE C 572 -38.98 -1.60 28.96
C ILE C 572 -40.33 -2.03 28.39
N ARG C 573 -40.53 -1.80 27.09
CA ARG C 573 -41.83 -2.12 26.48
C ARG C 573 -42.08 -3.62 26.46
N LEU C 574 -41.04 -4.41 26.13
CA LEU C 574 -41.21 -5.86 26.14
C LEU C 574 -41.51 -6.37 27.54
N MET C 575 -40.87 -5.80 28.55
CA MET C 575 -41.10 -6.24 29.92
C MET C 575 -42.50 -5.85 30.40
N ILE C 576 -42.96 -4.65 30.05
CA ILE C 576 -44.31 -4.24 30.44
C ILE C 576 -45.36 -5.08 29.74
N ALA C 577 -45.17 -5.35 28.44
CA ALA C 577 -46.18 -6.08 27.68
C ALA C 577 -46.37 -7.49 28.21
N GLU C 578 -45.28 -8.16 28.56
CA GLU C 578 -45.35 -9.53 29.06
C GLU C 578 -45.77 -9.54 30.53
N MET C 585 -47.59 4.06 34.54
CA MET C 585 -46.41 4.92 34.71
C MET C 585 -45.80 5.27 33.37
N ASP C 586 -44.90 6.26 33.36
CA ASP C 586 -44.20 6.70 32.17
C ASP C 586 -42.71 6.49 32.36
N PHE C 587 -42.07 5.89 31.36
CA PHE C 587 -40.66 5.53 31.44
C PHE C 587 -39.80 6.29 30.42
N SER C 588 -40.38 7.18 29.63
CA SER C 588 -39.61 7.86 28.59
C SER C 588 -38.53 8.76 29.18
N GLY C 589 -38.86 9.52 30.22
CA GLY C 589 -37.89 10.44 30.79
C GLY C 589 -36.72 9.71 31.43
N LEU C 590 -37.00 8.65 32.19
CA LEU C 590 -35.94 7.88 32.81
C LEU C 590 -35.05 7.23 31.77
N VAL C 591 -35.64 6.69 30.70
CA VAL C 591 -34.87 6.05 29.64
C VAL C 591 -33.96 7.05 28.95
N SER C 592 -34.50 8.23 28.61
CA SER C 592 -33.69 9.24 27.96
C SER C 592 -32.55 9.71 28.85
N MET C 593 -32.85 9.97 30.12
CA MET C 593 -31.82 10.43 31.04
C MET C 593 -30.73 9.38 31.23
N THR C 594 -31.12 8.10 31.38
CA THR C 594 -30.15 7.04 31.55
C THR C 594 -29.27 6.88 30.32
N GLY C 595 -29.87 6.93 29.13
CA GLY C 595 -29.08 6.80 27.91
C GLY C 595 -28.07 7.92 27.76
N ARG C 596 -28.52 9.16 27.97
CA ARG C 596 -27.60 10.30 27.87
C ARG C 596 -26.50 10.21 28.91
N TYR C 597 -26.86 9.87 30.15
CA TYR C 597 -25.86 9.78 31.22
C TYR C 597 -24.81 8.73 30.86
N PHE C 598 -25.27 7.55 30.42
CA PHE C 598 -24.35 6.48 30.04
C PHE C 598 -23.41 6.93 28.92
N GLN C 599 -23.97 7.55 27.87
CA GLN C 599 -23.16 7.90 26.72
C GLN C 599 -22.11 8.96 27.05
N ILE C 600 -22.51 10.06 27.68
CA ILE C 600 -21.53 11.11 27.96
C ILE C 600 -20.57 10.68 29.07
N ARG C 601 -21.00 9.82 30.01
CA ARG C 601 -20.06 9.28 30.99
C ARG C 601 -19.00 8.42 30.30
N ASP C 602 -19.41 7.62 29.32
CA ASP C 602 -18.43 6.86 28.55
C ASP C 602 -17.49 7.78 27.78
N ASP C 603 -18.02 8.88 27.26
CA ASP C 603 -17.18 9.85 26.55
C ASP C 603 -16.10 10.42 27.46
N LEU C 604 -16.48 10.83 28.68
CA LEU C 604 -15.49 11.31 29.63
C LEU C 604 -14.50 10.22 30.03
N SER C 605 -14.98 9.00 30.25
CA SER C 605 -14.07 7.91 30.61
C SER C 605 -13.06 7.67 29.51
N ASN C 606 -13.46 7.83 28.25
CA ASN C 606 -12.53 7.62 27.14
C ASN C 606 -11.54 8.78 27.03
N LEU C 607 -12.02 10.01 27.21
CA LEU C 607 -11.17 11.17 26.93
C LEU C 607 -10.28 11.54 28.12
N THR C 608 -10.89 11.81 29.28
CA THR C 608 -10.15 12.33 30.42
C THR C 608 -9.11 11.33 30.91
N SER C 609 -9.48 10.04 31.00
CA SER C 609 -8.57 9.01 31.48
C SER C 609 -7.42 8.79 30.48
N LEU C 622 -11.38 9.18 19.62
CA LEU C 622 -10.50 10.18 19.01
C LEU C 622 -9.81 9.61 17.78
N ASP C 623 -9.36 8.36 17.88
CA ASP C 623 -8.74 7.68 16.75
C ASP C 623 -9.75 7.13 15.76
N GLU C 624 -11.03 7.10 16.12
CA GLU C 624 -12.09 6.66 15.21
C GLU C 624 -12.82 7.81 14.55
N GLY C 625 -12.64 9.04 15.04
CA GLY C 625 -13.25 10.21 14.45
C GLY C 625 -14.67 10.49 14.89
N LYS C 626 -15.21 9.76 15.86
CA LYS C 626 -16.56 9.99 16.32
C LYS C 626 -16.68 11.35 16.99
N TYR C 627 -17.78 12.04 16.72
CA TYR C 627 -18.02 13.37 17.27
C TYR C 627 -18.65 13.22 18.65
N SER C 628 -17.86 13.40 19.69
CA SER C 628 -18.34 13.35 21.06
C SER C 628 -18.83 14.73 21.46
N LEU C 629 -19.21 14.89 22.73
CA LEU C 629 -19.68 16.18 23.24
C LEU C 629 -18.53 17.14 23.47
N PRO C 630 -17.41 16.71 24.09
CA PRO C 630 -16.27 17.65 24.20
C PRO C 630 -15.76 18.15 22.86
N LEU C 631 -15.72 17.28 21.85
CA LEU C 631 -15.27 17.72 20.52
C LEU C 631 -16.23 18.75 19.93
N ILE C 632 -17.53 18.51 20.06
CA ILE C 632 -18.52 19.44 19.54
C ILE C 632 -18.40 20.80 20.23
N HIS C 633 -18.23 20.79 21.55
CA HIS C 633 -18.08 22.05 22.27
C HIS C 633 -16.78 22.76 21.88
N ALA C 634 -15.69 22.01 21.74
CA ALA C 634 -14.41 22.62 21.40
C ALA C 634 -14.44 23.23 20.01
N LEU C 635 -15.08 22.56 19.05
CA LEU C 635 -15.08 23.05 17.67
C LEU C 635 -15.79 24.39 17.50
N LYS C 636 -16.56 24.83 18.49
CA LYS C 636 -17.27 26.10 18.41
C LYS C 636 -16.84 27.10 19.47
N HIS C 637 -15.89 26.75 20.34
CA HIS C 637 -15.43 27.65 21.39
C HIS C 637 -13.91 27.59 21.51
N THR C 638 -13.22 27.63 20.37
CA THR C 638 -11.77 27.57 20.35
C THR C 638 -11.23 28.62 19.39
N LYS C 639 -9.97 29.00 19.62
CA LYS C 639 -9.28 29.93 18.74
C LYS C 639 -8.53 29.21 17.62
N ASN C 640 -8.05 28.00 17.88
CA ASN C 640 -7.36 27.20 16.87
C ASN C 640 -8.34 26.29 16.13
N LYS C 641 -9.39 26.88 15.56
CA LYS C 641 -10.39 26.09 14.85
C LYS C 641 -9.80 25.45 13.60
N VAL C 642 -8.97 26.20 12.87
CA VAL C 642 -8.36 25.66 11.66
C VAL C 642 -7.46 24.48 11.98
N GLN C 643 -6.69 24.59 13.07
CA GLN C 643 -5.79 23.50 13.46
C GLN C 643 -6.57 22.24 13.82
N LEU C 644 -7.66 22.39 14.59
CA LEU C 644 -8.46 21.22 14.95
C LEU C 644 -9.13 20.60 13.73
N GLU C 645 -9.66 21.43 12.84
CA GLU C 645 -10.28 20.90 11.62
C GLU C 645 -9.25 20.17 10.76
N SER C 646 -8.04 20.72 10.65
CA SER C 646 -6.99 20.06 9.88
C SER C 646 -6.57 18.76 10.53
N LEU C 647 -6.53 18.71 11.87
CA LEU C 647 -6.23 17.47 12.56
C LEU C 647 -7.27 16.40 12.26
N LEU C 648 -8.54 16.77 12.27
CA LEU C 648 -9.60 15.81 11.94
C LEU C 648 -9.49 15.35 10.48
N ILE C 649 -9.22 16.27 9.57
CA ILE C 649 -9.11 15.91 8.15
C ILE C 649 -7.94 14.95 7.94
N GLN C 650 -6.79 15.23 8.57
CA GLN C 650 -5.64 14.36 8.41
C GLN C 650 -5.85 13.02 9.08
N ARG C 651 -6.59 12.98 10.19
CA ARG C 651 -6.95 11.71 10.79
C ARG C 651 -7.80 10.88 9.85
N LYS C 652 -8.77 11.51 9.18
CA LYS C 652 -9.57 10.79 8.19
C LYS C 652 -8.71 10.30 7.03
N THR C 653 -7.79 11.14 6.56
CA THR C 653 -6.98 10.79 5.39
C THR C 653 -6.04 9.63 5.70
N GLN C 654 -5.31 9.71 6.81
CA GLN C 654 -4.33 8.69 7.16
C GLN C 654 -4.97 7.42 7.73
N GLY C 655 -6.25 7.45 8.05
CA GLY C 655 -6.93 6.31 8.64
C GLY C 655 -6.84 6.21 10.14
N GLY C 656 -6.11 7.12 10.79
CA GLY C 656 -5.99 7.10 12.24
C GLY C 656 -5.17 8.28 12.70
N MET C 657 -5.07 8.41 14.01
CA MET C 657 -4.32 9.48 14.65
C MET C 657 -3.15 8.92 15.43
N THR C 658 -2.08 9.71 15.52
CA THR C 658 -0.89 9.33 16.26
C THR C 658 -0.95 9.89 17.68
N LEU C 659 0.02 9.47 18.50
CA LEU C 659 0.04 9.89 19.90
C LEU C 659 0.24 11.38 20.04
N GLU C 660 1.12 11.97 19.23
CA GLU C 660 1.34 13.42 19.28
C GLU C 660 0.10 14.17 18.84
N MET C 661 -0.57 13.70 17.79
CA MET C 661 -1.81 14.33 17.35
C MET C 661 -2.89 14.23 18.43
N LYS C 662 -2.98 13.08 19.10
CA LYS C 662 -3.94 12.93 20.19
C LYS C 662 -3.64 13.89 21.32
N ARG C 663 -2.37 14.03 21.69
CA ARG C 663 -1.99 14.96 22.75
C ARG C 663 -2.33 16.40 22.35
N LEU C 664 -2.07 16.76 21.09
CA LEU C 664 -2.37 18.11 20.63
C LEU C 664 -3.88 18.38 20.65
N ALA C 665 -4.68 17.41 20.21
CA ALA C 665 -6.13 17.58 20.23
C ALA C 665 -6.65 17.68 21.65
N ILE C 666 -6.13 16.86 22.56
CA ILE C 666 -6.58 16.92 23.95
C ILE C 666 -6.20 18.25 24.57
N GLN C 667 -5.01 18.77 24.25
CA GLN C 667 -4.60 20.06 24.79
C GLN C 667 -5.47 21.19 24.24
N ILE C 668 -5.82 21.12 22.95
CA ILE C 668 -6.71 22.12 22.37
C ILE C 668 -8.08 22.07 23.06
N MET C 669 -8.58 20.86 23.31
CA MET C 669 -9.86 20.72 24.02
C MET C 669 -9.76 21.30 25.43
N LYS C 670 -8.65 21.04 26.12
CA LYS C 670 -8.48 21.54 27.49
C LYS C 670 -8.43 23.07 27.51
N GLU C 671 -7.71 23.67 26.56
CA GLU C 671 -7.62 25.13 26.53
C GLU C 671 -8.96 25.79 26.25
N ALA C 672 -9.91 25.09 25.65
CA ALA C 672 -11.24 25.63 25.39
C ALA C 672 -12.21 25.42 26.54
N GLY C 673 -11.81 24.66 27.57
CA GLY C 673 -12.69 24.40 28.69
C GLY C 673 -13.78 23.39 28.42
N SER C 674 -13.65 22.59 27.36
CA SER C 674 -14.68 21.61 27.02
C SER C 674 -14.74 20.49 28.06
N LEU C 675 -13.59 20.05 28.55
CA LEU C 675 -13.54 18.93 29.48
C LEU C 675 -14.16 19.25 30.84
N GLU C 676 -14.38 20.53 31.15
CA GLU C 676 -15.11 20.90 32.36
C GLU C 676 -16.59 21.08 32.09
N HIS C 677 -16.93 21.61 30.91
CA HIS C 677 -18.33 21.73 30.52
C HIS C 677 -18.99 20.35 30.44
N THR C 678 -18.30 19.38 29.86
CA THR C 678 -18.88 18.04 29.77
C THR C 678 -18.99 17.38 31.15
N ARG C 679 -18.07 17.68 32.07
CA ARG C 679 -18.19 17.15 33.43
C ARG C 679 -19.38 17.76 34.16
N LYS C 680 -19.60 19.07 33.97
CA LYS C 680 -20.79 19.69 34.53
C LYS C 680 -22.06 19.09 33.94
N VAL C 681 -22.04 18.80 32.64
CA VAL C 681 -23.18 18.15 31.99
C VAL C 681 -23.42 16.76 32.60
N VAL C 682 -22.34 16.01 32.85
CA VAL C 682 -22.47 14.69 33.45
C VAL C 682 -23.07 14.79 34.85
N LEU C 683 -22.62 15.77 35.64
CA LEU C 683 -23.19 15.94 36.97
C LEU C 683 -24.67 16.26 36.90
N GLU C 684 -25.05 17.17 36.00
CA GLU C 684 -26.47 17.50 35.84
C GLU C 684 -27.29 16.28 35.43
N LEU C 685 -26.76 15.48 34.49
CA LEU C 685 -27.46 14.29 34.04
C LEU C 685 -27.60 13.27 35.16
N GLN C 686 -26.55 13.12 35.98
CA GLN C 686 -26.61 12.19 37.10
C GLN C 686 -27.69 12.62 38.10
N ASP C 687 -27.74 13.91 38.41
CA ASP C 687 -28.79 14.41 39.30
C ASP C 687 -30.18 14.18 38.69
N ALA C 688 -30.31 14.41 37.37
CA ALA C 688 -31.59 14.20 36.71
C ALA C 688 -32.02 12.74 36.77
N VAL C 689 -31.08 11.81 36.56
CA VAL C 689 -31.41 10.39 36.63
C VAL C 689 -31.84 10.00 38.04
N HIS C 690 -31.11 10.49 39.04
CA HIS C 690 -31.43 10.14 40.42
C HIS C 690 -32.80 10.70 40.82
N ARG C 691 -33.14 11.90 40.35
CA ARG C 691 -34.45 12.46 40.66
C ARG C 691 -35.56 11.82 39.84
N GLU C 692 -35.24 11.30 38.64
CA GLU C 692 -36.26 10.61 37.84
C GLU C 692 -36.59 9.25 38.42
N LEU C 693 -35.60 8.56 38.98
CA LEU C 693 -35.86 7.25 39.59
C LEU C 693 -36.79 7.37 40.80
N ALA C 694 -36.66 8.46 41.57
CA ALA C 694 -37.49 8.63 42.76
C ALA C 694 -38.96 8.75 42.41
N LYS C 695 -39.28 9.47 41.33
CA LYS C 695 -40.68 9.63 40.94
C LYS C 695 -41.30 8.30 40.57
N LEU C 696 -40.53 7.39 39.98
CA LEU C 696 -41.05 6.05 39.70
C LEU C 696 -41.14 5.22 40.98
N GLU C 697 -40.19 5.40 41.91
CA GLU C 697 -40.22 4.63 43.14
C GLU C 697 -41.42 4.99 44.02
N GLU C 698 -41.91 6.22 43.92
CA GLU C 698 -43.03 6.65 44.74
C GLU C 698 -44.38 6.24 44.16
N ALA C 699 -44.43 5.81 42.90
CA ALA C 699 -45.69 5.41 42.29
C ALA C 699 -45.97 3.93 42.44
N PHE C 700 -44.93 3.09 42.46
CA PHE C 700 -45.09 1.66 42.65
C PHE C 700 -45.14 1.27 44.12
N GLY C 701 -44.91 2.20 45.04
CA GLY C 701 -44.91 1.89 46.46
C GLY C 701 -43.83 0.92 46.88
N GLN C 702 -42.68 0.98 46.22
CA GLN C 702 -41.55 0.11 46.57
C GLN C 702 -40.26 0.77 46.13
N GLU C 703 -39.17 0.32 46.73
CA GLU C 703 -37.83 0.85 46.45
C GLU C 703 -36.99 -0.26 45.83
N ASN C 704 -36.30 0.06 44.74
CA ASN C 704 -35.42 -0.89 44.07
C ASN C 704 -34.02 -0.73 44.65
N TYR C 705 -33.55 -1.76 45.35
CA TYR C 705 -32.26 -1.74 46.01
C TYR C 705 -31.13 -2.28 45.12
N VAL C 706 -31.43 -2.65 43.89
CA VAL C 706 -30.42 -3.13 42.96
C VAL C 706 -30.19 -2.17 41.79
N ILE C 707 -31.25 -1.51 41.29
CA ILE C 707 -31.05 -0.46 40.30
C ILE C 707 -30.23 0.68 40.90
N GLN C 708 -30.53 1.06 42.14
CA GLN C 708 -29.74 2.07 42.82
C GLN C 708 -28.30 1.62 43.01
N LEU C 709 -28.10 0.33 43.31
CA LEU C 709 -26.75 -0.20 43.41
C LEU C 709 -26.02 -0.13 42.07
N ALA C 710 -26.73 -0.44 40.99
CA ALA C 710 -26.11 -0.36 39.66
C ALA C 710 -25.73 1.08 39.32
N LEU C 711 -26.59 2.04 39.67
CA LEU C 711 -26.27 3.44 39.44
C LEU C 711 -25.08 3.88 40.29
N GLU C 712 -25.02 3.42 41.54
CA GLU C 712 -23.89 3.75 42.40
C GLU C 712 -22.59 3.13 41.90
N ARG C 713 -22.67 1.99 41.22
CA ARG C 713 -21.49 1.41 40.59
C ARG C 713 -20.98 2.27 39.44
N LEU C 714 -21.80 3.18 38.92
CA LEU C 714 -21.42 4.11 37.87
C LEU C 714 -21.39 5.56 38.34
N ARG C 715 -21.07 5.77 39.62
CA ARG C 715 -21.07 7.12 40.18
C ARG C 715 -19.94 7.94 39.58
N ILE C 716 -20.29 9.11 39.06
CA ILE C 716 -19.37 10.04 38.37
C ILE C 716 -18.27 9.33 37.58
N VAL D 418 32.33 25.65 -7.33
CA VAL D 418 31.28 26.49 -7.88
C VAL D 418 30.09 25.63 -8.30
N LEU D 419 28.94 25.86 -7.67
CA LEU D 419 27.71 25.14 -7.97
C LEU D 419 26.71 26.08 -8.63
N GLY D 420 26.17 25.66 -9.77
CA GLY D 420 25.31 26.49 -10.57
C GLY D 420 23.83 26.15 -10.42
N ASP D 421 23.01 26.91 -11.13
CA ASP D 421 21.55 26.75 -11.08
C ASP D 421 21.05 25.88 -12.22
N GLU D 422 21.57 24.66 -12.29
CA GLU D 422 21.12 23.70 -13.30
C GLU D 422 20.10 22.70 -12.76
N ILE D 423 20.10 22.45 -11.46
CA ILE D 423 19.15 21.52 -10.86
C ILE D 423 17.87 22.24 -10.43
N VAL D 424 18.01 23.42 -9.82
CA VAL D 424 16.85 24.15 -9.32
C VAL D 424 16.00 24.68 -10.45
N SER D 425 16.60 24.97 -11.60
CA SER D 425 15.87 25.57 -12.72
C SER D 425 15.30 24.54 -13.69
N ALA D 426 15.54 23.25 -13.47
CA ALA D 426 15.04 22.24 -14.41
C ALA D 426 13.53 22.18 -14.48
N PRO D 427 12.78 22.10 -13.37
CA PRO D 427 11.31 22.15 -13.49
C PRO D 427 10.81 23.45 -14.11
N ILE D 428 11.48 24.56 -13.82
CA ILE D 428 11.10 25.85 -14.40
C ILE D 428 11.29 25.82 -15.91
N LYS D 429 12.43 25.34 -16.37
CA LYS D 429 12.66 25.22 -17.80
C LYS D 429 11.82 24.13 -18.45
N TYR D 430 11.20 23.26 -17.65
CA TYR D 430 10.34 22.22 -18.20
C TYR D 430 8.91 22.71 -18.39
N LEU D 431 8.32 23.35 -17.37
CA LEU D 431 6.94 23.80 -17.49
C LEU D 431 6.80 25.14 -18.22
N GLU D 432 7.90 25.83 -18.50
CA GLU D 432 7.84 27.05 -19.27
C GLU D 432 8.03 26.80 -20.77
N SER D 433 8.14 25.54 -21.17
CA SER D 433 8.26 25.19 -22.58
C SER D 433 7.02 24.50 -23.14
N LEU D 434 6.11 24.05 -22.28
CA LEU D 434 4.88 23.44 -22.76
C LEU D 434 3.98 24.50 -23.39
N PRO D 435 3.36 24.19 -24.53
CA PRO D 435 2.53 25.19 -25.21
C PRO D 435 1.28 25.53 -24.40
N SER D 436 0.84 26.78 -24.54
CA SER D 436 -0.36 27.25 -23.86
C SER D 436 -0.99 28.36 -24.69
N LYS D 437 -2.28 28.59 -24.46
CA LYS D 437 -3.01 29.67 -25.13
C LYS D 437 -2.72 30.97 -24.41
N GLY D 438 -2.00 31.88 -25.07
CA GLY D 438 -1.57 33.11 -24.45
C GLY D 438 -2.67 34.15 -24.30
N PHE D 439 -3.69 33.84 -23.51
CA PHE D 439 -4.75 34.81 -23.25
C PHE D 439 -4.21 36.01 -22.48
N ARG D 440 -3.43 35.76 -21.43
CA ARG D 440 -2.79 36.85 -20.71
C ARG D 440 -1.77 37.58 -21.58
N GLU D 441 -1.04 36.82 -22.40
CA GLU D 441 -0.15 37.43 -23.37
C GLU D 441 -0.92 38.30 -24.36
N ALA D 442 -2.08 37.83 -24.80
CA ALA D 442 -2.91 38.61 -25.71
C ALA D 442 -3.40 39.90 -25.04
N ILE D 443 -3.79 39.81 -23.77
CA ILE D 443 -4.25 41.01 -23.06
C ILE D 443 -3.10 42.02 -22.92
N ILE D 444 -1.90 41.53 -22.60
CA ILE D 444 -0.75 42.41 -22.50
C ILE D 444 -0.47 43.09 -23.84
N ASP D 445 -0.48 42.31 -24.92
CA ASP D 445 -0.20 42.85 -26.24
C ASP D 445 -1.34 43.74 -26.75
N GLY D 446 -2.52 43.64 -26.17
CA GLY D 446 -3.64 44.43 -26.62
C GLY D 446 -3.93 45.68 -25.82
N MET D 447 -3.43 45.75 -24.58
CA MET D 447 -3.70 46.92 -23.77
C MET D 447 -2.58 47.95 -23.84
N ASN D 448 -1.36 47.54 -24.20
CA ASN D 448 -0.31 48.52 -24.43
C ASN D 448 -0.59 49.38 -25.67
N GLY D 449 -1.53 48.97 -26.51
CA GLY D 449 -1.97 49.84 -27.58
C GLY D 449 -2.72 51.05 -27.07
N TRP D 450 -3.54 50.86 -26.03
CA TRP D 450 -4.29 51.97 -25.46
C TRP D 450 -3.35 52.99 -24.81
N LEU D 451 -2.44 52.52 -23.95
CA LEU D 451 -1.44 53.37 -23.34
C LEU D 451 -0.06 52.85 -23.74
N ASN D 452 0.72 53.70 -24.40
CA ASN D 452 1.97 53.27 -25.01
C ASN D 452 3.04 53.05 -23.96
N LEU D 453 3.78 51.96 -24.11
CA LEU D 453 4.88 51.60 -23.23
C LEU D 453 6.05 51.11 -24.05
N PRO D 454 7.27 51.29 -23.57
CA PRO D 454 8.44 50.74 -24.27
C PRO D 454 8.41 49.23 -24.30
N ALA D 455 9.11 48.66 -25.29
CA ALA D 455 9.13 47.21 -25.45
C ALA D 455 9.77 46.52 -24.26
N ARG D 456 10.79 47.13 -23.67
CA ARG D 456 11.46 46.51 -22.52
C ARG D 456 10.52 46.36 -21.33
N SER D 457 9.71 47.39 -21.06
CA SER D 457 8.75 47.31 -19.96
C SER D 457 7.71 46.22 -20.22
N VAL D 458 7.24 46.11 -21.47
CA VAL D 458 6.25 45.09 -21.80
C VAL D 458 6.86 43.70 -21.62
N SER D 459 8.12 43.51 -22.06
CA SER D 459 8.77 42.23 -21.89
C SER D 459 8.95 41.89 -20.40
N ILE D 460 9.32 42.88 -19.60
CA ILE D 460 9.48 42.65 -18.17
C ILE D 460 8.16 42.24 -17.54
N ILE D 461 7.07 42.92 -17.90
CA ILE D 461 5.76 42.61 -17.35
C ILE D 461 5.34 41.20 -17.77
N LYS D 462 5.59 40.84 -19.03
CA LYS D 462 5.26 39.51 -19.51
C LYS D 462 6.04 38.44 -18.72
N ASP D 463 7.33 38.68 -18.49
CA ASP D 463 8.14 37.73 -17.73
C ASP D 463 7.63 37.59 -16.30
N VAL D 464 7.28 38.71 -15.66
CA VAL D 464 6.78 38.65 -14.28
C VAL D 464 5.48 37.87 -14.22
N VAL D 465 4.56 38.15 -15.15
CA VAL D 465 3.28 37.45 -15.16
C VAL D 465 3.47 35.96 -15.41
N LYS D 466 4.36 35.61 -16.34
CA LYS D 466 4.62 34.21 -16.62
C LYS D 466 5.21 33.50 -15.41
N HIS D 467 6.15 34.14 -14.71
CA HIS D 467 6.72 33.54 -13.52
C HIS D 467 5.67 33.33 -12.43
N ILE D 468 4.80 34.32 -12.23
CA ILE D 468 3.76 34.19 -11.21
C ILE D 468 2.81 33.04 -11.56
N HIS D 469 2.39 32.97 -12.82
CA HIS D 469 1.48 31.90 -13.22
C HIS D 469 2.14 30.53 -13.08
N THR D 470 3.40 30.42 -13.49
CA THR D 470 4.11 29.14 -13.37
C THR D 470 4.22 28.73 -11.90
N ALA D 471 4.57 29.67 -11.02
CA ALA D 471 4.63 29.36 -9.60
C ALA D 471 3.27 28.92 -9.07
N SER D 472 2.20 29.50 -9.61
CA SER D 472 0.86 29.07 -9.24
C SER D 472 0.60 27.63 -9.68
N LEU D 473 1.08 27.27 -10.87
CA LEU D 473 0.91 25.89 -11.35
C LEU D 473 1.62 24.89 -10.45
N LEU D 474 2.90 25.11 -10.17
CA LEU D 474 3.65 24.22 -9.28
C LEU D 474 3.05 24.21 -7.88
N PRO D 489 3.12 14.97 -18.63
CA PRO D 489 3.13 14.61 -17.21
C PRO D 489 3.46 15.80 -16.31
N SER D 490 3.04 15.73 -15.05
CA SER D 490 3.28 16.82 -14.12
C SER D 490 4.77 16.93 -13.79
N ALA D 491 5.21 18.16 -13.52
CA ALA D 491 6.62 18.39 -13.20
C ALA D 491 7.02 17.71 -11.91
N HIS D 492 6.11 17.62 -10.94
CA HIS D 492 6.44 16.94 -9.69
C HIS D 492 6.50 15.43 -9.84
N ILE D 493 5.90 14.89 -10.91
CA ILE D 493 6.08 13.47 -11.20
C ILE D 493 7.50 13.20 -11.69
N ILE D 494 8.01 14.05 -12.59
CA ILE D 494 9.33 13.84 -13.16
C ILE D 494 10.43 14.21 -12.17
N PHE D 495 10.23 15.27 -11.37
CA PHE D 495 11.30 15.81 -10.55
C PHE D 495 11.10 15.60 -9.05
N GLY D 496 9.93 15.15 -8.61
CA GLY D 496 9.69 14.99 -7.19
C GLY D 496 9.01 16.20 -6.58
N VAL D 497 8.75 16.09 -5.29
CA VAL D 497 8.01 17.12 -4.56
C VAL D 497 8.95 18.19 -4.00
N SER D 498 10.02 17.77 -3.32
CA SER D 498 10.93 18.73 -2.70
C SER D 498 11.60 19.61 -3.74
N GLN D 499 12.04 19.02 -4.85
CA GLN D 499 12.63 19.81 -5.92
C GLN D 499 11.62 20.78 -6.50
N THR D 500 10.36 20.36 -6.61
CA THR D 500 9.32 21.25 -7.13
C THR D 500 9.09 22.44 -6.20
N VAL D 501 9.08 22.21 -4.89
CA VAL D 501 8.92 23.31 -3.94
C VAL D 501 10.12 24.26 -4.01
N ASN D 502 11.33 23.70 -4.09
CA ASN D 502 12.52 24.55 -4.21
C ASN D 502 12.46 25.38 -5.47
N SER D 503 12.01 24.79 -6.58
CA SER D 503 11.88 25.53 -7.83
C SER D 503 10.78 26.59 -7.75
N THR D 504 9.72 26.34 -6.98
CA THR D 504 8.69 27.35 -6.78
C THR D 504 9.27 28.57 -6.05
N SER D 505 10.06 28.31 -5.00
CA SER D 505 10.72 29.42 -4.29
C SER D 505 11.67 30.16 -5.22
N TYR D 506 12.40 29.43 -6.06
CA TYR D 506 13.28 30.05 -7.04
C TYR D 506 12.49 30.90 -8.03
N LEU D 507 11.30 30.44 -8.41
CA LEU D 507 10.42 31.24 -9.28
C LEU D 507 10.01 32.54 -8.62
N TRP D 508 9.66 32.48 -7.33
CA TRP D 508 9.33 33.71 -6.62
C TRP D 508 10.51 34.68 -6.63
N THR D 509 11.71 34.16 -6.36
CA THR D 509 12.90 35.02 -6.36
C THR D 509 13.15 35.61 -7.75
N LEU D 510 13.00 34.79 -8.80
CA LEU D 510 13.20 35.29 -10.16
C LEU D 510 12.20 36.37 -10.52
N ALA D 511 10.93 36.17 -10.13
CA ALA D 511 9.90 37.16 -10.43
C ALA D 511 10.18 38.47 -9.73
N ILE D 512 10.58 38.42 -8.45
CA ILE D 512 10.85 39.68 -7.75
C ILE D 512 12.11 40.34 -8.31
N ASP D 513 13.11 39.56 -8.72
CA ASP D 513 14.31 40.13 -9.32
C ASP D 513 13.98 40.82 -10.64
N ARG D 514 13.16 40.20 -11.47
CA ARG D 514 12.74 40.81 -12.73
C ARG D 514 11.93 42.07 -12.48
N LEU D 515 11.04 42.04 -11.48
CA LEU D 515 10.26 43.22 -11.14
C LEU D 515 11.14 44.37 -10.64
N SER D 516 12.28 44.04 -10.03
CA SER D 516 13.14 45.07 -9.46
C SER D 516 13.69 46.03 -10.51
N GLU D 517 13.64 45.66 -11.80
CA GLU D 517 14.19 46.49 -12.86
C GLU D 517 13.21 47.53 -13.39
N LEU D 518 11.98 47.56 -12.90
CA LEU D 518 11.00 48.52 -13.39
C LEU D 518 11.31 49.92 -12.87
N SER D 519 10.91 50.92 -13.66
CA SER D 519 11.19 52.31 -13.31
C SER D 519 10.26 52.83 -12.22
N SER D 520 9.04 52.32 -12.15
CA SER D 520 8.07 52.81 -11.17
C SER D 520 8.53 52.48 -9.75
N PRO D 521 8.27 53.37 -8.79
CA PRO D 521 8.70 53.11 -7.41
C PRO D 521 7.67 52.39 -6.54
N LYS D 522 6.43 52.24 -7.01
CA LYS D 522 5.38 51.55 -6.25
C LYS D 522 5.05 50.18 -6.82
N SER D 523 5.97 49.59 -7.60
CA SER D 523 5.72 48.27 -8.17
C SER D 523 5.73 47.19 -7.09
N LEU D 524 6.59 47.33 -6.09
CA LEU D 524 6.72 46.30 -5.06
C LEU D 524 5.43 46.15 -4.27
N ARG D 525 4.79 47.26 -3.89
CA ARG D 525 3.57 47.18 -3.11
C ARG D 525 2.45 46.50 -3.91
N ILE D 526 2.30 46.88 -5.18
CA ILE D 526 1.30 46.25 -6.04
C ILE D 526 1.57 44.75 -6.13
N PHE D 527 2.82 44.38 -6.41
CA PHE D 527 3.16 42.98 -6.53
C PHE D 527 2.81 42.20 -5.28
N ILE D 528 3.23 42.71 -4.12
CA ILE D 528 3.07 41.93 -2.89
C ILE D 528 1.60 41.82 -2.50
N ASP D 529 0.83 42.90 -2.65
CA ASP D 529 -0.57 42.81 -2.22
C ASP D 529 -1.39 41.95 -3.18
N GLU D 530 -1.13 42.03 -4.48
CA GLU D 530 -1.84 41.16 -5.42
C GLU D 530 -1.48 39.69 -5.21
N VAL D 531 -0.19 39.41 -4.96
CA VAL D 531 0.21 38.03 -4.70
C VAL D 531 -0.40 37.54 -3.40
N ARG D 532 -0.52 38.42 -2.40
CA ARG D 532 -1.18 38.07 -1.15
C ARG D 532 -2.64 37.66 -1.39
N LYS D 533 -3.35 38.45 -2.20
CA LYS D 533 -4.73 38.12 -2.52
C LYS D 533 -4.83 36.77 -3.23
N MET D 534 -3.95 36.53 -4.20
CA MET D 534 -3.95 35.26 -4.93
C MET D 534 -3.73 34.09 -3.98
N GLN D 535 -2.78 34.23 -3.05
CA GLN D 535 -2.47 33.16 -2.13
C GLN D 535 -3.62 32.89 -1.16
N ILE D 536 -4.29 33.94 -0.69
CA ILE D 536 -5.45 33.75 0.19
C ILE D 536 -6.56 33.01 -0.55
N GLY D 537 -6.85 33.42 -1.79
CA GLY D 537 -7.86 32.72 -2.56
C GLY D 537 -7.52 31.26 -2.79
N GLN D 538 -6.26 30.98 -3.10
CA GLN D 538 -5.84 29.59 -3.31
C GLN D 538 -5.97 28.78 -2.02
N SER D 539 -5.65 29.39 -0.88
CA SER D 539 -5.79 28.68 0.39
C SER D 539 -7.25 28.31 0.65
N PHE D 540 -8.17 29.25 0.41
CA PHE D 540 -9.58 28.94 0.61
C PHE D 540 -10.06 27.86 -0.35
N ASP D 541 -9.61 27.91 -1.60
CA ASP D 541 -9.98 26.90 -2.57
C ASP D 541 -9.50 25.51 -2.13
N LEU D 542 -8.27 25.43 -1.63
CA LEU D 542 -7.76 24.14 -1.15
C LEU D 542 -8.54 23.66 0.08
N HIS D 543 -8.84 24.56 1.01
CA HIS D 543 -9.49 24.17 2.26
C HIS D 543 -10.90 23.66 2.02
N TRP D 544 -11.64 24.30 1.10
CA TRP D 544 -13.01 23.85 0.84
C TRP D 544 -13.02 22.42 0.34
N THR D 545 -12.10 22.08 -0.57
CA THR D 545 -12.04 20.72 -1.09
C THR D 545 -11.57 19.74 -0.02
N ALA D 546 -10.57 20.13 0.78
CA ALA D 546 -10.04 19.23 1.80
C ALA D 546 -11.07 18.92 2.87
N ALA D 547 -11.82 19.92 3.31
CA ALA D 547 -12.74 19.77 4.43
C ALA D 547 -14.11 19.23 4.02
N LEU D 548 -14.34 19.00 2.73
CA LEU D 548 -15.60 18.46 2.23
C LEU D 548 -16.79 19.35 2.61
N GLN D 549 -16.60 20.66 2.55
CA GLN D 549 -17.67 21.61 2.84
C GLN D 549 -17.93 22.45 1.59
N CYS D 550 -19.20 22.49 1.19
CA CYS D 550 -19.57 23.17 -0.05
C CYS D 550 -19.79 24.66 0.22
N PRO D 551 -19.09 25.54 -0.50
CA PRO D 551 -19.37 26.97 -0.36
C PRO D 551 -20.64 27.37 -1.08
N SER D 552 -21.14 28.55 -0.72
CA SER D 552 -22.27 29.12 -1.44
C SER D 552 -21.80 29.69 -2.78
N GLU D 553 -22.77 30.06 -3.62
CA GLU D 553 -22.44 30.61 -4.92
C GLU D 553 -21.72 31.96 -4.78
N GLU D 554 -22.19 32.82 -3.88
CA GLU D 554 -21.57 34.13 -3.72
C GLU D 554 -20.15 34.01 -3.17
N GLU D 555 -19.96 33.14 -2.19
CA GLU D 555 -18.64 32.97 -1.59
C GLU D 555 -17.67 32.33 -2.58
N TYR D 556 -18.15 31.38 -3.37
CA TYR D 556 -17.32 30.80 -4.43
C TYR D 556 -16.94 31.84 -5.46
N LEU D 557 -17.89 32.72 -5.82
CA LEU D 557 -17.59 33.78 -6.78
C LEU D 557 -16.55 34.74 -6.22
N SER D 558 -16.65 35.07 -4.94
CA SER D 558 -15.63 35.92 -4.32
C SER D 558 -14.27 35.24 -4.32
N MET D 559 -14.22 33.95 -4.00
CA MET D 559 -12.96 33.23 -4.00
C MET D 559 -12.33 33.21 -5.38
N ILE D 560 -13.12 32.92 -6.42
CA ILE D 560 -12.55 32.87 -7.76
C ILE D 560 -12.16 34.26 -8.22
N ASP D 561 -12.93 35.29 -7.83
CA ASP D 561 -12.52 36.66 -8.15
C ASP D 561 -11.13 36.93 -7.60
N MET D 562 -10.93 36.69 -6.30
CA MET D 562 -9.60 36.86 -5.72
C MET D 562 -8.55 36.07 -6.49
N LYS D 563 -8.72 34.74 -6.52
CA LYS D 563 -7.67 33.85 -6.99
C LYS D 563 -7.32 34.10 -8.46
N THR D 564 -8.31 34.34 -9.31
CA THR D 564 -8.06 34.49 -10.74
C THR D 564 -7.74 35.94 -11.10
N GLY D 565 -8.55 36.91 -10.66
CA GLY D 565 -8.30 38.28 -11.02
C GLY D 565 -7.16 38.95 -10.31
N GLY D 566 -6.55 38.31 -9.31
CA GLY D 566 -5.35 38.88 -8.72
C GLY D 566 -4.26 39.08 -9.76
N LEU D 567 -4.00 38.06 -10.57
CA LEU D 567 -3.01 38.19 -11.63
C LEU D 567 -3.43 39.21 -12.68
N PHE D 568 -4.72 39.21 -13.05
CA PHE D 568 -5.20 40.11 -14.09
C PHE D 568 -5.01 41.57 -13.68
N HIS D 569 -5.47 41.94 -12.49
CA HIS D 569 -5.32 43.35 -12.15
C HIS D 569 -3.97 43.68 -11.54
N LEU D 570 -3.14 42.69 -11.17
CA LEU D 570 -1.72 42.94 -11.02
C LEU D 570 -1.11 43.40 -12.33
N LEU D 571 -1.42 42.68 -13.41
CA LEU D 571 -0.99 43.08 -14.74
C LEU D 571 -1.48 44.48 -15.08
N ILE D 572 -2.75 44.76 -14.80
CA ILE D 572 -3.32 46.07 -15.13
C ILE D 572 -2.62 47.16 -14.36
N ARG D 573 -2.44 46.98 -13.04
CA ARG D 573 -1.81 48.01 -12.22
C ARG D 573 -0.35 48.22 -12.62
N LEU D 574 0.36 47.15 -12.94
CA LEU D 574 1.75 47.29 -13.37
C LEU D 574 1.84 48.07 -14.67
N MET D 575 0.93 47.81 -15.62
CA MET D 575 0.95 48.57 -16.87
C MET D 575 0.58 50.03 -16.65
N ILE D 576 -0.40 50.31 -15.80
CA ILE D 576 -0.81 51.69 -15.57
C ILE D 576 0.31 52.47 -14.88
N ALA D 577 0.94 51.86 -13.88
CA ALA D 577 1.99 52.57 -13.13
C ALA D 577 3.17 52.91 -14.02
N GLU D 578 3.58 51.99 -14.88
CA GLU D 578 4.72 52.21 -15.75
C GLU D 578 4.33 53.07 -16.95
N MET D 585 -9.54 55.99 -15.83
CA MET D 585 -10.53 54.93 -16.05
C MET D 585 -10.50 53.91 -14.92
N ASP D 586 -11.51 53.06 -14.86
CA ASP D 586 -11.63 52.02 -13.85
C ASP D 586 -11.63 50.66 -14.53
N PHE D 587 -10.80 49.75 -14.03
CA PHE D 587 -10.64 48.43 -14.62
C PHE D 587 -11.13 47.30 -13.73
N SER D 588 -11.68 47.61 -12.55
CA SER D 588 -12.09 46.56 -11.63
C SER D 588 -13.23 45.72 -12.20
N GLY D 589 -14.23 46.36 -12.80
CA GLY D 589 -15.37 45.62 -13.33
C GLY D 589 -14.99 44.70 -14.46
N LEU D 590 -14.18 45.21 -15.41
CA LEU D 590 -13.75 44.38 -16.53
C LEU D 590 -12.91 43.21 -16.04
N VAL D 591 -12.02 43.44 -15.08
CA VAL D 591 -11.17 42.37 -14.56
C VAL D 591 -12.03 41.30 -13.89
N SER D 592 -13.00 41.72 -13.07
CA SER D 592 -13.85 40.76 -12.38
C SER D 592 -14.66 39.93 -13.37
N MET D 593 -15.28 40.60 -14.35
CA MET D 593 -16.08 39.88 -15.33
C MET D 593 -15.23 38.93 -16.15
N THR D 594 -14.04 39.36 -16.56
CA THR D 594 -13.17 38.50 -17.35
C THR D 594 -12.73 37.28 -16.55
N GLY D 595 -12.35 37.47 -15.28
CA GLY D 595 -11.95 36.34 -14.46
C GLY D 595 -13.07 35.34 -14.27
N ARG D 596 -14.26 35.84 -13.94
CA ARG D 596 -15.40 34.93 -13.77
C ARG D 596 -15.74 34.21 -15.07
N TYR D 597 -15.76 34.93 -16.18
CA TYR D 597 -16.06 34.31 -17.46
C TYR D 597 -15.07 33.21 -17.77
N PHE D 598 -13.78 33.49 -17.59
CA PHE D 598 -12.74 32.49 -17.83
C PHE D 598 -12.95 31.25 -16.96
N GLN D 599 -13.16 31.45 -15.66
CA GLN D 599 -13.23 30.32 -14.75
C GLN D 599 -14.45 29.44 -15.01
N ILE D 600 -15.64 30.04 -15.08
CA ILE D 600 -16.83 29.22 -15.30
C ILE D 600 -16.85 28.64 -16.72
N ARG D 601 -16.29 29.34 -17.71
CA ARG D 601 -16.17 28.74 -19.04
C ARG D 601 -15.28 27.51 -19.01
N ASP D 602 -14.17 27.58 -18.27
CA ASP D 602 -13.31 26.41 -18.14
C ASP D 602 -14.02 25.26 -17.44
N ASP D 603 -14.79 25.57 -16.39
CA ASP D 603 -15.54 24.52 -15.68
C ASP D 603 -16.55 23.86 -16.61
N LEU D 604 -17.30 24.66 -17.36
CA LEU D 604 -18.30 24.11 -18.28
C LEU D 604 -17.65 23.27 -19.36
N SER D 605 -16.52 23.73 -19.91
CA SER D 605 -15.82 22.95 -20.92
C SER D 605 -15.31 21.63 -20.35
N ASN D 606 -14.80 21.66 -19.12
CA ASN D 606 -14.30 20.43 -18.49
C ASN D 606 -15.43 19.42 -18.27
N LEU D 607 -16.59 19.88 -17.82
CA LEU D 607 -17.66 18.94 -17.48
C LEU D 607 -18.44 18.48 -18.71
N THR D 608 -18.94 19.43 -19.52
CA THR D 608 -19.82 19.08 -20.62
C THR D 608 -19.10 18.21 -21.66
N SER D 609 -17.86 18.57 -22.00
CA SER D 609 -17.12 17.81 -23.00
C SER D 609 -16.70 16.44 -22.46
N LEU D 622 -13.49 16.92 -11.49
CA LEU D 622 -14.33 15.89 -10.91
C LEU D 622 -13.49 14.85 -10.17
N ASP D 623 -12.36 14.46 -10.78
CA ASP D 623 -11.45 13.52 -10.16
C ASP D 623 -10.54 14.19 -9.12
N GLU D 624 -10.50 15.52 -9.07
CA GLU D 624 -9.72 16.23 -8.08
C GLU D 624 -10.56 16.70 -6.90
N GLY D 625 -11.88 16.69 -7.02
CA GLY D 625 -12.76 17.07 -5.93
C GLY D 625 -13.03 18.56 -5.81
N LYS D 626 -12.55 19.36 -6.75
CA LYS D 626 -12.76 20.80 -6.68
C LYS D 626 -14.24 21.13 -6.85
N TYR D 627 -14.72 22.07 -6.05
CA TYR D 627 -16.13 22.48 -6.09
C TYR D 627 -16.31 23.51 -7.19
N SER D 628 -16.87 23.08 -8.32
CA SER D 628 -17.18 23.96 -9.42
C SER D 628 -18.56 24.57 -9.21
N LEU D 629 -19.05 25.31 -10.20
CA LEU D 629 -20.37 25.92 -10.11
C LEU D 629 -21.48 24.90 -10.36
N PRO D 630 -21.38 24.04 -11.38
CA PRO D 630 -22.41 23.00 -11.53
C PRO D 630 -22.53 22.09 -10.33
N LEU D 631 -21.41 21.73 -9.70
CA LEU D 631 -21.47 20.88 -8.51
C LEU D 631 -22.17 21.59 -7.36
N ILE D 632 -21.87 22.87 -7.17
CA ILE D 632 -22.51 23.65 -6.11
C ILE D 632 -24.01 23.74 -6.35
N HIS D 633 -24.41 23.99 -7.60
CA HIS D 633 -25.84 24.08 -7.90
C HIS D 633 -26.53 22.73 -7.72
N ALA D 634 -25.88 21.64 -8.14
CA ALA D 634 -26.47 20.31 -8.00
C ALA D 634 -26.64 19.93 -6.54
N LEU D 635 -25.66 20.25 -5.70
CA LEU D 635 -25.74 19.84 -4.30
C LEU D 635 -26.88 20.50 -3.54
N LYS D 636 -27.49 21.55 -4.09
CA LYS D 636 -28.61 22.23 -3.45
C LYS D 636 -29.93 22.06 -4.18
N HIS D 637 -29.93 21.43 -5.35
CA HIS D 637 -31.14 21.30 -6.16
C HIS D 637 -31.26 19.89 -6.72
N THR D 638 -31.01 18.88 -5.89
CA THR D 638 -31.09 17.49 -6.32
C THR D 638 -31.84 16.67 -5.28
N LYS D 639 -32.40 15.56 -5.73
CA LYS D 639 -33.08 14.62 -4.85
C LYS D 639 -32.14 13.58 -4.27
N ASN D 640 -31.13 13.17 -5.03
CA ASN D 640 -30.14 12.21 -4.54
C ASN D 640 -28.94 12.93 -3.92
N LYS D 641 -29.25 13.76 -2.91
CA LYS D 641 -28.19 14.49 -2.23
C LYS D 641 -27.27 13.54 -1.46
N VAL D 642 -27.84 12.53 -0.81
CA VAL D 642 -27.04 11.57 -0.05
C VAL D 642 -26.11 10.81 -0.99
N GLN D 643 -26.60 10.42 -2.16
CA GLN D 643 -25.77 9.69 -3.11
C GLN D 643 -24.60 10.54 -3.60
N LEU D 644 -24.86 11.80 -3.92
CA LEU D 644 -23.79 12.68 -4.39
C LEU D 644 -22.77 12.94 -3.29
N GLU D 645 -23.24 13.17 -2.06
CA GLU D 645 -22.31 13.38 -0.94
C GLU D 645 -21.47 12.13 -0.70
N SER D 646 -22.09 10.95 -0.78
CA SER D 646 -21.33 9.72 -0.61
C SER D 646 -20.31 9.52 -1.73
N LEU D 647 -20.68 9.89 -2.95
CA LEU D 647 -19.73 9.82 -4.06
C LEU D 647 -18.52 10.71 -3.80
N LEU D 648 -18.76 11.94 -3.32
CA LEU D 648 -17.64 12.83 -3.02
C LEU D 648 -16.78 12.28 -1.88
N ILE D 649 -17.42 11.74 -0.83
CA ILE D 649 -16.67 11.19 0.30
C ILE D 649 -15.80 10.01 -0.15
N GLN D 650 -16.37 9.13 -0.97
CA GLN D 650 -15.60 7.97 -1.44
C GLN D 650 -14.51 8.38 -2.42
N ARG D 651 -14.74 9.43 -3.20
CA ARG D 651 -13.67 9.96 -4.04
C ARG D 651 -12.51 10.46 -3.20
N LYS D 652 -12.83 11.17 -2.10
CA LYS D 652 -11.76 11.61 -1.20
C LYS D 652 -11.04 10.44 -0.56
N THR D 653 -11.79 9.41 -0.14
CA THR D 653 -11.20 8.28 0.57
C THR D 653 -10.28 7.48 -0.35
N GLN D 654 -10.77 7.13 -1.55
CA GLN D 654 -10.00 6.30 -2.47
C GLN D 654 -8.89 7.05 -3.19
N GLY D 655 -8.85 8.37 -3.09
CA GLY D 655 -7.86 9.17 -3.77
C GLY D 655 -8.22 9.58 -5.18
N GLY D 656 -9.35 9.10 -5.71
CA GLY D 656 -9.76 9.46 -7.04
C GLY D 656 -11.11 8.84 -7.35
N MET D 657 -11.64 9.17 -8.52
CA MET D 657 -12.93 8.67 -8.96
C MET D 657 -12.73 7.79 -10.20
N THR D 658 -13.62 6.81 -10.34
CA THR D 658 -13.60 5.91 -11.49
C THR D 658 -14.52 6.41 -12.59
N LEU D 659 -14.46 5.74 -13.74
CA LEU D 659 -15.26 6.17 -14.88
C LEU D 659 -16.75 6.02 -14.62
N GLU D 660 -17.15 4.92 -13.97
CA GLU D 660 -18.56 4.73 -13.64
C GLU D 660 -19.04 5.77 -12.63
N MET D 661 -18.22 6.08 -11.64
CA MET D 661 -18.57 7.12 -10.68
C MET D 661 -18.70 8.48 -11.36
N LYS D 662 -17.80 8.77 -12.30
CA LYS D 662 -17.89 10.02 -13.05
C LYS D 662 -19.17 10.08 -13.86
N ARG D 663 -19.54 8.98 -14.51
CA ARG D 663 -20.78 8.94 -15.27
C ARG D 663 -21.98 9.15 -14.36
N LEU D 664 -21.98 8.51 -13.19
CA LEU D 664 -23.09 8.66 -12.26
C LEU D 664 -23.20 10.10 -11.75
N ALA D 665 -22.07 10.72 -11.44
CA ALA D 665 -22.08 12.11 -10.99
C ALA D 665 -22.57 13.05 -12.08
N ILE D 666 -22.12 12.84 -13.32
CA ILE D 666 -22.56 13.68 -14.42
C ILE D 666 -24.06 13.49 -14.66
N GLN D 667 -24.55 12.26 -14.54
CA GLN D 667 -25.98 12.00 -14.69
C GLN D 667 -26.80 12.70 -13.61
N ILE D 668 -26.32 12.64 -12.35
CA ILE D 668 -27.01 13.32 -11.26
C ILE D 668 -27.04 14.83 -11.51
N MET D 669 -25.92 15.37 -12.00
CA MET D 669 -25.88 16.80 -12.34
C MET D 669 -26.87 17.13 -13.46
N LYS D 670 -26.96 16.27 -14.47
CA LYS D 670 -27.85 16.52 -15.59
C LYS D 670 -29.31 16.51 -15.16
N GLU D 671 -29.69 15.54 -14.32
CA GLU D 671 -31.08 15.50 -13.85
C GLU D 671 -31.45 16.70 -12.97
N ALA D 672 -30.46 17.39 -12.41
CA ALA D 672 -30.73 18.56 -11.60
C ALA D 672 -30.80 19.85 -12.42
N GLY D 673 -30.44 19.80 -13.70
CA GLY D 673 -30.45 20.99 -14.52
C GLY D 673 -29.29 21.93 -14.29
N SER D 674 -28.23 21.47 -13.63
CA SER D 674 -27.09 22.34 -13.35
C SER D 674 -26.33 22.71 -14.61
N LEU D 675 -26.22 21.76 -15.56
CA LEU D 675 -25.46 22.01 -16.78
C LEU D 675 -26.13 23.03 -17.69
N GLU D 676 -27.41 23.34 -17.46
CA GLU D 676 -28.07 24.41 -18.19
C GLU D 676 -27.98 25.74 -17.44
N HIS D 677 -28.06 25.70 -16.12
CA HIS D 677 -27.89 26.90 -15.31
C HIS D 677 -26.50 27.48 -15.50
N THR D 678 -25.47 26.63 -15.53
CA THR D 678 -24.12 27.13 -15.74
C THR D 678 -23.93 27.69 -17.15
N ARG D 679 -24.59 27.12 -18.15
CA ARG D 679 -24.51 27.67 -19.50
C ARG D 679 -25.18 29.03 -19.57
N LYS D 680 -26.33 29.18 -18.92
CA LYS D 680 -26.97 30.49 -18.84
C LYS D 680 -26.07 31.50 -18.14
N VAL D 681 -25.40 31.07 -17.07
CA VAL D 681 -24.47 31.96 -16.36
C VAL D 681 -23.32 32.36 -17.28
N VAL D 682 -22.79 31.41 -18.05
CA VAL D 682 -21.71 31.70 -18.98
C VAL D 682 -22.15 32.72 -20.02
N LEU D 683 -23.36 32.55 -20.56
CA LEU D 683 -23.86 33.51 -21.55
C LEU D 683 -24.01 34.91 -20.94
N GLU D 684 -24.56 34.99 -19.72
CA GLU D 684 -24.69 36.28 -19.06
C GLU D 684 -23.33 36.93 -18.82
N LEU D 685 -22.35 36.14 -18.37
CA LEU D 685 -21.01 36.67 -18.12
C LEU D 685 -20.35 37.15 -19.41
N GLN D 686 -20.54 36.40 -20.50
CA GLN D 686 -19.99 36.81 -21.79
C GLN D 686 -20.58 38.13 -22.25
N ASP D 687 -21.90 38.28 -22.13
CA ASP D 687 -22.53 39.55 -22.48
C ASP D 687 -22.02 40.68 -21.60
N ALA D 688 -21.84 40.41 -20.30
CA ALA D 688 -21.33 41.43 -19.39
C ALA D 688 -19.92 41.85 -19.77
N VAL D 689 -19.06 40.90 -20.13
CA VAL D 689 -17.69 41.23 -20.53
C VAL D 689 -17.71 42.07 -21.80
N HIS D 690 -18.53 41.68 -22.78
CA HIS D 690 -18.58 42.42 -24.04
C HIS D 690 -19.09 43.83 -23.83
N ARG D 691 -20.06 44.01 -22.93
CA ARG D 691 -20.56 45.35 -22.66
C ARG D 691 -19.60 46.17 -21.79
N GLU D 692 -18.79 45.50 -20.97
CA GLU D 692 -17.81 46.22 -20.17
C GLU D 692 -16.64 46.71 -21.02
N LEU D 693 -16.25 45.93 -22.02
CA LEU D 693 -15.17 46.37 -22.91
C LEU D 693 -15.54 47.63 -23.67
N ALA D 694 -16.80 47.75 -24.10
CA ALA D 694 -17.24 48.91 -24.87
C ALA D 694 -17.12 50.19 -24.06
N LYS D 695 -17.46 50.15 -22.77
CA LYS D 695 -17.38 51.34 -21.94
C LYS D 695 -15.94 51.84 -21.83
N LEU D 696 -14.97 50.92 -21.81
CA LEU D 696 -13.57 51.34 -21.82
C LEU D 696 -13.15 51.83 -23.20
N GLU D 697 -13.68 51.23 -24.26
CA GLU D 697 -13.31 51.65 -25.61
C GLU D 697 -13.79 53.06 -25.92
N GLU D 698 -14.90 53.49 -25.33
CA GLU D 698 -15.43 54.81 -25.60
C GLU D 698 -14.74 55.92 -24.82
N ALA D 699 -13.98 55.58 -23.77
CA ALA D 699 -13.28 56.57 -22.97
C ALA D 699 -11.89 56.89 -23.51
N PHE D 700 -11.20 55.89 -24.07
CA PHE D 700 -9.88 56.11 -24.65
C PHE D 700 -9.94 56.63 -26.08
N GLY D 701 -11.12 56.69 -26.68
CA GLY D 701 -11.24 57.13 -28.05
C GLY D 701 -10.56 56.23 -29.05
N GLN D 702 -10.53 54.92 -28.79
CA GLN D 702 -9.91 53.98 -29.70
C GLN D 702 -10.54 52.61 -29.48
N GLU D 703 -10.40 51.75 -30.48
CA GLU D 703 -10.94 50.40 -30.46
C GLU D 703 -9.79 49.40 -30.50
N ASN D 704 -9.84 48.41 -29.61
CA ASN D 704 -8.82 47.36 -29.57
C ASN D 704 -9.27 46.21 -30.45
N TYR D 705 -8.56 45.99 -31.55
CA TYR D 705 -8.89 44.95 -32.52
C TYR D 705 -8.22 43.62 -32.22
N VAL D 706 -7.47 43.53 -31.12
CA VAL D 706 -6.85 42.28 -30.73
C VAL D 706 -7.44 41.71 -29.44
N ILE D 707 -7.81 42.55 -28.48
CA ILE D 707 -8.54 42.05 -27.31
C ILE D 707 -9.87 41.47 -27.74
N GLN D 708 -10.57 42.15 -28.66
CA GLN D 708 -11.81 41.60 -29.20
C GLN D 708 -11.56 40.29 -29.94
N LEU D 709 -10.45 40.20 -30.68
CA LEU D 709 -10.10 38.94 -31.34
C LEU D 709 -9.85 37.83 -30.32
N ALA D 710 -9.16 38.16 -29.23
CA ALA D 710 -8.91 37.16 -28.19
C ALA D 710 -10.22 36.70 -27.56
N LEU D 711 -11.14 37.62 -27.31
CA LEU D 711 -12.45 37.23 -26.77
C LEU D 711 -13.22 36.37 -27.76
N GLU D 712 -13.15 36.71 -29.04
CA GLU D 712 -13.84 35.91 -30.06
C GLU D 712 -13.22 34.52 -30.18
N ARG D 713 -11.93 34.39 -29.90
CA ARG D 713 -11.31 33.06 -29.87
C ARG D 713 -11.80 32.23 -28.71
N LEU D 714 -12.45 32.85 -27.71
CA LEU D 714 -13.03 32.15 -26.57
C LEU D 714 -14.56 32.26 -26.57
N ARG D 715 -15.17 32.38 -27.75
CA ARG D 715 -16.61 32.54 -27.83
C ARG D 715 -17.31 31.26 -27.38
N ILE D 716 -18.26 31.42 -26.45
CA ILE D 716 -19.01 30.32 -25.82
C ILE D 716 -18.18 29.06 -25.63
N VAL E 418 -35.85 15.76 14.68
CA VAL E 418 -36.42 14.59 14.03
C VAL E 418 -35.46 14.09 12.94
N LEU E 419 -35.05 12.83 13.07
CA LEU E 419 -34.14 12.20 12.11
C LEU E 419 -34.91 11.16 11.30
N GLY E 420 -34.79 11.23 9.98
CA GLY E 420 -35.51 10.37 9.08
C GLY E 420 -34.65 9.28 8.48
N ASP E 421 -35.30 8.43 7.70
CA ASP E 421 -34.65 7.29 7.05
C ASP E 421 -34.25 7.63 5.62
N GLU E 422 -33.43 8.68 5.49
CA GLU E 422 -32.91 9.07 4.17
C GLU E 422 -31.49 8.60 3.93
N ILE E 423 -30.72 8.39 4.99
CA ILE E 423 -29.35 7.90 4.84
C ILE E 423 -29.30 6.38 4.84
N VAL E 424 -30.09 5.74 5.73
CA VAL E 424 -30.05 4.29 5.85
C VAL E 424 -30.69 3.62 4.62
N SER E 425 -31.64 4.28 3.99
CA SER E 425 -32.37 3.70 2.87
C SER E 425 -31.74 4.02 1.51
N ALA E 426 -30.70 4.83 1.47
CA ALA E 426 -30.08 5.17 0.17
C ALA E 426 -29.46 3.97 -0.52
N PRO E 427 -28.62 3.15 0.12
CA PRO E 427 -28.14 1.94 -0.57
C PRO E 427 -29.25 1.00 -0.96
N ILE E 428 -30.33 0.95 -0.18
CA ILE E 428 -31.48 0.13 -0.53
C ILE E 428 -32.15 0.66 -1.79
N LYS E 429 -32.42 1.96 -1.83
CA LYS E 429 -33.05 2.56 -3.00
C LYS E 429 -32.13 2.59 -4.22
N TYR E 430 -30.83 2.36 -4.04
CA TYR E 430 -29.91 2.33 -5.17
C TYR E 430 -29.96 1.01 -5.93
N LEU E 431 -29.94 -0.12 -5.22
CA LEU E 431 -29.95 -1.43 -5.87
C LEU E 431 -31.35 -1.95 -6.18
N GLU E 432 -32.40 -1.31 -5.66
CA GLU E 432 -33.76 -1.69 -5.99
C GLU E 432 -34.25 -1.02 -7.27
N SER E 433 -33.41 -0.20 -7.91
CA SER E 433 -33.74 0.41 -9.19
C SER E 433 -32.96 -0.15 -10.36
N LEU E 434 -31.89 -0.89 -10.11
CA LEU E 434 -31.12 -1.49 -11.19
C LEU E 434 -31.94 -2.61 -11.85
N PRO E 435 -31.94 -2.68 -13.18
CA PRO E 435 -32.75 -3.70 -13.85
C PRO E 435 -32.24 -5.10 -13.61
N SER E 436 -33.16 -6.06 -13.61
CA SER E 436 -32.83 -7.46 -13.43
C SER E 436 -33.88 -8.32 -14.11
N LYS E 437 -33.51 -9.56 -14.41
CA LYS E 437 -34.42 -10.51 -15.02
C LYS E 437 -35.30 -11.12 -13.93
N GLY E 438 -36.60 -10.81 -13.97
CA GLY E 438 -37.49 -11.23 -12.91
C GLY E 438 -37.89 -12.69 -12.98
N PHE E 439 -36.91 -13.59 -12.87
CA PHE E 439 -37.22 -15.02 -12.85
C PHE E 439 -38.05 -15.40 -11.63
N ARG E 440 -37.67 -14.90 -10.46
CA ARG E 440 -38.46 -15.13 -9.25
C ARG E 440 -39.81 -14.42 -9.36
N GLU E 441 -39.83 -13.22 -9.94
CA GLU E 441 -41.09 -12.54 -10.21
C GLU E 441 -41.96 -13.36 -11.16
N ALA E 442 -41.33 -13.95 -12.19
CA ALA E 442 -42.07 -14.79 -13.13
C ALA E 442 -42.65 -16.00 -12.43
N ILE E 443 -41.89 -16.62 -11.52
CA ILE E 443 -42.39 -17.79 -10.79
C ILE E 443 -43.57 -17.38 -9.90
N ILE E 444 -43.47 -16.24 -9.24
CA ILE E 444 -44.58 -15.75 -8.41
C ILE E 444 -45.82 -15.53 -9.26
N ASP E 445 -45.65 -14.87 -10.41
CA ASP E 445 -46.78 -14.56 -11.28
C ASP E 445 -47.31 -15.80 -11.99
N GLY E 446 -46.54 -16.88 -12.03
CA GLY E 446 -46.98 -18.09 -12.71
C GLY E 446 -47.54 -19.16 -11.83
N MET E 447 -47.22 -19.12 -10.53
CA MET E 447 -47.74 -20.13 -9.62
C MET E 447 -49.04 -19.72 -8.95
N ASN E 448 -49.30 -18.41 -8.80
CA ASN E 448 -50.59 -17.98 -8.29
C ASN E 448 -51.72 -18.26 -9.27
N GLY E 449 -51.40 -18.57 -10.53
CA GLY E 449 -52.42 -19.06 -11.43
C GLY E 449 -52.96 -20.43 -11.01
N TRP E 450 -52.07 -21.28 -10.50
CA TRP E 450 -52.50 -22.60 -10.03
C TRP E 450 -53.39 -22.49 -8.80
N LEU E 451 -52.96 -21.74 -7.79
CA LEU E 451 -53.76 -21.48 -6.60
C LEU E 451 -53.99 -19.98 -6.47
N ASN E 452 -55.26 -19.58 -6.46
CA ASN E 452 -55.62 -18.17 -6.55
C ASN E 452 -55.40 -17.46 -5.23
N LEU E 453 -54.88 -16.24 -5.31
CA LEU E 453 -54.62 -15.39 -4.16
C LEU E 453 -55.02 -13.96 -4.50
N PRO E 454 -55.36 -13.16 -3.49
CA PRO E 454 -55.60 -11.74 -3.73
C PRO E 454 -54.32 -11.02 -4.17
N ALA E 455 -54.52 -9.88 -4.82
CA ALA E 455 -53.38 -9.12 -5.34
C ALA E 455 -52.49 -8.61 -4.21
N ARG E 456 -53.10 -8.25 -3.07
CA ARG E 456 -52.32 -7.71 -1.96
C ARG E 456 -51.33 -8.75 -1.42
N SER E 457 -51.78 -10.00 -1.29
CA SER E 457 -50.87 -11.05 -0.80
C SER E 457 -49.73 -11.28 -1.77
N VAL E 458 -50.01 -11.26 -3.06
CA VAL E 458 -48.96 -11.45 -4.07
C VAL E 458 -47.96 -10.31 -4.00
N SER E 459 -48.45 -9.07 -3.85
CA SER E 459 -47.55 -7.93 -3.73
C SER E 459 -46.69 -8.02 -2.48
N ILE E 460 -47.27 -8.45 -1.36
CA ILE E 460 -46.51 -8.60 -0.12
C ILE E 460 -45.42 -9.66 -0.29
N ILE E 461 -45.76 -10.79 -0.91
CA ILE E 461 -44.77 -11.85 -1.11
C ILE E 461 -43.66 -11.37 -2.03
N LYS E 462 -44.01 -10.64 -3.09
CA LYS E 462 -43.00 -10.08 -3.98
C LYS E 462 -42.07 -9.14 -3.24
N ASP E 463 -42.62 -8.27 -2.40
CA ASP E 463 -41.79 -7.34 -1.63
C ASP E 463 -40.85 -8.08 -0.68
N VAL E 464 -41.38 -9.10 0.01
CA VAL E 464 -40.56 -9.86 0.94
C VAL E 464 -39.42 -10.56 0.22
N VAL E 465 -39.72 -11.20 -0.92
CA VAL E 465 -38.70 -11.91 -1.68
C VAL E 465 -37.65 -10.93 -2.20
N LYS E 466 -38.08 -9.77 -2.69
CA LYS E 466 -37.14 -8.77 -3.18
C LYS E 466 -36.23 -8.28 -2.06
N HIS E 467 -36.79 -8.03 -0.88
CA HIS E 467 -35.97 -7.58 0.24
C HIS E 467 -34.96 -8.64 0.64
N ILE E 468 -35.38 -9.90 0.70
CA ILE E 468 -34.44 -10.97 1.07
C ILE E 468 -33.33 -11.08 0.06
N HIS E 469 -33.67 -11.05 -1.23
CA HIS E 469 -32.64 -11.14 -2.27
C HIS E 469 -31.68 -9.96 -2.21
N THR E 470 -32.21 -8.75 -2.02
CA THR E 470 -31.34 -7.57 -1.92
C THR E 470 -30.41 -7.68 -0.74
N ALA E 471 -30.92 -8.13 0.42
CA ALA E 471 -30.06 -8.32 1.58
C ALA E 471 -28.99 -9.37 1.30
N SER E 472 -29.32 -10.39 0.51
CA SER E 472 -28.32 -11.38 0.12
C SER E 472 -27.24 -10.75 -0.75
N LEU E 473 -27.63 -9.84 -1.66
CA LEU E 473 -26.64 -9.16 -2.51
C LEU E 473 -25.68 -8.32 -1.67
N LEU E 474 -26.21 -7.47 -0.80
CA LEU E 474 -25.38 -6.60 0.03
C LEU E 474 -24.47 -7.42 0.93
N PRO E 489 -21.69 0.18 -10.69
CA PRO E 489 -20.75 -0.03 -9.59
C PRO E 489 -21.42 -0.62 -8.35
N SER E 490 -20.65 -1.27 -7.49
CA SER E 490 -21.18 -1.89 -6.29
C SER E 490 -21.65 -0.81 -5.32
N ALA E 491 -22.70 -1.13 -4.56
CA ALA E 491 -23.25 -0.17 -3.62
C ALA E 491 -22.29 0.14 -2.48
N HIS E 492 -21.49 -0.84 -2.06
CA HIS E 492 -20.51 -0.58 -1.01
C HIS E 492 -19.36 0.27 -1.49
N ILE E 493 -19.16 0.37 -2.81
CA ILE E 493 -18.18 1.32 -3.34
C ILE E 493 -18.69 2.74 -3.20
N ILE E 494 -19.96 2.97 -3.52
CA ILE E 494 -20.52 4.32 -3.48
C ILE E 494 -20.80 4.77 -2.06
N PHE E 495 -21.25 3.86 -1.19
CA PHE E 495 -21.73 4.23 0.13
C PHE E 495 -20.84 3.78 1.27
N GLY E 496 -19.80 2.99 0.99
CA GLY E 496 -18.94 2.49 2.05
C GLY E 496 -19.40 1.15 2.59
N VAL E 497 -18.66 0.67 3.57
CA VAL E 497 -18.89 -0.66 4.13
C VAL E 497 -19.88 -0.61 5.29
N SER E 498 -19.66 0.29 6.26
CA SER E 498 -20.52 0.34 7.44
C SER E 498 -21.95 0.70 7.08
N GLN E 499 -22.12 1.68 6.18
CA GLN E 499 -23.47 2.05 5.75
C GLN E 499 -24.16 0.89 5.05
N THR E 500 -23.40 0.10 4.29
CA THR E 500 -23.98 -1.05 3.61
C THR E 500 -24.48 -2.09 4.61
N VAL E 501 -23.71 -2.35 5.67
CA VAL E 501 -24.14 -3.30 6.68
C VAL E 501 -25.38 -2.79 7.41
N ASN E 502 -25.40 -1.50 7.76
CA ASN E 502 -26.56 -0.93 8.43
C ASN E 502 -27.79 -1.02 7.54
N SER E 503 -27.62 -0.77 6.23
CA SER E 503 -28.73 -0.91 5.30
C SER E 503 -29.18 -2.35 5.14
N THR E 504 -28.25 -3.31 5.25
CA THR E 504 -28.65 -4.71 5.25
C THR E 504 -29.54 -5.04 6.45
N SER E 505 -29.16 -4.56 7.63
CA SER E 505 -30.00 -4.75 8.80
C SER E 505 -31.36 -4.07 8.60
N TYR E 506 -31.37 -2.89 7.99
CA TYR E 506 -32.62 -2.22 7.71
C TYR E 506 -33.48 -3.01 6.74
N LEU E 507 -32.86 -3.68 5.76
CA LEU E 507 -33.59 -4.58 4.87
C LEU E 507 -34.22 -5.74 5.63
N TRP E 508 -33.47 -6.33 6.56
CA TRP E 508 -34.05 -7.41 7.37
C TRP E 508 -35.28 -6.92 8.13
N THR E 509 -35.17 -5.73 8.74
CA THR E 509 -36.30 -5.17 9.48
C THR E 509 -37.48 -4.88 8.56
N LEU E 510 -37.23 -4.32 7.38
CA LEU E 510 -38.30 -4.04 6.43
C LEU E 510 -38.99 -5.32 5.98
N ALA E 511 -38.21 -6.36 5.69
CA ALA E 511 -38.79 -7.62 5.25
C ALA E 511 -39.66 -8.24 6.33
N ILE E 512 -39.20 -8.23 7.59
CA ILE E 512 -40.01 -8.81 8.65
C ILE E 512 -41.26 -7.96 8.90
N ASP E 513 -41.15 -6.64 8.77
CA ASP E 513 -42.31 -5.78 8.94
C ASP E 513 -43.34 -6.05 7.85
N ARG E 514 -42.91 -6.17 6.60
CA ARG E 514 -43.83 -6.48 5.51
C ARG E 514 -44.46 -7.84 5.70
N LEU E 515 -43.68 -8.83 6.15
CA LEU E 515 -44.22 -10.16 6.40
C LEU E 515 -45.25 -10.14 7.52
N SER E 516 -45.12 -9.20 8.47
CA SER E 516 -46.04 -9.16 9.60
C SER E 516 -47.47 -8.87 9.19
N GLU E 517 -47.70 -8.39 7.97
CA GLU E 517 -49.04 -8.05 7.51
C GLU E 517 -49.78 -9.23 6.90
N LEU E 518 -49.15 -10.39 6.78
CA LEU E 518 -49.80 -11.54 6.18
C LEU E 518 -50.85 -12.13 7.12
N SER E 519 -51.87 -12.75 6.54
CA SER E 519 -52.97 -13.32 7.31
C SER E 519 -52.59 -14.63 7.99
N SER E 520 -51.71 -15.41 7.38
CA SER E 520 -51.35 -16.72 7.92
C SER E 520 -50.60 -16.54 9.24
N PRO E 521 -50.81 -17.45 10.21
CA PRO E 521 -50.14 -17.35 11.50
C PRO E 521 -48.81 -18.07 11.59
N LYS E 522 -48.45 -18.89 10.60
CA LYS E 522 -47.19 -19.63 10.61
C LYS E 522 -46.18 -19.07 9.61
N SER E 523 -46.36 -17.81 9.19
CA SER E 523 -45.42 -17.21 8.25
C SER E 523 -44.06 -16.95 8.90
N LEU E 524 -44.05 -16.60 10.18
CA LEU E 524 -42.80 -16.27 10.86
C LEU E 524 -41.86 -17.46 10.92
N ARG E 525 -42.39 -18.64 11.24
CA ARG E 525 -41.56 -19.84 11.34
C ARG E 525 -40.94 -20.18 9.99
N ILE E 526 -41.76 -20.16 8.93
CA ILE E 526 -41.25 -20.42 7.59
C ILE E 526 -40.15 -19.43 7.23
N PHE E 527 -40.42 -18.14 7.47
CA PHE E 527 -39.44 -17.11 7.14
C PHE E 527 -38.12 -17.37 7.86
N ILE E 528 -38.18 -17.60 9.17
CA ILE E 528 -36.93 -17.68 9.95
C ILE E 528 -36.16 -18.94 9.60
N ASP E 529 -36.84 -20.07 9.39
CA ASP E 529 -36.08 -21.30 9.11
C ASP E 529 -35.50 -21.28 7.71
N GLU E 530 -36.23 -20.74 6.72
CA GLU E 530 -35.66 -20.63 5.38
C GLU E 530 -34.49 -19.66 5.35
N VAL E 531 -34.61 -18.53 6.06
CA VAL E 531 -33.50 -17.59 6.11
C VAL E 531 -32.30 -18.21 6.82
N ARG E 532 -32.55 -19.04 7.84
CA ARG E 532 -31.47 -19.75 8.50
C ARG E 532 -30.74 -20.67 7.54
N LYS E 533 -31.50 -21.42 6.72
CA LYS E 533 -30.88 -22.29 5.74
C LYS E 533 -30.03 -21.49 4.75
N MET E 534 -30.57 -20.38 4.26
CA MET E 534 -29.83 -19.56 3.30
C MET E 534 -28.53 -19.04 3.91
N GLN E 535 -28.59 -18.60 5.17
CA GLN E 535 -27.40 -18.06 5.83
C GLN E 535 -26.35 -19.14 6.06
N ILE E 536 -26.78 -20.35 6.44
CA ILE E 536 -25.82 -21.44 6.62
C ILE E 536 -25.14 -21.78 5.31
N GLY E 537 -25.92 -21.85 4.22
CA GLY E 537 -25.33 -22.13 2.92
C GLY E 537 -24.34 -21.05 2.49
N GLN E 538 -24.68 -19.78 2.72
CA GLN E 538 -23.77 -18.70 2.38
C GLN E 538 -22.49 -18.76 3.21
N SER E 539 -22.62 -19.13 4.49
CA SER E 539 -21.43 -19.24 5.34
C SER E 539 -20.49 -20.33 4.83
N PHE E 540 -21.04 -21.48 4.45
CA PHE E 540 -20.19 -22.54 3.92
C PHE E 540 -19.55 -22.13 2.60
N ASP E 541 -20.32 -21.45 1.74
CA ASP E 541 -19.76 -20.98 0.47
C ASP E 541 -18.62 -20.01 0.69
N LEU E 542 -18.74 -19.10 1.66
CA LEU E 542 -17.66 -18.18 1.96
C LEU E 542 -16.45 -18.90 2.53
N HIS E 543 -16.68 -19.85 3.45
CA HIS E 543 -15.56 -20.52 4.11
C HIS E 543 -14.76 -21.37 3.15
N TRP E 544 -15.43 -22.06 2.22
CA TRP E 544 -14.69 -22.89 1.27
C TRP E 544 -13.73 -22.06 0.44
N THR E 545 -14.18 -20.88 -0.02
CA THR E 545 -13.31 -20.00 -0.79
C THR E 545 -12.19 -19.43 0.08
N ALA E 546 -12.51 -19.03 1.31
CA ALA E 546 -11.51 -18.41 2.16
C ALA E 546 -10.41 -19.39 2.55
N ALA E 547 -10.77 -20.63 2.87
CA ALA E 547 -9.81 -21.61 3.37
C ALA E 547 -9.05 -22.33 2.26
N LEU E 548 -9.36 -22.04 0.99
CA LEU E 548 -8.69 -22.65 -0.15
C LEU E 548 -8.81 -24.18 -0.13
N GLN E 549 -9.98 -24.66 0.29
CA GLN E 549 -10.26 -26.09 0.31
C GLN E 549 -11.40 -26.40 -0.65
N CYS E 550 -11.18 -27.35 -1.54
CA CYS E 550 -12.14 -27.65 -2.59
C CYS E 550 -13.19 -28.64 -2.07
N PRO E 551 -14.47 -28.31 -2.14
CA PRO E 551 -15.50 -29.28 -1.76
C PRO E 551 -15.70 -30.35 -2.83
N SER E 552 -16.31 -31.45 -2.41
CA SER E 552 -16.69 -32.47 -3.36
C SER E 552 -17.92 -32.01 -4.14
N GLU E 553 -18.27 -32.78 -5.18
CA GLU E 553 -19.44 -32.44 -5.98
C GLU E 553 -20.72 -32.54 -5.16
N GLU E 554 -20.83 -33.58 -4.32
CA GLU E 554 -22.02 -33.73 -3.49
C GLU E 554 -22.15 -32.60 -2.48
N GLU E 555 -21.05 -32.22 -1.83
CA GLU E 555 -21.08 -31.12 -0.87
C GLU E 555 -21.44 -29.81 -1.55
N TYR E 556 -20.87 -29.55 -2.73
CA TYR E 556 -21.21 -28.34 -3.47
C TYR E 556 -22.68 -28.32 -3.87
N LEU E 557 -23.21 -29.47 -4.30
CA LEU E 557 -24.61 -29.55 -4.67
C LEU E 557 -25.52 -29.30 -3.48
N SER E 558 -25.17 -29.86 -2.32
CA SER E 558 -25.95 -29.60 -1.11
C SER E 558 -25.90 -28.13 -0.72
N MET E 559 -24.71 -27.52 -0.81
CA MET E 559 -24.57 -26.12 -0.45
C MET E 559 -25.40 -25.24 -1.38
N ILE E 560 -25.35 -25.50 -2.68
CA ILE E 560 -26.14 -24.67 -3.60
C ILE E 560 -27.61 -24.92 -3.41
N ASP E 561 -28.02 -26.17 -3.13
CA ASP E 561 -29.41 -26.43 -2.78
C ASP E 561 -29.86 -25.52 -1.64
N MET E 562 -29.17 -25.59 -0.50
CA MET E 562 -29.51 -24.72 0.62
C MET E 562 -29.55 -23.26 0.18
N LYS E 563 -28.42 -22.73 -0.29
CA LYS E 563 -28.25 -21.30 -0.48
C LYS E 563 -29.23 -20.74 -1.52
N THR E 564 -29.44 -21.45 -2.63
CA THR E 564 -30.30 -20.94 -3.69
C THR E 564 -31.76 -21.29 -3.49
N GLY E 565 -32.07 -22.57 -3.21
CA GLY E 565 -33.45 -22.96 -3.05
C GLY E 565 -34.09 -22.55 -1.75
N GLY E 566 -33.34 -22.00 -0.79
CA GLY E 566 -33.98 -21.45 0.40
C GLY E 566 -34.98 -20.38 0.04
N LEU E 567 -34.59 -19.44 -0.81
CA LEU E 567 -35.51 -18.40 -1.25
C LEU E 567 -36.66 -18.99 -2.06
N PHE E 568 -36.37 -19.95 -2.93
CA PHE E 568 -37.40 -20.51 -3.80
C PHE E 568 -38.49 -21.20 -2.99
N HIS E 569 -38.11 -22.07 -2.06
CA HIS E 569 -39.16 -22.75 -1.32
C HIS E 569 -39.65 -21.97 -0.11
N LEU E 570 -38.96 -20.89 0.30
CA LEU E 570 -39.62 -19.89 1.14
C LEU E 570 -40.79 -19.27 0.39
N LEU E 571 -40.55 -18.89 -0.86
CA LEU E 571 -41.61 -18.37 -1.71
C LEU E 571 -42.75 -19.37 -1.83
N ILE E 572 -42.41 -20.64 -2.09
CA ILE E 572 -43.43 -21.67 -2.26
C ILE E 572 -44.25 -21.85 -0.99
N ARG E 573 -43.57 -21.95 0.16
CA ARG E 573 -44.28 -22.20 1.42
C ARG E 573 -45.15 -21.01 1.80
N LEU E 574 -44.64 -19.78 1.62
CA LEU E 574 -45.45 -18.61 1.93
C LEU E 574 -46.67 -18.53 1.02
N MET E 575 -46.51 -18.87 -0.25
CA MET E 575 -47.62 -18.81 -1.18
C MET E 575 -48.66 -19.89 -0.88
N ILE E 576 -48.22 -21.09 -0.52
CA ILE E 576 -49.17 -22.15 -0.16
C ILE E 576 -49.91 -21.82 1.12
N ALA E 577 -49.19 -21.29 2.13
CA ALA E 577 -49.82 -21.02 3.42
C ALA E 577 -50.91 -19.98 3.30
N GLU E 578 -50.67 -18.93 2.52
CA GLU E 578 -51.65 -17.86 2.36
C GLU E 578 -52.75 -18.27 1.38
N MET E 585 -49.71 -31.54 -3.03
CA MET E 585 -48.59 -31.74 -3.94
C MET E 585 -47.26 -31.55 -3.23
N ASP E 586 -46.17 -31.97 -3.87
CA ASP E 586 -44.82 -31.84 -3.33
C ASP E 586 -44.00 -30.97 -4.27
N PHE E 587 -43.30 -29.99 -3.71
CA PHE E 587 -42.54 -29.03 -4.49
C PHE E 587 -41.03 -29.11 -4.24
N SER E 588 -40.58 -30.04 -3.40
CA SER E 588 -39.15 -30.10 -3.08
C SER E 588 -38.30 -30.45 -4.29
N GLY E 589 -38.73 -31.43 -5.08
CA GLY E 589 -37.94 -31.85 -6.23
C GLY E 589 -37.83 -30.76 -7.27
N LEU E 590 -38.95 -30.09 -7.59
CA LEU E 590 -38.92 -29.02 -8.56
C LEU E 590 -38.05 -27.87 -8.09
N VAL E 591 -38.13 -27.53 -6.80
CA VAL E 591 -37.33 -26.43 -6.26
C VAL E 591 -35.85 -26.76 -6.34
N SER E 592 -35.47 -27.98 -5.95
CA SER E 592 -34.07 -28.39 -6.01
C SER E 592 -33.55 -28.37 -7.44
N MET E 593 -34.33 -28.94 -8.36
CA MET E 593 -33.91 -28.99 -9.75
C MET E 593 -33.76 -27.59 -10.34
N THR E 594 -34.72 -26.69 -10.05
CA THR E 594 -34.65 -25.34 -10.56
C THR E 594 -33.45 -24.58 -10.00
N GLY E 595 -33.19 -24.73 -8.70
CA GLY E 595 -32.04 -24.05 -8.12
C GLY E 595 -30.73 -24.52 -8.71
N ARG E 596 -30.56 -25.84 -8.83
CA ARG E 596 -29.33 -26.37 -9.42
C ARG E 596 -29.18 -25.93 -10.88
N TYR E 597 -30.27 -26.00 -11.65
CA TYR E 597 -30.21 -25.61 -13.06
C TYR E 597 -29.80 -24.15 -13.17
N PHE E 598 -30.43 -23.28 -12.38
CA PHE E 598 -30.10 -21.86 -12.41
C PHE E 598 -28.63 -21.63 -12.07
N GLN E 599 -28.14 -22.27 -10.99
CA GLN E 599 -26.79 -22.00 -10.54
C GLN E 599 -25.74 -22.47 -11.55
N ILE E 600 -25.83 -23.71 -12.02
CA ILE E 600 -24.81 -24.19 -12.95
C ILE E 600 -24.97 -23.53 -14.32
N ARG E 601 -26.18 -23.15 -14.72
CA ARG E 601 -26.33 -22.39 -15.96
C ARG E 601 -25.63 -21.03 -15.84
N ASP E 602 -25.76 -20.37 -14.69
CA ASP E 602 -25.03 -19.13 -14.48
C ASP E 602 -23.52 -19.36 -14.49
N ASP E 603 -23.07 -20.49 -13.95
CA ASP E 603 -21.65 -20.81 -13.97
C ASP E 603 -21.13 -20.93 -15.40
N LEU E 604 -21.87 -21.66 -16.26
CA LEU E 604 -21.47 -21.76 -17.66
C LEU E 604 -21.53 -20.41 -18.36
N SER E 605 -22.56 -19.61 -18.09
CA SER E 605 -22.65 -18.29 -18.72
C SER E 605 -21.47 -17.42 -18.33
N ASN E 606 -20.98 -17.55 -17.10
CA ASN E 606 -19.84 -16.76 -16.67
C ASN E 606 -18.54 -17.28 -17.28
N LEU E 607 -18.37 -18.59 -17.35
CA LEU E 607 -17.09 -19.15 -17.78
C LEU E 607 -16.96 -19.22 -19.30
N THR E 608 -17.88 -19.93 -19.96
CA THR E 608 -17.74 -20.19 -21.39
C THR E 608 -17.78 -18.91 -22.20
N SER E 609 -18.68 -18.00 -21.88
CA SER E 609 -18.80 -16.74 -22.61
C SER E 609 -17.59 -15.85 -22.38
N LEU E 622 -14.18 -16.40 -11.34
CA LEU E 622 -12.77 -16.75 -11.48
C LEU E 622 -11.89 -15.74 -10.75
N ASP E 623 -12.23 -14.46 -10.88
CA ASP E 623 -11.51 -13.40 -10.19
C ASP E 623 -11.93 -13.25 -8.74
N GLU E 624 -13.02 -13.89 -8.33
CA GLU E 624 -13.47 -13.88 -6.95
C GLU E 624 -13.05 -15.12 -6.17
N GLY E 625 -12.62 -16.17 -6.86
CA GLY E 625 -12.16 -17.37 -6.20
C GLY E 625 -13.24 -18.37 -5.84
N LYS E 626 -14.48 -18.14 -6.23
CA LYS E 626 -15.56 -19.05 -5.89
C LYS E 626 -15.36 -20.39 -6.60
N TYR E 627 -15.63 -21.47 -5.89
CA TYR E 627 -15.47 -22.83 -6.43
C TYR E 627 -16.73 -23.21 -7.19
N SER E 628 -16.66 -23.14 -8.51
CA SER E 628 -17.77 -23.55 -9.36
C SER E 628 -17.68 -25.04 -9.64
N LEU E 629 -18.55 -25.55 -10.49
CA LEU E 629 -18.54 -26.96 -10.84
C LEU E 629 -17.41 -27.29 -11.82
N PRO E 630 -17.18 -26.49 -12.88
CA PRO E 630 -16.02 -26.76 -13.73
C PRO E 630 -14.70 -26.76 -13.00
N LEU E 631 -14.52 -25.83 -12.04
CA LEU E 631 -13.28 -25.79 -11.28
C LEU E 631 -13.12 -27.03 -10.42
N ILE E 632 -14.21 -27.48 -9.77
CA ILE E 632 -14.16 -28.68 -8.95
C ILE E 632 -13.81 -29.89 -9.79
N HIS E 633 -14.42 -30.01 -10.97
CA HIS E 633 -14.11 -31.14 -11.84
C HIS E 633 -12.68 -31.09 -12.34
N ALA E 634 -12.20 -29.90 -12.70
CA ALA E 634 -10.83 -29.76 -13.22
C ALA E 634 -9.79 -30.10 -12.15
N LEU E 635 -10.04 -29.68 -10.91
CA LEU E 635 -9.05 -29.89 -9.85
C LEU E 635 -8.83 -31.36 -9.53
N LYS E 636 -9.71 -32.26 -9.97
CA LYS E 636 -9.55 -33.68 -9.72
C LYS E 636 -9.32 -34.50 -10.98
N HIS E 637 -9.32 -33.88 -12.16
CA HIS E 637 -9.14 -34.60 -13.41
C HIS E 637 -8.18 -33.85 -14.33
N THR E 638 -7.07 -33.37 -13.79
CA THR E 638 -6.10 -32.63 -14.57
C THR E 638 -4.69 -33.12 -14.22
N LYS E 639 -3.77 -32.90 -15.16
CA LYS E 639 -2.37 -33.23 -14.94
C LYS E 639 -1.60 -32.06 -14.35
N ASN E 640 -2.00 -30.83 -14.66
CA ASN E 640 -1.36 -29.63 -14.12
C ASN E 640 -2.05 -29.19 -12.83
N LYS E 641 -2.16 -30.12 -11.89
CA LYS E 641 -2.84 -29.82 -10.62
C LYS E 641 -2.06 -28.79 -9.81
N VAL E 642 -0.74 -28.93 -9.78
CA VAL E 642 0.09 -27.99 -9.01
C VAL E 642 -0.01 -26.59 -9.58
N GLN E 643 -0.04 -26.49 -10.91
CA GLN E 643 -0.15 -25.17 -11.55
C GLN E 643 -1.48 -24.51 -11.22
N LEU E 644 -2.58 -25.27 -11.28
CA LEU E 644 -3.89 -24.71 -10.96
C LEU E 644 -3.98 -24.30 -9.50
N GLU E 645 -3.46 -25.13 -8.60
CA GLU E 645 -3.46 -24.79 -7.18
C GLU E 645 -2.64 -23.53 -6.92
N SER E 646 -1.48 -23.42 -7.57
CA SER E 646 -0.66 -22.22 -7.42
C SER E 646 -1.35 -20.99 -7.98
N LEU E 647 -2.07 -21.14 -9.09
CA LEU E 647 -2.83 -20.03 -9.64
C LEU E 647 -3.89 -19.55 -8.64
N LEU E 648 -4.60 -20.48 -8.02
CA LEU E 648 -5.60 -20.10 -7.02
C LEU E 648 -4.95 -19.42 -5.81
N ILE E 649 -3.82 -19.96 -5.34
CA ILE E 649 -3.14 -19.38 -4.18
C ILE E 649 -2.67 -17.96 -4.49
N GLN E 650 -2.09 -17.76 -5.68
CA GLN E 650 -1.63 -16.43 -6.04
C GLN E 650 -2.78 -15.47 -6.28
N ARG E 651 -3.92 -15.96 -6.78
CA ARG E 651 -5.10 -15.12 -6.89
C ARG E 651 -5.56 -14.66 -5.52
N LYS E 652 -5.57 -15.56 -4.53
CA LYS E 652 -5.91 -15.16 -3.18
C LYS E 652 -4.92 -14.15 -2.62
N THR E 653 -3.63 -14.38 -2.86
CA THR E 653 -2.61 -13.51 -2.28
C THR E 653 -2.67 -12.11 -2.87
N GLN E 654 -2.76 -11.99 -4.19
CA GLN E 654 -2.76 -10.70 -4.85
C GLN E 654 -4.11 -10.00 -4.80
N GLY E 655 -5.17 -10.68 -4.36
CA GLY E 655 -6.49 -10.09 -4.29
C GLY E 655 -7.29 -10.20 -5.57
N GLY E 656 -6.71 -10.74 -6.64
CA GLY E 656 -7.44 -10.89 -7.89
C GLY E 656 -6.55 -11.60 -8.90
N MET E 657 -7.15 -11.86 -10.06
CA MET E 657 -6.46 -12.54 -11.15
C MET E 657 -6.35 -11.60 -12.35
N THR E 658 -5.30 -11.78 -13.13
CA THR E 658 -5.06 -11.01 -14.34
C THR E 658 -5.61 -11.74 -15.56
N LEU E 659 -5.59 -11.05 -16.70
CA LEU E 659 -6.14 -11.61 -17.92
C LEU E 659 -5.37 -12.84 -18.37
N GLU E 660 -4.04 -12.79 -18.28
CA GLU E 660 -3.23 -13.95 -18.67
C GLU E 660 -3.48 -15.13 -17.74
N MET E 661 -3.60 -14.88 -16.44
CA MET E 661 -3.91 -15.95 -15.50
C MET E 661 -5.28 -16.54 -15.78
N LYS E 662 -6.26 -15.69 -16.10
CA LYS E 662 -7.59 -16.19 -16.45
C LYS E 662 -7.55 -17.05 -17.70
N ARG E 663 -6.80 -16.62 -18.72
CA ARG E 663 -6.68 -17.41 -19.94
C ARG E 663 -6.01 -18.76 -19.64
N LEU E 664 -4.97 -18.75 -18.81
CA LEU E 664 -4.28 -19.99 -18.47
C LEU E 664 -5.20 -20.95 -17.71
N ALA E 665 -5.98 -20.42 -16.76
CA ALA E 665 -6.90 -21.26 -16.01
C ALA E 665 -7.99 -21.82 -16.91
N ILE E 666 -8.52 -20.99 -17.82
CA ILE E 666 -9.56 -21.47 -18.72
C ILE E 666 -9.00 -22.55 -19.65
N GLN E 667 -7.76 -22.38 -20.11
CA GLN E 667 -7.17 -23.39 -20.98
C GLN E 667 -6.92 -24.69 -20.23
N ILE E 668 -6.49 -24.59 -18.97
CA ILE E 668 -6.31 -25.80 -18.15
C ILE E 668 -7.65 -26.52 -17.96
N MET E 669 -8.71 -25.74 -17.70
CA MET E 669 -10.04 -26.35 -17.58
C MET E 669 -10.47 -27.01 -18.88
N LYS E 670 -10.22 -26.37 -20.01
CA LYS E 670 -10.60 -26.93 -21.30
C LYS E 670 -9.86 -28.23 -21.58
N GLU E 671 -8.55 -28.28 -21.28
CA GLU E 671 -7.78 -29.48 -21.54
C GLU E 671 -8.22 -30.66 -20.69
N ALA E 672 -8.90 -30.41 -19.57
CA ALA E 672 -9.40 -31.47 -18.71
C ALA E 672 -10.80 -31.91 -19.10
N GLY E 673 -11.45 -31.22 -20.03
CA GLY E 673 -12.80 -31.58 -20.44
C GLY E 673 -13.88 -31.19 -19.47
N SER E 674 -13.58 -30.28 -18.53
CA SER E 674 -14.58 -29.87 -17.54
C SER E 674 -15.72 -29.09 -18.19
N LEU E 675 -15.41 -28.24 -19.16
CA LEU E 675 -16.42 -27.38 -19.79
C LEU E 675 -17.43 -28.17 -20.61
N GLU E 676 -17.15 -29.44 -20.93
CA GLU E 676 -18.12 -30.29 -21.59
C GLU E 676 -18.91 -31.11 -20.58
N HIS E 677 -18.25 -31.55 -19.51
CA HIS E 677 -18.95 -32.25 -18.44
C HIS E 677 -20.02 -31.37 -17.80
N THR E 678 -19.69 -30.10 -17.56
CA THR E 678 -20.68 -29.21 -16.96
C THR E 678 -21.82 -28.91 -17.93
N ARG E 679 -21.55 -28.86 -19.23
CA ARG E 679 -22.62 -28.66 -20.20
C ARG E 679 -23.55 -29.87 -20.25
N LYS E 680 -22.98 -31.08 -20.18
CA LYS E 680 -23.81 -32.27 -20.08
C LYS E 680 -24.65 -32.27 -18.81
N VAL E 681 -24.06 -31.82 -17.70
CA VAL E 681 -24.80 -31.70 -16.45
C VAL E 681 -25.96 -30.71 -16.61
N VAL E 682 -25.71 -29.58 -17.27
CA VAL E 682 -26.76 -28.59 -17.50
C VAL E 682 -27.88 -29.17 -18.33
N LEU E 683 -27.54 -29.93 -19.38
CA LEU E 683 -28.58 -30.56 -20.20
C LEU E 683 -29.41 -31.53 -19.39
N GLU E 684 -28.75 -32.36 -18.56
CA GLU E 684 -29.48 -33.30 -17.72
C GLU E 684 -30.40 -32.56 -16.75
N LEU E 685 -29.90 -31.48 -16.14
CA LEU E 685 -30.71 -30.71 -15.20
C LEU E 685 -31.90 -30.07 -15.88
N GLN E 686 -31.70 -29.57 -17.10
CA GLN E 686 -32.81 -28.97 -17.86
C GLN E 686 -33.88 -30.00 -18.15
N ASP E 687 -33.48 -31.20 -18.58
CA ASP E 687 -34.45 -32.27 -18.81
C ASP E 687 -35.17 -32.63 -17.52
N ALA E 688 -34.44 -32.69 -16.40
CA ALA E 688 -35.05 -33.01 -15.12
C ALA E 688 -36.08 -31.96 -14.71
N VAL E 689 -35.76 -30.68 -14.90
CA VAL E 689 -36.70 -29.62 -14.56
C VAL E 689 -37.95 -29.71 -15.42
N HIS E 690 -37.76 -29.93 -16.73
CA HIS E 690 -38.92 -30.00 -17.63
C HIS E 690 -39.80 -31.19 -17.30
N ARG E 691 -39.20 -32.32 -16.91
CA ARG E 691 -40.01 -33.48 -16.54
C ARG E 691 -40.63 -33.33 -15.15
N GLU E 692 -40.01 -32.54 -14.27
CA GLU E 692 -40.59 -32.31 -12.95
C GLU E 692 -41.79 -31.38 -13.03
N LEU E 693 -41.74 -30.40 -13.93
CA LEU E 693 -42.87 -29.49 -14.10
C LEU E 693 -44.11 -30.22 -14.60
N ALA E 694 -43.93 -31.22 -15.47
CA ALA E 694 -45.07 -31.95 -16.02
C ALA E 694 -45.84 -32.70 -14.94
N LYS E 695 -45.12 -33.30 -14.00
CA LYS E 695 -45.79 -34.05 -12.93
C LYS E 695 -46.66 -33.13 -12.08
N LEU E 696 -46.24 -31.88 -11.87
CA LEU E 696 -47.07 -30.93 -11.16
C LEU E 696 -48.23 -30.45 -12.03
N GLU E 697 -48.01 -30.31 -13.33
CA GLU E 697 -49.07 -29.84 -14.22
C GLU E 697 -50.20 -30.86 -14.34
N GLU E 698 -49.90 -32.14 -14.19
CA GLU E 698 -50.92 -33.18 -14.31
C GLU E 698 -51.72 -33.38 -13.04
N ALA E 699 -51.27 -32.83 -11.90
CA ALA E 699 -52.00 -32.99 -10.65
C ALA E 699 -52.97 -31.86 -10.39
N PHE E 700 -52.67 -30.65 -10.85
CA PHE E 700 -53.57 -29.51 -10.70
C PHE E 700 -54.60 -29.43 -11.81
N GLY E 701 -54.49 -30.27 -12.84
CA GLY E 701 -55.42 -30.21 -13.96
C GLY E 701 -55.36 -28.93 -14.75
N GLN E 702 -54.18 -28.33 -14.85
CA GLN E 702 -54.02 -27.10 -15.61
C GLN E 702 -52.57 -26.98 -16.06
N GLU E 703 -52.36 -26.16 -17.08
CA GLU E 703 -51.03 -25.94 -17.66
C GLU E 703 -50.64 -24.49 -17.45
N ASN E 704 -49.42 -24.27 -16.97
CA ASN E 704 -48.90 -22.92 -16.76
C ASN E 704 -48.18 -22.47 -18.02
N TYR E 705 -48.73 -21.47 -18.70
CA TYR E 705 -48.19 -20.98 -19.95
C TYR E 705 -47.19 -19.84 -19.75
N VAL E 706 -46.90 -19.46 -18.51
CA VAL E 706 -45.93 -18.42 -18.23
C VAL E 706 -44.67 -18.97 -17.54
N ILE E 707 -44.81 -19.96 -16.66
CA ILE E 707 -43.63 -20.63 -16.11
C ILE E 707 -42.85 -21.32 -17.23
N GLN E 708 -43.56 -21.98 -18.14
CA GLN E 708 -42.90 -22.58 -19.29
C GLN E 708 -42.23 -21.53 -20.16
N LEU E 709 -42.87 -20.36 -20.32
CA LEU E 709 -42.25 -19.28 -21.06
C LEU E 709 -40.98 -18.79 -20.37
N ALA E 710 -41.02 -18.69 -19.04
CA ALA E 710 -39.83 -18.26 -18.30
C ALA E 710 -38.70 -19.27 -18.45
N LEU E 711 -39.03 -20.56 -18.41
CA LEU E 711 -38.01 -21.59 -18.62
C LEU E 711 -37.45 -21.54 -20.03
N GLU E 712 -38.30 -21.30 -21.02
CA GLU E 712 -37.85 -21.19 -22.40
C GLU E 712 -36.97 -19.95 -22.61
N ARG E 713 -37.20 -18.90 -21.83
CA ARG E 713 -36.32 -17.74 -21.87
C ARG E 713 -34.92 -18.06 -21.34
N LEU E 714 -34.77 -19.16 -20.60
CA LEU E 714 -33.49 -19.61 -20.08
C LEU E 714 -33.04 -20.92 -20.71
N ARG E 715 -33.42 -21.15 -21.97
CA ARG E 715 -33.08 -22.41 -22.64
C ARG E 715 -31.59 -22.49 -22.89
N ILE E 716 -30.97 -23.58 -22.45
CA ILE E 716 -29.53 -23.84 -22.53
C ILE E 716 -28.68 -22.59 -22.38
N VAL F 418 6.25 -41.35 0.92
CA VAL F 418 7.10 -41.05 -0.22
C VAL F 418 6.68 -39.74 -0.87
N LEU F 419 7.62 -38.80 -0.94
CA LEU F 419 7.39 -37.48 -1.52
C LEU F 419 8.16 -37.36 -2.83
N GLY F 420 7.48 -36.95 -3.90
CA GLY F 420 8.08 -36.87 -5.21
C GLY F 420 8.40 -35.43 -5.62
N ASP F 421 9.01 -35.34 -6.80
CA ASP F 421 9.43 -34.05 -7.35
C ASP F 421 8.38 -33.50 -8.33
N GLU F 422 7.16 -33.33 -7.83
CA GLU F 422 6.10 -32.73 -8.64
C GLU F 422 5.86 -31.26 -8.32
N ILE F 423 6.22 -30.82 -7.11
CA ILE F 423 6.08 -29.42 -6.74
C ILE F 423 7.33 -28.62 -7.10
N VAL F 424 8.50 -29.18 -6.85
CA VAL F 424 9.75 -28.48 -7.11
C VAL F 424 10.00 -28.34 -8.60
N SER F 425 9.55 -29.30 -9.40
CA SER F 425 9.77 -29.30 -10.84
C SER F 425 8.67 -28.58 -11.62
N ALA F 426 7.62 -28.11 -10.95
CA ALA F 426 6.54 -27.44 -11.67
C ALA F 426 6.99 -26.13 -12.32
N PRO F 427 7.67 -25.21 -11.62
CA PRO F 427 8.17 -24.02 -12.33
C PRO F 427 9.17 -24.33 -13.43
N ILE F 428 9.96 -25.40 -13.26
CA ILE F 428 10.94 -25.76 -14.28
C ILE F 428 10.23 -26.23 -15.55
N LYS F 429 9.18 -27.04 -15.41
CA LYS F 429 8.45 -27.56 -16.55
C LYS F 429 7.54 -26.51 -17.20
N TYR F 430 7.45 -25.32 -16.63
CA TYR F 430 6.61 -24.27 -17.20
C TYR F 430 7.38 -23.39 -18.19
N LEU F 431 8.59 -22.96 -17.82
CA LEU F 431 9.40 -22.15 -18.73
C LEU F 431 10.20 -22.97 -19.72
N GLU F 432 10.27 -24.28 -19.55
CA GLU F 432 10.92 -25.15 -20.52
C GLU F 432 9.98 -25.60 -21.62
N SER F 433 8.72 -25.17 -21.57
CA SER F 433 7.75 -25.45 -22.62
C SER F 433 7.38 -24.23 -23.45
N LEU F 434 7.71 -23.03 -22.98
CA LEU F 434 7.43 -21.83 -23.76
C LEU F 434 8.35 -21.77 -24.98
N PRO F 435 7.83 -21.42 -26.14
CA PRO F 435 8.67 -21.41 -27.35
C PRO F 435 9.74 -20.32 -27.29
N SER F 436 10.86 -20.61 -27.93
CA SER F 436 11.97 -19.67 -28.01
C SER F 436 12.76 -19.92 -29.28
N LYS F 437 13.51 -18.90 -29.70
CA LYS F 437 14.35 -19.01 -30.89
C LYS F 437 15.65 -19.71 -30.49
N GLY F 438 15.85 -20.92 -31.02
CA GLY F 438 16.99 -21.73 -30.62
C GLY F 438 18.30 -21.30 -31.25
N PHE F 439 18.75 -20.08 -30.95
CA PHE F 439 20.04 -19.62 -31.45
C PHE F 439 21.18 -20.45 -30.87
N ARG F 440 21.14 -20.70 -29.56
CA ARG F 440 22.15 -21.56 -28.94
C ARG F 440 22.01 -23.00 -29.45
N GLU F 441 20.77 -23.46 -29.64
CA GLU F 441 20.56 -24.77 -30.23
C GLU F 441 21.11 -24.82 -31.65
N ALA F 442 20.92 -23.74 -32.42
CA ALA F 442 21.48 -23.68 -33.77
C ALA F 442 23.00 -23.72 -33.74
N ILE F 443 23.62 -23.02 -32.80
CA ILE F 443 25.08 -23.04 -32.70
C ILE F 443 25.57 -24.44 -32.34
N ILE F 444 24.87 -25.12 -31.43
CA ILE F 444 25.23 -26.49 -31.07
C ILE F 444 25.13 -27.40 -32.28
N ASP F 445 24.02 -27.29 -33.02
CA ASP F 445 23.82 -28.14 -34.19
C ASP F 445 24.74 -27.76 -35.35
N GLY F 446 25.33 -26.58 -35.32
CA GLY F 446 26.20 -26.15 -36.39
C GLY F 446 27.68 -26.34 -36.12
N MET F 447 28.06 -26.49 -34.86
CA MET F 447 29.47 -26.71 -34.53
C MET F 447 29.86 -28.18 -34.50
N ASN F 448 28.93 -29.09 -34.19
CA ASN F 448 29.26 -30.50 -34.26
C ASN F 448 29.48 -30.99 -35.69
N GLY F 449 29.10 -30.19 -36.69
CA GLY F 449 29.47 -30.51 -38.06
C GLY F 449 30.97 -30.40 -38.28
N TRP F 450 31.59 -29.39 -37.69
CA TRP F 450 33.04 -29.21 -37.83
C TRP F 450 33.80 -30.35 -37.15
N LEU F 451 33.47 -30.64 -35.89
CA LEU F 451 34.06 -31.75 -35.16
C LEU F 451 32.93 -32.71 -34.77
N ASN F 452 33.05 -33.96 -35.21
CA ASN F 452 31.96 -34.91 -35.05
C ASN F 452 31.87 -35.44 -33.63
N LEU F 453 30.65 -35.55 -33.12
CA LEU F 453 30.38 -36.05 -31.79
C LEU F 453 29.18 -36.98 -31.84
N PRO F 454 29.10 -37.94 -30.93
CA PRO F 454 27.90 -38.80 -30.87
C PRO F 454 26.67 -38.01 -30.49
N ALA F 455 25.51 -38.53 -30.87
CA ALA F 455 24.26 -37.84 -30.61
C ALA F 455 23.98 -37.71 -29.12
N ARG F 456 24.39 -38.70 -28.32
CA ARG F 456 24.16 -38.64 -26.88
C ARG F 456 24.90 -37.47 -26.24
N SER F 457 26.16 -37.24 -26.65
CA SER F 457 26.92 -36.12 -26.11
C SER F 457 26.27 -34.80 -26.49
N VAL F 458 25.80 -34.68 -27.72
CA VAL F 458 25.15 -33.44 -28.17
C VAL F 458 23.88 -33.21 -27.38
N SER F 459 23.09 -34.25 -27.15
CA SER F 459 21.87 -34.11 -26.35
C SER F 459 22.19 -33.70 -24.92
N ILE F 460 23.23 -34.29 -24.33
CA ILE F 460 23.62 -33.93 -22.96
C ILE F 460 24.03 -32.46 -22.89
N ILE F 461 24.83 -32.01 -23.87
CA ILE F 461 25.28 -30.62 -23.87
C ILE F 461 24.10 -29.68 -24.05
N LYS F 462 23.15 -30.04 -24.94
CA LYS F 462 21.96 -29.22 -25.12
C LYS F 462 21.16 -29.13 -23.83
N ASP F 463 20.99 -30.25 -23.12
CA ASP F 463 20.25 -30.23 -21.86
C ASP F 463 20.95 -29.37 -20.82
N VAL F 464 22.28 -29.47 -20.72
CA VAL F 464 23.02 -28.68 -19.75
C VAL F 464 22.87 -27.19 -20.05
N VAL F 465 23.01 -26.82 -21.33
CA VAL F 465 22.90 -25.42 -21.71
C VAL F 465 21.50 -24.90 -21.43
N LYS F 466 20.48 -25.70 -21.75
CA LYS F 466 19.10 -25.28 -21.50
C LYS F 466 18.85 -25.09 -20.00
N HIS F 467 19.36 -26.01 -19.17
CA HIS F 467 19.19 -25.86 -17.73
C HIS F 467 19.87 -24.61 -17.21
N ILE F 468 21.09 -24.33 -17.68
CA ILE F 468 21.81 -23.14 -17.23
C ILE F 468 21.05 -21.88 -17.63
N HIS F 469 20.57 -21.82 -18.87
CA HIS F 469 19.84 -20.65 -19.32
C HIS F 469 18.54 -20.47 -18.56
N THR F 470 17.81 -21.57 -18.32
CA THR F 470 16.57 -21.47 -17.56
C THR F 470 16.82 -20.99 -16.14
N ALA F 471 17.86 -21.51 -15.49
CA ALA F 471 18.21 -21.03 -14.16
C ALA F 471 18.57 -19.55 -14.19
N SER F 472 19.21 -19.10 -15.27
CA SER F 472 19.49 -17.67 -15.41
C SER F 472 18.20 -16.86 -15.52
N LEU F 473 17.20 -17.38 -16.24
CA LEU F 473 15.92 -16.70 -16.35
C LEU F 473 15.24 -16.57 -14.99
N LEU F 474 15.10 -17.68 -14.28
CA LEU F 474 14.47 -17.69 -12.96
C LEU F 474 15.21 -16.78 -11.99
N PRO F 489 2.87 -14.98 -18.71
CA PRO F 489 3.18 -14.45 -17.39
C PRO F 489 4.46 -15.03 -16.80
N SER F 490 5.09 -14.30 -15.89
CA SER F 490 6.33 -14.76 -15.27
C SER F 490 6.06 -15.96 -14.36
N ALA F 491 7.05 -16.85 -14.29
CA ALA F 491 6.90 -18.05 -13.46
C ALA F 491 6.78 -17.73 -11.99
N HIS F 492 7.49 -16.70 -11.52
CA HIS F 492 7.39 -16.33 -10.11
C HIS F 492 6.05 -15.67 -9.80
N ILE F 493 5.33 -15.19 -10.80
CA ILE F 493 3.97 -14.71 -10.58
C ILE F 493 3.04 -15.87 -10.30
N ILE F 494 3.14 -16.94 -11.09
CA ILE F 494 2.26 -18.09 -10.94
C ILE F 494 2.62 -18.92 -9.71
N PHE F 495 3.91 -19.08 -9.43
CA PHE F 495 4.36 -20.02 -8.41
C PHE F 495 4.93 -19.36 -7.16
N GLY F 496 5.03 -18.03 -7.13
CA GLY F 496 5.60 -17.35 -5.99
C GLY F 496 7.10 -17.21 -6.09
N VAL F 497 7.67 -16.64 -5.03
CA VAL F 497 9.10 -16.33 -5.01
C VAL F 497 9.92 -17.48 -4.44
N SER F 498 9.53 -17.99 -3.26
CA SER F 498 10.31 -19.03 -2.61
C SER F 498 10.36 -20.30 -3.45
N GLN F 499 9.21 -20.69 -4.04
CA GLN F 499 9.19 -21.86 -4.89
C GLN F 499 10.09 -21.68 -6.11
N THR F 500 10.14 -20.45 -6.65
CA THR F 500 11.00 -20.18 -7.79
C THR F 500 12.48 -20.34 -7.43
N VAL F 501 12.88 -19.86 -6.24
CA VAL F 501 14.26 -20.02 -5.81
C VAL F 501 14.60 -21.50 -5.60
N ASN F 502 13.68 -22.24 -4.97
CA ASN F 502 13.92 -23.65 -4.75
C ASN F 502 14.04 -24.40 -6.08
N SER F 503 13.21 -24.03 -7.06
CA SER F 503 13.30 -24.65 -8.37
C SER F 503 14.58 -24.25 -9.10
N THR F 504 15.09 -23.04 -8.85
CA THR F 504 16.38 -22.65 -9.41
C THR F 504 17.50 -23.53 -8.87
N SER F 505 17.49 -23.77 -7.55
CA SER F 505 18.48 -24.68 -6.97
C SER F 505 18.33 -26.08 -7.54
N TYR F 506 17.10 -26.54 -7.72
CA TYR F 506 16.86 -27.85 -8.34
C TYR F 506 17.39 -27.88 -9.76
N LEU F 507 17.26 -26.78 -10.49
CA LEU F 507 17.81 -26.70 -11.85
C LEU F 507 19.32 -26.81 -11.84
N TRP F 508 19.97 -26.14 -10.89
CA TRP F 508 21.43 -26.29 -10.76
C TRP F 508 21.81 -27.75 -10.51
N THR F 509 21.09 -28.41 -9.62
CA THR F 509 21.38 -29.81 -9.32
C THR F 509 21.15 -30.69 -10.56
N LEU F 510 20.07 -30.44 -11.30
CA LEU F 510 19.80 -31.21 -12.51
C LEU F 510 20.90 -31.00 -13.55
N ALA F 511 21.35 -29.77 -13.72
CA ALA F 511 22.40 -29.49 -14.69
C ALA F 511 23.69 -30.20 -14.33
N ILE F 512 24.08 -30.16 -13.04
CA ILE F 512 25.31 -30.83 -12.64
C ILE F 512 25.17 -32.35 -12.76
N ASP F 513 23.99 -32.88 -12.47
CA ASP F 513 23.77 -34.32 -12.62
C ASP F 513 23.88 -34.75 -14.07
N ARG F 514 23.28 -33.97 -14.98
CA ARG F 514 23.38 -34.27 -16.40
C ARG F 514 24.81 -34.16 -16.89
N LEU F 515 25.54 -33.16 -16.41
CA LEU F 515 26.95 -33.01 -16.77
C LEU F 515 27.79 -34.17 -16.27
N SER F 516 27.39 -34.79 -15.15
CA SER F 516 28.18 -35.88 -14.57
C SER F 516 28.29 -37.09 -15.49
N GLU F 517 27.43 -37.19 -16.51
CA GLU F 517 27.44 -38.35 -17.39
C GLU F 517 28.41 -38.20 -18.57
N LEU F 518 29.07 -37.06 -18.70
CA LEU F 518 29.99 -36.85 -19.81
C LEU F 518 31.27 -37.67 -19.61
N SER F 519 31.88 -38.05 -20.74
CA SER F 519 33.08 -38.89 -20.70
C SER F 519 34.32 -38.10 -20.30
N SER F 520 34.40 -36.82 -20.66
CA SER F 520 35.58 -36.03 -20.38
C SER F 520 35.76 -35.85 -18.87
N PRO F 521 37.00 -35.84 -18.37
CA PRO F 521 37.22 -35.69 -16.93
C PRO F 521 37.40 -34.26 -16.45
N LYS F 522 37.53 -33.29 -17.37
CA LYS F 522 37.70 -31.89 -17.00
C LYS F 522 36.43 -31.07 -17.26
N SER F 523 35.28 -31.73 -17.36
CA SER F 523 34.03 -31.00 -17.59
C SER F 523 33.62 -30.19 -16.36
N LEU F 524 33.89 -30.72 -15.17
CA LEU F 524 33.46 -30.04 -13.94
C LEU F 524 34.14 -28.69 -13.78
N ARG F 525 35.45 -28.62 -14.05
CA ARG F 525 36.18 -27.36 -13.90
C ARG F 525 35.66 -26.31 -14.89
N ILE F 526 35.46 -26.70 -16.15
CA ILE F 526 34.91 -25.79 -17.15
C ILE F 526 33.55 -25.29 -16.70
N PHE F 527 32.69 -26.21 -16.29
CA PHE F 527 31.35 -25.84 -15.86
C PHE F 527 31.39 -24.83 -14.73
N ILE F 528 32.18 -25.12 -13.68
CA ILE F 528 32.14 -24.28 -12.50
C ILE F 528 32.75 -22.91 -12.77
N ASP F 529 33.84 -22.84 -13.54
CA ASP F 529 34.45 -21.53 -13.76
C ASP F 529 33.61 -20.67 -14.70
N GLU F 530 32.99 -21.28 -15.72
CA GLU F 530 32.11 -20.50 -16.59
C GLU F 530 30.88 -20.02 -15.84
N VAL F 531 30.29 -20.87 -14.99
CA VAL F 531 29.14 -20.44 -14.21
C VAL F 531 29.53 -19.35 -13.22
N ARG F 532 30.74 -19.43 -12.68
CA ARG F 532 31.24 -18.37 -11.79
C ARG F 532 31.33 -17.05 -12.53
N LYS F 533 31.86 -17.06 -13.76
CA LYS F 533 31.93 -15.84 -14.55
C LYS F 533 30.54 -15.28 -14.83
N MET F 534 29.59 -16.15 -15.19
CA MET F 534 28.24 -15.71 -15.47
C MET F 534 27.61 -15.05 -14.23
N GLN F 535 27.81 -15.65 -13.06
CA GLN F 535 27.24 -15.10 -11.84
C GLN F 535 27.87 -13.76 -11.48
N ILE F 536 29.18 -13.62 -11.67
CA ILE F 536 29.82 -12.33 -11.39
C ILE F 536 29.27 -11.24 -12.31
N GLY F 537 29.14 -11.56 -13.60
CA GLY F 537 28.57 -10.59 -14.53
C GLY F 537 27.15 -10.19 -14.17
N GLN F 538 26.33 -11.17 -13.80
CA GLN F 538 24.95 -10.88 -13.42
C GLN F 538 24.90 -10.02 -12.16
N SER F 539 25.80 -10.28 -11.20
CA SER F 539 25.84 -9.48 -9.98
C SER F 539 26.18 -8.03 -10.29
N PHE F 540 27.17 -7.80 -11.16
CA PHE F 540 27.51 -6.42 -11.52
C PHE F 540 26.37 -5.74 -12.26
N ASP F 541 25.70 -6.48 -13.16
CA ASP F 541 24.57 -5.91 -13.87
C ASP F 541 23.46 -5.49 -12.92
N LEU F 542 23.16 -6.34 -11.92
CA LEU F 542 22.13 -5.98 -10.94
C LEU F 542 22.56 -4.78 -10.10
N HIS F 543 23.82 -4.75 -9.67
CA HIS F 543 24.27 -3.68 -8.79
C HIS F 543 24.26 -2.32 -9.48
N TRP F 544 24.64 -2.27 -10.76
CA TRP F 544 24.64 -0.99 -11.45
C TRP F 544 23.25 -0.40 -11.51
N THR F 545 22.24 -1.22 -11.80
CA THR F 545 20.86 -0.74 -11.83
C THR F 545 20.38 -0.35 -10.44
N ALA F 546 20.70 -1.15 -9.43
CA ALA F 546 20.22 -0.86 -8.08
C ALA F 546 20.82 0.43 -7.53
N ALA F 547 22.11 0.66 -7.74
CA ALA F 547 22.80 1.79 -7.15
C ALA F 547 22.67 3.07 -7.97
N LEU F 548 22.03 3.01 -9.13
CA LEU F 548 21.82 4.18 -9.98
C LEU F 548 23.14 4.82 -10.40
N GLN F 549 24.14 4.00 -10.69
CA GLN F 549 25.43 4.46 -11.18
C GLN F 549 25.63 3.96 -12.60
N CYS F 550 25.87 4.88 -13.53
CA CYS F 550 26.02 4.52 -14.93
C CYS F 550 27.43 4.03 -15.20
N PRO F 551 27.60 2.83 -15.76
CA PRO F 551 28.94 2.37 -16.13
C PRO F 551 29.42 3.04 -17.41
N SER F 552 30.73 2.95 -17.63
CA SER F 552 31.30 3.40 -18.87
C SER F 552 31.02 2.38 -19.98
N GLU F 553 31.27 2.79 -21.22
CA GLU F 553 31.03 1.89 -22.35
C GLU F 553 31.94 0.67 -22.29
N GLU F 554 33.22 0.87 -21.98
CA GLU F 554 34.16 -0.25 -21.92
C GLU F 554 33.81 -1.22 -20.80
N GLU F 555 33.46 -0.71 -19.62
CA GLU F 555 33.10 -1.54 -18.49
C GLU F 555 31.79 -2.28 -18.72
N TYR F 556 30.82 -1.62 -19.35
CA TYR F 556 29.58 -2.30 -19.72
C TYR F 556 29.84 -3.40 -20.74
N LEU F 557 30.73 -3.14 -21.71
CA LEU F 557 31.07 -4.17 -22.69
C LEU F 557 31.75 -5.36 -22.01
N SER F 558 32.64 -5.11 -21.06
CA SER F 558 33.25 -6.21 -20.32
C SER F 558 32.21 -7.00 -19.54
N MET F 559 31.27 -6.31 -18.90
CA MET F 559 30.23 -6.98 -18.14
C MET F 559 29.37 -7.87 -19.03
N ILE F 560 28.97 -7.34 -20.19
CA ILE F 560 28.13 -8.14 -21.08
C ILE F 560 28.94 -9.29 -21.67
N ASP F 561 30.23 -9.09 -21.95
CA ASP F 561 31.08 -10.19 -22.38
C ASP F 561 31.03 -11.32 -21.37
N MET F 562 31.32 -11.02 -20.10
CA MET F 562 31.23 -12.04 -19.07
C MET F 562 29.86 -12.70 -19.07
N LYS F 563 28.82 -11.90 -18.81
CA LYS F 563 27.49 -12.44 -18.53
C LYS F 563 26.93 -13.25 -19.68
N THR F 564 27.10 -12.77 -20.92
CA THR F 564 26.50 -13.44 -22.07
C THR F 564 27.41 -14.52 -22.64
N GLY F 565 28.69 -14.20 -22.87
CA GLY F 565 29.58 -15.18 -23.47
C GLY F 565 30.02 -16.27 -22.54
N GLY F 566 29.71 -16.20 -21.24
CA GLY F 566 30.01 -17.31 -20.37
C GLY F 566 29.32 -18.59 -20.83
N LEU F 567 28.03 -18.50 -21.14
CA LEU F 567 27.30 -19.66 -21.65
C LEU F 567 27.85 -20.09 -23.01
N PHE F 568 28.14 -19.12 -23.88
CA PHE F 568 28.59 -19.45 -25.23
C PHE F 568 29.89 -20.23 -25.21
N HIS F 569 30.89 -19.74 -24.48
CA HIS F 569 32.15 -20.47 -24.50
C HIS F 569 32.20 -21.60 -23.48
N LEU F 570 31.27 -21.68 -22.53
CA LEU F 570 31.03 -22.95 -21.84
C LEU F 570 30.60 -24.02 -22.84
N LEU F 571 29.65 -23.67 -23.70
CA LEU F 571 29.21 -24.56 -24.77
C LEU F 571 30.38 -24.98 -25.65
N ILE F 572 31.19 -23.99 -26.07
CA ILE F 572 32.31 -24.27 -26.96
C ILE F 572 33.31 -25.21 -26.29
N ARG F 573 33.69 -24.91 -25.04
CA ARG F 573 34.67 -25.73 -24.33
C ARG F 573 34.15 -27.13 -24.09
N LEU F 574 32.87 -27.26 -23.73
CA LEU F 574 32.30 -28.59 -23.52
C LEU F 574 32.30 -29.41 -24.79
N MET F 575 32.00 -28.77 -25.94
CA MET F 575 32.01 -29.54 -27.18
C MET F 575 33.43 -29.89 -27.61
N ILE F 576 34.40 -29.00 -27.38
CA ILE F 576 35.78 -29.31 -27.76
C ILE F 576 36.35 -30.42 -26.88
N ALA F 577 36.10 -30.37 -25.58
CA ALA F 577 36.66 -31.36 -24.67
C ALA F 577 36.13 -32.77 -24.97
N GLU F 578 34.84 -32.88 -25.26
CA GLU F 578 34.24 -34.18 -25.55
C GLU F 578 34.54 -34.60 -26.99
N MET F 585 42.43 -24.28 -32.95
CA MET F 585 41.79 -23.01 -33.28
C MET F 585 41.45 -22.22 -32.01
N ASP F 586 41.17 -20.93 -32.19
CA ASP F 586 40.82 -20.04 -31.10
C ASP F 586 39.40 -19.54 -31.31
N PHE F 587 38.58 -19.62 -30.26
CA PHE F 587 37.17 -19.25 -30.35
C PHE F 587 36.81 -18.03 -29.51
N SER F 588 37.77 -17.43 -28.81
CA SER F 588 37.44 -16.33 -27.90
C SER F 588 36.89 -15.12 -28.65
N GLY F 589 37.51 -14.76 -29.78
CA GLY F 589 37.07 -13.60 -30.51
C GLY F 589 35.66 -13.77 -31.07
N LEU F 590 35.38 -14.95 -31.65
CA LEU F 590 34.06 -15.20 -32.19
C LEU F 590 33.00 -15.17 -31.10
N VAL F 591 33.30 -15.76 -29.94
CA VAL F 591 32.34 -15.76 -28.84
C VAL F 591 32.07 -14.33 -28.36
N SER F 592 33.13 -13.54 -28.20
CA SER F 592 32.96 -12.17 -27.73
C SER F 592 32.12 -11.36 -28.71
N MET F 593 32.44 -11.45 -30.01
CA MET F 593 31.71 -10.69 -31.01
C MET F 593 30.26 -11.14 -31.08
N THR F 594 30.01 -12.45 -31.02
CA THR F 594 28.64 -12.95 -31.07
C THR F 594 27.83 -12.48 -29.86
N GLY F 595 28.42 -12.55 -28.66
CA GLY F 595 27.71 -12.08 -27.48
C GLY F 595 27.37 -10.61 -27.55
N ARG F 596 28.35 -9.78 -27.93
CA ARG F 596 28.08 -8.35 -28.04
C ARG F 596 27.03 -8.06 -29.10
N TYR F 597 27.13 -8.70 -30.26
CA TYR F 597 26.16 -8.47 -31.32
C TYR F 597 24.76 -8.84 -30.85
N PHE F 598 24.62 -10.00 -30.22
CA PHE F 598 23.33 -10.44 -29.71
C PHE F 598 22.76 -9.44 -28.71
N GLN F 599 23.59 -8.99 -27.75
CA GLN F 599 23.08 -8.13 -26.69
C GLN F 599 22.64 -6.77 -27.23
N ILE F 600 23.50 -6.09 -28.00
CA ILE F 600 23.10 -4.75 -28.46
C ILE F 600 22.01 -4.85 -29.53
N ARG F 601 21.97 -5.92 -30.32
CA ARG F 601 20.84 -6.10 -31.24
C ARG F 601 19.53 -6.25 -30.48
N ASP F 602 19.54 -6.99 -29.37
CA ASP F 602 18.36 -7.08 -28.53
C ASP F 602 17.99 -5.73 -27.95
N ASP F 603 19.00 -4.92 -27.60
CA ASP F 603 18.73 -3.57 -27.08
C ASP F 603 17.99 -2.73 -28.12
N LEU F 604 18.46 -2.75 -29.37
CA LEU F 604 17.75 -2.03 -30.43
C LEU F 604 16.35 -2.59 -30.63
N SER F 605 16.20 -3.91 -30.61
CA SER F 605 14.88 -4.49 -30.80
C SER F 605 13.91 -4.05 -29.72
N ASN F 606 14.41 -3.91 -28.48
CA ASN F 606 13.55 -3.45 -27.40
C ASN F 606 13.22 -1.96 -27.52
N LEU F 607 14.22 -1.12 -27.86
CA LEU F 607 14.00 0.32 -27.81
C LEU F 607 13.36 0.86 -29.10
N THR F 608 14.03 0.64 -30.24
CA THR F 608 13.60 1.26 -31.48
C THR F 608 12.19 0.82 -31.88
N SER F 609 11.90 -0.48 -31.76
CA SER F 609 10.59 -1.00 -32.12
C SER F 609 9.52 -0.50 -31.16
N LEU F 622 13.63 -0.34 -20.34
CA LEU F 622 13.34 1.03 -19.92
C LEU F 622 12.48 1.04 -18.65
N ASP F 623 11.53 0.11 -18.58
CA ASP F 623 10.69 -0.01 -17.39
C ASP F 623 11.36 -0.80 -16.28
N GLU F 624 12.50 -1.45 -16.55
CA GLU F 624 13.25 -2.18 -15.54
C GLU F 624 14.47 -1.41 -15.05
N GLY F 625 14.86 -0.34 -15.74
CA GLY F 625 15.98 0.47 -15.31
C GLY F 625 17.34 -0.04 -15.71
N LYS F 626 17.41 -1.09 -16.53
CA LYS F 626 18.70 -1.62 -16.95
C LYS F 626 19.43 -0.62 -17.84
N TYR F 627 20.73 -0.50 -17.62
CA TYR F 627 21.55 0.44 -18.39
C TYR F 627 21.97 -0.22 -19.71
N SER F 628 21.34 0.19 -20.80
CA SER F 628 21.69 -0.30 -22.12
C SER F 628 22.78 0.59 -22.70
N LEU F 629 23.10 0.38 -23.98
CA LEU F 629 24.12 1.19 -24.64
C LEU F 629 23.55 2.56 -25.05
N PRO F 630 22.35 2.63 -25.65
CA PRO F 630 21.79 3.95 -25.95
C PRO F 630 21.62 4.83 -24.71
N LEU F 631 21.21 4.26 -23.58
CA LEU F 631 21.06 5.04 -22.35
C LEU F 631 22.41 5.57 -21.87
N ILE F 632 23.45 4.73 -21.93
CA ILE F 632 24.78 5.16 -21.52
C ILE F 632 25.27 6.28 -22.41
N HIS F 633 25.08 6.16 -23.73
CA HIS F 633 25.51 7.21 -24.63
C HIS F 633 24.73 8.51 -24.41
N ALA F 634 23.42 8.40 -24.18
CA ALA F 634 22.61 9.59 -23.96
C ALA F 634 23.00 10.31 -22.67
N LEU F 635 23.28 9.56 -21.61
CA LEU F 635 23.61 10.17 -20.33
C LEU F 635 24.89 10.98 -20.37
N LYS F 636 25.73 10.80 -21.38
CA LYS F 636 26.98 11.54 -21.49
C LYS F 636 27.01 12.52 -22.67
N HIS F 637 25.98 12.54 -23.51
CA HIS F 637 25.95 13.39 -24.70
C HIS F 637 24.59 14.04 -24.86
N THR F 638 24.03 14.56 -23.78
CA THR F 638 22.74 15.23 -23.82
C THR F 638 22.79 16.52 -23.02
N LYS F 639 21.88 17.44 -23.36
CA LYS F 639 21.76 18.69 -22.63
C LYS F 639 20.79 18.59 -21.46
N ASN F 640 19.78 17.72 -21.57
CA ASN F 640 18.81 17.51 -20.49
C ASN F 640 19.24 16.36 -19.59
N LYS F 641 20.46 16.47 -19.07
CA LYS F 641 21.00 15.42 -18.20
C LYS F 641 20.23 15.33 -16.90
N VAL F 642 19.87 16.49 -16.32
CA VAL F 642 19.13 16.49 -15.06
C VAL F 642 17.77 15.85 -15.24
N GLN F 643 17.10 16.14 -16.36
CA GLN F 643 15.78 15.56 -16.61
C GLN F 643 15.85 14.04 -16.75
N LEU F 644 16.85 13.54 -17.47
CA LEU F 644 16.99 12.09 -17.63
C LEU F 644 17.32 11.42 -16.31
N GLU F 645 18.23 12.02 -15.53
CA GLU F 645 18.55 11.47 -14.21
C GLU F 645 17.34 11.44 -13.32
N SER F 646 16.54 12.52 -13.32
CA SER F 646 15.33 12.56 -12.51
C SER F 646 14.32 11.53 -12.98
N LEU F 647 14.22 11.31 -14.29
CA LEU F 647 13.33 10.27 -14.79
C LEU F 647 13.73 8.90 -14.29
N LEU F 648 15.04 8.60 -14.30
CA LEU F 648 15.51 7.32 -13.78
C LEU F 648 15.26 7.19 -12.28
N ILE F 649 15.49 8.27 -11.53
CA ILE F 649 15.27 8.24 -10.09
C ILE F 649 13.80 7.99 -9.77
N GLN F 650 12.91 8.68 -10.49
CA GLN F 650 11.48 8.49 -10.24
C GLN F 650 11.00 7.12 -10.70
N ARG F 651 11.59 6.58 -11.77
CA ARG F 651 11.28 5.20 -12.15
C ARG F 651 11.67 4.22 -11.04
N LYS F 652 12.84 4.42 -10.44
CA LYS F 652 13.23 3.58 -9.32
C LYS F 652 12.30 3.74 -8.14
N THR F 653 11.90 4.98 -7.84
CA THR F 653 11.06 5.24 -6.67
C THR F 653 9.67 4.63 -6.83
N GLN F 654 9.04 4.87 -7.98
CA GLN F 654 7.67 4.39 -8.20
C GLN F 654 7.60 2.93 -8.57
N GLY F 655 8.73 2.27 -8.83
CA GLY F 655 8.74 0.88 -9.21
C GLY F 655 8.57 0.61 -10.69
N GLY F 656 8.33 1.64 -11.48
CA GLY F 656 8.16 1.46 -12.92
C GLY F 656 8.00 2.80 -13.59
N MET F 657 7.89 2.75 -14.91
CA MET F 657 7.73 3.94 -15.73
C MET F 657 6.40 3.90 -16.46
N THR F 658 5.84 5.08 -16.72
CA THR F 658 4.59 5.23 -17.44
C THR F 658 4.87 5.46 -18.92
N LEU F 659 3.78 5.46 -19.71
CA LEU F 659 3.92 5.61 -21.15
C LEU F 659 4.47 6.98 -21.52
N GLU F 660 4.00 8.04 -20.84
CA GLU F 660 4.49 9.38 -21.13
C GLU F 660 5.96 9.51 -20.75
N MET F 661 6.36 8.94 -19.61
CA MET F 661 7.77 8.96 -19.23
C MET F 661 8.63 8.20 -20.23
N LYS F 662 8.13 7.07 -20.73
CA LYS F 662 8.87 6.31 -21.73
C LYS F 662 9.01 7.12 -23.02
N ARG F 663 7.94 7.79 -23.45
CA ARG F 663 8.04 8.64 -24.64
C ARG F 663 9.03 9.77 -24.45
N LEU F 664 9.02 10.39 -23.27
CA LEU F 664 9.95 11.49 -23.00
C LEU F 664 11.40 10.99 -23.01
N ALA F 665 11.65 9.83 -22.40
CA ALA F 665 13.01 9.27 -22.40
C ALA F 665 13.46 8.91 -23.80
N ILE F 666 12.56 8.31 -24.60
CA ILE F 666 12.92 7.95 -25.97
C ILE F 666 13.21 9.20 -26.79
N GLN F 667 12.43 10.26 -26.59
CA GLN F 667 12.70 11.50 -27.33
C GLN F 667 14.00 12.15 -26.90
N ILE F 668 14.33 12.08 -25.61
CA ILE F 668 15.61 12.59 -25.14
C ILE F 668 16.76 11.81 -25.76
N MET F 669 16.62 10.48 -25.84
CA MET F 669 17.63 9.66 -26.49
C MET F 669 17.76 10.02 -27.97
N LYS F 670 16.63 10.21 -28.65
CA LYS F 670 16.66 10.53 -30.07
C LYS F 670 17.35 11.87 -30.33
N GLU F 671 17.05 12.88 -29.52
CA GLU F 671 17.67 14.19 -29.72
C GLU F 671 19.17 14.17 -29.47
N ALA F 672 19.68 13.18 -28.74
CA ALA F 672 21.12 13.06 -28.50
C ALA F 672 21.82 12.26 -29.57
N GLY F 673 21.09 11.64 -30.50
CA GLY F 673 21.71 10.83 -31.53
C GLY F 673 22.20 9.49 -31.07
N SER F 674 21.74 9.01 -29.90
CA SER F 674 22.19 7.73 -29.39
C SER F 674 21.69 6.58 -30.25
N LEU F 675 20.45 6.66 -30.73
CA LEU F 675 19.85 5.57 -31.48
C LEU F 675 20.51 5.34 -32.83
N GLU F 676 21.28 6.31 -33.33
CA GLU F 676 22.06 6.11 -34.54
C GLU F 676 23.47 5.61 -34.25
N HIS F 677 24.05 6.08 -33.14
CA HIS F 677 25.36 5.59 -32.73
C HIS F 677 25.30 4.09 -32.42
N THR F 678 24.25 3.66 -31.71
CA THR F 678 24.13 2.23 -31.41
C THR F 678 23.85 1.41 -32.67
N ARG F 679 23.13 1.97 -33.63
CA ARG F 679 22.92 1.26 -34.90
C ARG F 679 24.23 1.10 -35.65
N LYS F 680 25.07 2.14 -35.67
CA LYS F 680 26.39 2.02 -36.27
C LYS F 680 27.23 0.97 -35.54
N VAL F 681 27.14 0.94 -34.21
CA VAL F 681 27.86 -0.06 -33.44
C VAL F 681 27.39 -1.46 -33.81
N VAL F 682 26.08 -1.65 -33.97
CA VAL F 682 25.54 -2.96 -34.34
C VAL F 682 26.03 -3.37 -35.72
N LEU F 683 26.05 -2.43 -36.67
CA LEU F 683 26.56 -2.75 -38.00
C LEU F 683 28.03 -3.18 -37.95
N GLU F 684 28.84 -2.44 -37.18
CA GLU F 684 30.25 -2.81 -37.05
C GLU F 684 30.40 -4.19 -36.42
N LEU F 685 29.61 -4.48 -35.39
CA LEU F 685 29.68 -5.79 -34.73
C LEU F 685 29.25 -6.90 -35.67
N GLN F 686 28.22 -6.67 -36.49
CA GLN F 686 27.78 -7.67 -37.45
C GLN F 686 28.88 -7.97 -38.47
N ASP F 687 29.52 -6.91 -38.97
CA ASP F 687 30.64 -7.11 -39.89
C ASP F 687 31.77 -7.88 -39.22
N ALA F 688 32.06 -7.55 -37.96
CA ALA F 688 33.12 -8.25 -37.23
C ALA F 688 32.79 -9.72 -37.04
N VAL F 689 31.54 -10.04 -36.72
CA VAL F 689 31.15 -11.44 -36.56
C VAL F 689 31.28 -12.19 -37.87
N HIS F 690 30.82 -11.57 -38.96
CA HIS F 690 30.89 -12.24 -40.26
C HIS F 690 32.34 -12.47 -40.70
N ARG F 691 33.22 -11.51 -40.39
CA ARG F 691 34.63 -11.70 -40.75
C ARG F 691 35.34 -12.66 -39.80
N GLU F 692 34.87 -12.78 -38.56
CA GLU F 692 35.46 -13.73 -37.63
C GLU F 692 35.07 -15.16 -37.97
N LEU F 693 33.85 -15.37 -38.45
CA LEU F 693 33.44 -16.71 -38.86
C LEU F 693 34.26 -17.24 -40.02
N ALA F 694 34.64 -16.36 -40.96
CA ALA F 694 35.40 -16.79 -42.13
C ALA F 694 36.77 -17.32 -41.73
N LYS F 695 37.42 -16.67 -40.76
CA LYS F 695 38.75 -17.13 -40.33
C LYS F 695 38.68 -18.53 -39.74
N LEU F 696 37.59 -18.87 -39.07
CA LEU F 696 37.43 -20.24 -38.58
C LEU F 696 37.08 -21.19 -39.71
N GLU F 697 36.30 -20.73 -40.68
CA GLU F 697 35.92 -21.61 -41.79
C GLU F 697 37.10 -21.99 -42.65
N GLU F 698 38.13 -21.13 -42.73
CA GLU F 698 39.28 -21.43 -43.57
C GLU F 698 40.30 -22.35 -42.89
N ALA F 699 40.19 -22.55 -41.57
CA ALA F 699 41.12 -23.42 -40.87
C ALA F 699 40.64 -24.86 -40.79
N PHE F 700 39.33 -25.08 -40.71
CA PHE F 700 38.77 -26.42 -40.69
C PHE F 700 38.57 -27.00 -42.08
N GLY F 701 38.77 -26.20 -43.13
CA GLY F 701 38.56 -26.69 -44.48
C GLY F 701 37.13 -27.06 -44.80
N GLN F 702 36.16 -26.36 -44.20
CA GLN F 702 34.76 -26.64 -44.44
C GLN F 702 33.94 -25.39 -44.15
N GLU F 703 32.75 -25.35 -44.72
CA GLU F 703 31.84 -24.21 -44.55
C GLU F 703 30.59 -24.68 -43.81
N ASN F 704 30.19 -23.91 -42.80
CA ASN F 704 28.99 -24.22 -42.02
C ASN F 704 27.81 -23.52 -42.67
N TYR F 705 26.88 -24.30 -43.23
CA TYR F 705 25.72 -23.75 -43.91
C TYR F 705 24.52 -23.57 -43.00
N VAL F 706 24.66 -23.85 -41.71
CA VAL F 706 23.59 -23.65 -40.75
C VAL F 706 23.90 -22.51 -39.76
N ILE F 707 25.16 -22.36 -39.34
CA ILE F 707 25.53 -21.19 -38.54
C ILE F 707 25.34 -19.92 -39.36
N GLN F 708 25.72 -19.96 -40.64
CA GLN F 708 25.49 -18.82 -41.52
C GLN F 708 23.99 -18.54 -41.66
N LEU F 709 23.18 -19.59 -41.78
CA LEU F 709 21.74 -19.41 -41.85
C LEU F 709 21.20 -18.80 -40.56
N ALA F 710 21.71 -19.25 -39.41
CA ALA F 710 21.28 -18.68 -38.13
C ALA F 710 21.64 -17.20 -38.04
N LEU F 711 22.84 -16.84 -38.49
CA LEU F 711 23.23 -15.43 -38.48
C LEU F 711 22.36 -14.62 -39.44
N GLU F 712 22.03 -15.18 -40.60
CA GLU F 712 21.17 -14.48 -41.56
C GLU F 712 19.76 -14.31 -41.01
N ARG F 713 19.32 -15.23 -40.15
CA ARG F 713 18.02 -15.08 -39.50
C ARG F 713 18.00 -13.90 -38.54
N LEU F 714 19.17 -13.41 -38.11
CA LEU F 714 19.26 -12.25 -37.23
C LEU F 714 19.94 -11.07 -37.92
N ARG F 715 19.74 -10.93 -39.23
CA ARG F 715 20.38 -9.85 -39.97
C ARG F 715 19.80 -8.51 -39.55
N ILE F 716 20.69 -7.58 -39.21
CA ILE F 716 20.35 -6.24 -38.68
C ILE F 716 19.08 -6.22 -37.83
#